data_3MUF
# 
_entry.id   3MUF 
# 
_audit_conform.dict_name       mmcif_pdbx.dic 
_audit_conform.dict_version    5.380 
_audit_conform.dict_location   http://mmcif.pdb.org/dictionaries/ascii/mmcif_pdbx.dic 
# 
loop_
_database_2.database_id 
_database_2.database_code 
_database_2.pdbx_database_accession 
_database_2.pdbx_DOI 
PDB   3MUF         pdb_00003muf 10.2210/pdb3muf/pdb 
RCSB  RCSB059006   ?            ?                   
WWPDB D_1000059006 ?            ?                   
# 
loop_
_pdbx_database_related.db_name 
_pdbx_database_related.db_id 
_pdbx_database_related.details 
_pdbx_database_related.content_type 
PDB 1ZUH 'The same protein'                          unspecified 
PDB 1ZUI 'The same protein complexed with shikimate' unspecified 
PDB 3HR7 'dimeric type'                              unspecified 
PDB 3MRS 'Site-directed mutagenesis of R57 residue'  unspecified 
# 
_pdbx_database_status.status_code                     REL 
_pdbx_database_status.entry_id                        3MUF 
_pdbx_database_status.recvd_initial_deposition_date   2010-05-03 
_pdbx_database_status.deposit_site                    RCSB 
_pdbx_database_status.process_site                    PDBJ 
_pdbx_database_status.status_code_sf                  REL 
_pdbx_database_status.status_code_mr                  ? 
_pdbx_database_status.SG_entry                        ? 
_pdbx_database_status.status_code_cs                  ? 
_pdbx_database_status.methods_development_category    ? 
_pdbx_database_status.pdb_format_compatible           Y 
_pdbx_database_status.status_code_nmr_data            ? 
# 
loop_
_audit_author.name 
_audit_author.pdbx_ordinal 
'Cheng, W.C.' 1 
'Chen, T.J.'  2 
'Lin, S.C.'   3 
'Wang, W.C.'  4 
# 
_citation.id                        primary 
_citation.title                     
'Structures of Helicobacter pylori shikimate kinase reveal a selective inhibitor-induced-fit mechanism' 
_citation.journal_abbrev            'Plos One' 
_citation.journal_volume            7 
_citation.page_first                e33481 
_citation.page_last                 e33481 
_citation.year                      2012 
_citation.journal_id_ASTM           ? 
_citation.country                   US 
_citation.journal_id_ISSN           1932-6203 
_citation.journal_id_CSD            ? 
_citation.book_publisher            ? 
_citation.pdbx_database_id_PubMed   22438938 
_citation.pdbx_database_id_DOI      10.1371/journal.pone.0033481 
# 
loop_
_citation_author.citation_id 
_citation_author.name 
_citation_author.ordinal 
_citation_author.identifier_ORCID 
primary 'Cheng, W.C.' 1 ? 
primary 'Chen, Y.F.'  2 ? 
primary 'Wang, H.J.'  3 ? 
primary 'Hsu, K.C.'   4 ? 
primary 'Lin, S.C.'   5 ? 
primary 'Chen, T.J.'  6 ? 
primary 'Yang, J.M.'  7 ? 
primary 'Wang, W.C.'  8 ? 
# 
_cell.entry_id           3MUF 
_cell.length_a           98.816 
_cell.length_b           98.816 
_cell.length_c           42.129 
_cell.angle_alpha        90.00 
_cell.angle_beta         90.00 
_cell.angle_gamma        120.00 
_cell.Z_PDB              6 
_cell.pdbx_unique_axis   ? 
_cell.length_a_esd       ? 
_cell.length_b_esd       ? 
_cell.length_c_esd       ? 
_cell.angle_alpha_esd    ? 
_cell.angle_beta_esd     ? 
_cell.angle_gamma_esd    ? 
# 
_symmetry.entry_id                         3MUF 
_symmetry.space_group_name_H-M             'P 61' 
_symmetry.pdbx_full_space_group_name_H-M   ? 
_symmetry.cell_setting                     ? 
_symmetry.Int_Tables_number                169 
_symmetry.space_group_name_Hall            ? 
# 
loop_
_entity.id 
_entity.type 
_entity.src_method 
_entity.pdbx_description 
_entity.formula_weight 
_entity.pdbx_number_of_molecules 
_entity.pdbx_ec 
_entity.pdbx_mutation 
_entity.pdbx_fragment 
_entity.details 
1 polymer     man 'Shikimate kinase'         19265.336 1  2.7.1.71 ? ? ? 
2 non-polymer syn "ADENOSINE-5'-DIPHOSPHATE" 427.201   1  ?        ? ? ? 
3 non-polymer syn SHIKIMATE-3-PHOSPHATE      254.131   1  ?        ? ? ? 
4 water       nat water                      18.015    59 ?        ? ? ? 
# 
_entity_name_com.entity_id   1 
_entity_name_com.name        SK 
# 
_entity_poly.entity_id                      1 
_entity_poly.type                           'polypeptide(L)' 
_entity_poly.nstd_linkage                   no 
_entity_poly.nstd_monomer                   no 
_entity_poly.pdbx_seq_one_letter_code       
;HHHHHHMQHLVLIGFMGSGKSSLAQELGLALKLEVLDTDMIISERVGLSVREIFEELGEDNFRMFEKNLIDELKTLKTPH
VISTGGGIVMHENLKGLGTTFYLKMDFETLIKRLNQKEREKRPLLNNLTQAKELFEKRQALYEKNASFIIDARGGLNNSL
KQVLQFIA
;
_entity_poly.pdbx_seq_one_letter_code_can   
;HHHHHHMQHLVLIGFMGSGKSSLAQELGLALKLEVLDTDMIISERVGLSVREIFEELGEDNFRMFEKNLIDELKTLKTPH
VISTGGGIVMHENLKGLGTTFYLKMDFETLIKRLNQKEREKRPLLNNLTQAKELFEKRQALYEKNASFIIDARGGLNNSL
KQVLQFIA
;
_entity_poly.pdbx_strand_id                 A 
_entity_poly.pdbx_target_identifier         ? 
# 
loop_
_entity_poly_seq.entity_id 
_entity_poly_seq.num 
_entity_poly_seq.mon_id 
_entity_poly_seq.hetero 
1 1   HIS n 
1 2   HIS n 
1 3   HIS n 
1 4   HIS n 
1 5   HIS n 
1 6   HIS n 
1 7   MET n 
1 8   GLN n 
1 9   HIS n 
1 10  LEU n 
1 11  VAL n 
1 12  LEU n 
1 13  ILE n 
1 14  GLY n 
1 15  PHE n 
1 16  MET n 
1 17  GLY n 
1 18  SER n 
1 19  GLY n 
1 20  LYS n 
1 21  SER n 
1 22  SER n 
1 23  LEU n 
1 24  ALA n 
1 25  GLN n 
1 26  GLU n 
1 27  LEU n 
1 28  GLY n 
1 29  LEU n 
1 30  ALA n 
1 31  LEU n 
1 32  LYS n 
1 33  LEU n 
1 34  GLU n 
1 35  VAL n 
1 36  LEU n 
1 37  ASP n 
1 38  THR n 
1 39  ASP n 
1 40  MET n 
1 41  ILE n 
1 42  ILE n 
1 43  SER n 
1 44  GLU n 
1 45  ARG n 
1 46  VAL n 
1 47  GLY n 
1 48  LEU n 
1 49  SER n 
1 50  VAL n 
1 51  ARG n 
1 52  GLU n 
1 53  ILE n 
1 54  PHE n 
1 55  GLU n 
1 56  GLU n 
1 57  LEU n 
1 58  GLY n 
1 59  GLU n 
1 60  ASP n 
1 61  ASN n 
1 62  PHE n 
1 63  ARG n 
1 64  MET n 
1 65  PHE n 
1 66  GLU n 
1 67  LYS n 
1 68  ASN n 
1 69  LEU n 
1 70  ILE n 
1 71  ASP n 
1 72  GLU n 
1 73  LEU n 
1 74  LYS n 
1 75  THR n 
1 76  LEU n 
1 77  LYS n 
1 78  THR n 
1 79  PRO n 
1 80  HIS n 
1 81  VAL n 
1 82  ILE n 
1 83  SER n 
1 84  THR n 
1 85  GLY n 
1 86  GLY n 
1 87  GLY n 
1 88  ILE n 
1 89  VAL n 
1 90  MET n 
1 91  HIS n 
1 92  GLU n 
1 93  ASN n 
1 94  LEU n 
1 95  LYS n 
1 96  GLY n 
1 97  LEU n 
1 98  GLY n 
1 99  THR n 
1 100 THR n 
1 101 PHE n 
1 102 TYR n 
1 103 LEU n 
1 104 LYS n 
1 105 MET n 
1 106 ASP n 
1 107 PHE n 
1 108 GLU n 
1 109 THR n 
1 110 LEU n 
1 111 ILE n 
1 112 LYS n 
1 113 ARG n 
1 114 LEU n 
1 115 ASN n 
1 116 GLN n 
1 117 LYS n 
1 118 GLU n 
1 119 ARG n 
1 120 GLU n 
1 121 LYS n 
1 122 ARG n 
1 123 PRO n 
1 124 LEU n 
1 125 LEU n 
1 126 ASN n 
1 127 ASN n 
1 128 LEU n 
1 129 THR n 
1 130 GLN n 
1 131 ALA n 
1 132 LYS n 
1 133 GLU n 
1 134 LEU n 
1 135 PHE n 
1 136 GLU n 
1 137 LYS n 
1 138 ARG n 
1 139 GLN n 
1 140 ALA n 
1 141 LEU n 
1 142 TYR n 
1 143 GLU n 
1 144 LYS n 
1 145 ASN n 
1 146 ALA n 
1 147 SER n 
1 148 PHE n 
1 149 ILE n 
1 150 ILE n 
1 151 ASP n 
1 152 ALA n 
1 153 ARG n 
1 154 GLY n 
1 155 GLY n 
1 156 LEU n 
1 157 ASN n 
1 158 ASN n 
1 159 SER n 
1 160 LEU n 
1 161 LYS n 
1 162 GLN n 
1 163 VAL n 
1 164 LEU n 
1 165 GLN n 
1 166 PHE n 
1 167 ILE n 
1 168 ALA n 
# 
_entity_src_gen.entity_id                          1 
_entity_src_gen.pdbx_src_id                        1 
_entity_src_gen.pdbx_alt_source_flag               sample 
_entity_src_gen.pdbx_seq_type                      ? 
_entity_src_gen.pdbx_beg_seq_num                   ? 
_entity_src_gen.pdbx_end_seq_num                   ? 
_entity_src_gen.gene_src_common_name               ? 
_entity_src_gen.gene_src_genus                     ? 
_entity_src_gen.pdbx_gene_src_gene                 AROK 
_entity_src_gen.gene_src_species                   ? 
_entity_src_gen.gene_src_strain                    26695 
_entity_src_gen.gene_src_tissue                    ? 
_entity_src_gen.gene_src_tissue_fraction           ? 
_entity_src_gen.gene_src_details                   ? 
_entity_src_gen.pdbx_gene_src_fragment             ? 
_entity_src_gen.pdbx_gene_src_scientific_name      'Helicobacter pylori' 
_entity_src_gen.pdbx_gene_src_ncbi_taxonomy_id     210 
_entity_src_gen.pdbx_gene_src_variant              ? 
_entity_src_gen.pdbx_gene_src_cell_line            ? 
_entity_src_gen.pdbx_gene_src_atcc                 ? 
_entity_src_gen.pdbx_gene_src_organ                ? 
_entity_src_gen.pdbx_gene_src_organelle            ? 
_entity_src_gen.pdbx_gene_src_cell                 ? 
_entity_src_gen.pdbx_gene_src_cellular_location    ? 
_entity_src_gen.host_org_common_name               ? 
_entity_src_gen.pdbx_host_org_scientific_name      'Escherichia coli' 
_entity_src_gen.pdbx_host_org_ncbi_taxonomy_id     85962 
_entity_src_gen.host_org_genus                     ? 
_entity_src_gen.pdbx_host_org_gene                 ? 
_entity_src_gen.pdbx_host_org_organ                ? 
_entity_src_gen.host_org_species                   ? 
_entity_src_gen.pdbx_host_org_tissue               ? 
_entity_src_gen.pdbx_host_org_tissue_fraction      ? 
_entity_src_gen.pdbx_host_org_strain               JM109 
_entity_src_gen.pdbx_host_org_variant              ? 
_entity_src_gen.pdbx_host_org_cell_line            ? 
_entity_src_gen.pdbx_host_org_atcc                 ? 
_entity_src_gen.pdbx_host_org_culture_collection   ? 
_entity_src_gen.pdbx_host_org_cell                 ? 
_entity_src_gen.pdbx_host_org_organelle            ? 
_entity_src_gen.pdbx_host_org_cellular_location    ? 
_entity_src_gen.pdbx_host_org_vector_type          PLASMID 
_entity_src_gen.pdbx_host_org_vector               ? 
_entity_src_gen.host_org_details                   ? 
_entity_src_gen.expression_system_id               ? 
_entity_src_gen.plasmid_name                       PQE30 
_entity_src_gen.plasmid_details                    ? 
_entity_src_gen.pdbx_description                   ? 
# 
_struct_ref.id                         1 
_struct_ref.db_name                    UNP 
_struct_ref.db_code                    AROK_HELPY 
_struct_ref.pdbx_db_accession          P56073 
_struct_ref.entity_id                  1 
_struct_ref.pdbx_seq_one_letter_code   
;MQHLVLIGFMGSGKSSLAQELGLALKLEVLDTDMIISERVGLSVREIFEELGEDNFRMFEKNLIDELKTLKTPHVISTGG
GIVMHENLKGLGTTFYLKMDFETLIKRLNQKEREKRPLLNNLTQAKELFEKRQALYEKNASFIIDARGGLNNSLKQVLQF
IA
;
_struct_ref.pdbx_align_begin           1 
_struct_ref.pdbx_db_isoform            ? 
# 
_struct_ref_seq.align_id                      1 
_struct_ref_seq.ref_id                        1 
_struct_ref_seq.pdbx_PDB_id_code              3MUF 
_struct_ref_seq.pdbx_strand_id                A 
_struct_ref_seq.seq_align_beg                 7 
_struct_ref_seq.pdbx_seq_align_beg_ins_code   ? 
_struct_ref_seq.seq_align_end                 168 
_struct_ref_seq.pdbx_seq_align_end_ins_code   ? 
_struct_ref_seq.pdbx_db_accession             P56073 
_struct_ref_seq.db_align_beg                  1 
_struct_ref_seq.pdbx_db_align_beg_ins_code    ? 
_struct_ref_seq.db_align_end                  162 
_struct_ref_seq.pdbx_db_align_end_ins_code    ? 
_struct_ref_seq.pdbx_auth_seq_align_beg       1 
_struct_ref_seq.pdbx_auth_seq_align_end       162 
# 
loop_
_struct_ref_seq_dif.align_id 
_struct_ref_seq_dif.pdbx_pdb_id_code 
_struct_ref_seq_dif.mon_id 
_struct_ref_seq_dif.pdbx_pdb_strand_id 
_struct_ref_seq_dif.seq_num 
_struct_ref_seq_dif.pdbx_pdb_ins_code 
_struct_ref_seq_dif.pdbx_seq_db_name 
_struct_ref_seq_dif.pdbx_seq_db_accession_code 
_struct_ref_seq_dif.db_mon_id 
_struct_ref_seq_dif.pdbx_seq_db_seq_num 
_struct_ref_seq_dif.details 
_struct_ref_seq_dif.pdbx_auth_seq_num 
_struct_ref_seq_dif.pdbx_ordinal 
1 3MUF HIS A 1 ? UNP P56073 ? ? 'expression tag' -5 1 
1 3MUF HIS A 2 ? UNP P56073 ? ? 'expression tag' -4 2 
1 3MUF HIS A 3 ? UNP P56073 ? ? 'expression tag' -3 3 
1 3MUF HIS A 4 ? UNP P56073 ? ? 'expression tag' -2 4 
1 3MUF HIS A 5 ? UNP P56073 ? ? 'expression tag' -1 5 
1 3MUF HIS A 6 ? UNP P56073 ? ? 'expression tag' 0  6 
# 
loop_
_chem_comp.id 
_chem_comp.type 
_chem_comp.mon_nstd_flag 
_chem_comp.name 
_chem_comp.pdbx_synonyms 
_chem_comp.formula 
_chem_comp.formula_weight 
ADP non-polymer         n "ADENOSINE-5'-DIPHOSPHATE" ? 'C10 H15 N5 O10 P2' 427.201 
ALA 'L-peptide linking' y ALANINE                    ? 'C3 H7 N O2'        89.093  
ARG 'L-peptide linking' y ARGININE                   ? 'C6 H15 N4 O2 1'    175.209 
ASN 'L-peptide linking' y ASPARAGINE                 ? 'C4 H8 N2 O3'       132.118 
ASP 'L-peptide linking' y 'ASPARTIC ACID'            ? 'C4 H7 N O4'        133.103 
GLN 'L-peptide linking' y GLUTAMINE                  ? 'C5 H10 N2 O3'      146.144 
GLU 'L-peptide linking' y 'GLUTAMIC ACID'            ? 'C5 H9 N O4'        147.129 
GLY 'peptide linking'   y GLYCINE                    ? 'C2 H5 N O2'        75.067  
HIS 'L-peptide linking' y HISTIDINE                  ? 'C6 H10 N3 O2 1'    156.162 
HOH non-polymer         . WATER                      ? 'H2 O'              18.015  
ILE 'L-peptide linking' y ISOLEUCINE                 ? 'C6 H13 N O2'       131.173 
LEU 'L-peptide linking' y LEUCINE                    ? 'C6 H13 N O2'       131.173 
LYS 'L-peptide linking' y LYSINE                     ? 'C6 H15 N2 O2 1'    147.195 
MET 'L-peptide linking' y METHIONINE                 ? 'C5 H11 N O2 S'     149.211 
PHE 'L-peptide linking' y PHENYLALANINE              ? 'C9 H11 N O2'       165.189 
PRO 'L-peptide linking' y PROLINE                    ? 'C5 H9 N O2'        115.130 
S3P non-polymer         . SHIKIMATE-3-PHOSPHATE      ? 'C7 H11 O8 P'       254.131 
SER 'L-peptide linking' y SERINE                     ? 'C3 H7 N O3'        105.093 
THR 'L-peptide linking' y THREONINE                  ? 'C4 H9 N O3'        119.119 
TYR 'L-peptide linking' y TYROSINE                   ? 'C9 H11 N O3'       181.189 
VAL 'L-peptide linking' y VALINE                     ? 'C5 H11 N O2'       117.146 
# 
_exptl.entry_id          3MUF 
_exptl.method            'X-RAY DIFFRACTION' 
_exptl.crystals_number   1 
# 
_exptl_crystal.id                    1 
_exptl_crystal.density_meas          ? 
_exptl_crystal.density_Matthews      3.22 
_exptl_crystal.density_percent_sol   61.81 
_exptl_crystal.description           ? 
_exptl_crystal.F_000                 ? 
_exptl_crystal.preparation           ? 
# 
_exptl_crystal_grow.crystal_id      1 
_exptl_crystal_grow.method          'VAPOR DIFFUSION, HANGING DROP' 
_exptl_crystal_grow.temp            293 
_exptl_crystal_grow.temp_details    ? 
_exptl_crystal_grow.pH              7.5 
_exptl_crystal_grow.pdbx_details    
'18% PEG 8000, 0.1M sodium acetate, 0.1M HEPES, 2% isopropanol, pH 7.5, VAPOR DIFFUSION, HANGING DROP, temperature 293K' 
_exptl_crystal_grow.pdbx_pH_range   . 
# 
_diffrn.id                     1 
_diffrn.ambient_temp           193 
_diffrn.ambient_temp_details   ? 
_diffrn.crystal_id             1 
# 
_diffrn_detector.diffrn_id              1 
_diffrn_detector.detector               CCD 
_diffrn_detector.type                   'ADSC QUANTUM 315r' 
_diffrn_detector.pdbx_collection_date   2010-04-25 
_diffrn_detector.details                ? 
# 
_diffrn_radiation.diffrn_id                        1 
_diffrn_radiation.wavelength_id                    1 
_diffrn_radiation.pdbx_monochromatic_or_laue_m_l   M 
_diffrn_radiation.monochromator                    ? 
_diffrn_radiation.pdbx_diffrn_protocol             'SINGLE WAVELENGTH' 
_diffrn_radiation.pdbx_scattering_type             x-ray 
# 
_diffrn_radiation_wavelength.id           1 
_diffrn_radiation_wavelength.wavelength   0.97622 
_diffrn_radiation_wavelength.wt           1.0 
# 
_diffrn_source.diffrn_id                   1 
_diffrn_source.source                      SYNCHROTRON 
_diffrn_source.type                        'NSRRC BEAMLINE BL13C1' 
_diffrn_source.pdbx_synchrotron_site       NSRRC 
_diffrn_source.pdbx_synchrotron_beamline   BL13C1 
_diffrn_source.pdbx_wavelength             ? 
_diffrn_source.pdbx_wavelength_list        0.97622 
# 
_reflns.entry_id                     3MUF 
_reflns.observed_criterion_sigma_I   2.0 
_reflns.observed_criterion_sigma_F   2.0 
_reflns.d_resolution_low             30.0 
_reflns.d_resolution_high            2.30 
_reflns.number_obs                   10585 
_reflns.number_all                   ? 
_reflns.percent_possible_obs         99.9 
_reflns.pdbx_Rmerge_I_obs            0.068 
_reflns.pdbx_Rsym_value              0.068 
_reflns.pdbx_netI_over_sigmaI        29.28 
_reflns.B_iso_Wilson_estimate        36 
_reflns.pdbx_redundancy              11.7 
_reflns.R_free_details               ? 
_reflns.limit_h_max                  ? 
_reflns.limit_h_min                  ? 
_reflns.limit_k_max                  ? 
_reflns.limit_k_min                  ? 
_reflns.limit_l_max                  ? 
_reflns.limit_l_min                  ? 
_reflns.observed_criterion_F_max     ? 
_reflns.observed_criterion_F_min     ? 
_reflns.pdbx_chi_squared             ? 
_reflns.pdbx_scaling_rejects         ? 
_reflns.pdbx_ordinal                 1 
_reflns.pdbx_diffrn_id               1 
# 
_reflns_shell.d_res_high             2.30 
_reflns_shell.d_res_low              2.38 
_reflns_shell.percent_possible_all   99.5 
_reflns_shell.Rmerge_I_obs           0.488 
_reflns_shell.pdbx_Rsym_value        0.488 
_reflns_shell.meanI_over_sigI_obs    2.47 
_reflns_shell.pdbx_redundancy        10.7 
_reflns_shell.percent_possible_obs   ? 
_reflns_shell.number_unique_all      2011 
_reflns_shell.number_measured_all    ? 
_reflns_shell.number_measured_obs    ? 
_reflns_shell.number_unique_obs      ? 
_reflns_shell.pdbx_chi_squared       ? 
_reflns_shell.pdbx_ordinal           1 
_reflns_shell.pdbx_diffrn_id         1 
# 
_refine.entry_id                                 3MUF 
_refine.ls_number_reflns_obs                     10003 
_refine.ls_number_reflns_all                     10003 
_refine.pdbx_ls_sigma_I                          2.0 
_refine.pdbx_ls_sigma_F                          2.0 
_refine.pdbx_data_cutoff_high_absF               ? 
_refine.pdbx_data_cutoff_low_absF                ? 
_refine.pdbx_data_cutoff_high_rms_absF           ? 
_refine.ls_d_res_low                             30.00 
_refine.ls_d_res_high                            2.30 
_refine.ls_percent_reflns_obs                    99.62 
_refine.ls_R_factor_obs                          0.23350 
_refine.ls_R_factor_all                          0.23350 
_refine.ls_R_factor_R_work                       0.23126 
_refine.ls_R_factor_R_free                       0.27694 
_refine.ls_R_factor_R_free_error                 ? 
_refine.ls_R_factor_R_free_error_details         ? 
_refine.ls_percent_reflns_R_free                 5.1 
_refine.ls_number_reflns_R_free                  537 
_refine.ls_number_parameters                     ? 
_refine.ls_number_restraints                     ? 
_refine.occupancy_min                            ? 
_refine.occupancy_max                            ? 
_refine.correlation_coeff_Fo_to_Fc               0.947 
_refine.correlation_coeff_Fo_to_Fc_free          0.914 
_refine.B_iso_mean                               56.190 
_refine.aniso_B[1][1]                            -6.00 
_refine.aniso_B[2][2]                            -6.00 
_refine.aniso_B[3][3]                            9.00 
_refine.aniso_B[1][2]                            -3.00 
_refine.aniso_B[1][3]                            0.00 
_refine.aniso_B[2][3]                            0.00 
_refine.solvent_model_details                    MASK 
_refine.solvent_model_param_ksol                 ? 
_refine.solvent_model_param_bsol                 ? 
_refine.pdbx_solvent_vdw_probe_radii             1.40 
_refine.pdbx_solvent_ion_probe_radii             0.80 
_refine.pdbx_solvent_shrinkage_radii             0.80 
_refine.pdbx_ls_cross_valid_method               THROUGHOUT 
_refine.details                                  'HYDROGENS HAVE BEEN ADDED IN THE RIDING POSITIONS' 
_refine.pdbx_starting_model                      'PDB ENTRY 1ZUI' 
_refine.pdbx_method_to_determine_struct          'MOLECULAR REPLACEMENT' 
_refine.pdbx_isotropic_thermal_model             Isotropic 
_refine.pdbx_stereochemistry_target_values       'MAXIMUM LIKELIHOOD' 
_refine.pdbx_stereochem_target_val_spec_case     ? 
_refine.pdbx_R_Free_selection_details            RANDOM 
_refine.pdbx_overall_ESU_R_Free                  0.242 
_refine.overall_SU_ML                            ? 
_refine.overall_SU_B                             ? 
_refine.overall_SU_R_Cruickshank_DPI             ? 
_refine.ls_redundancy_reflns_obs                 ? 
_refine.B_iso_min                                ? 
_refine.B_iso_max                                ? 
_refine.overall_SU_R_free                        ? 
_refine.ls_wR_factor_R_free                      ? 
_refine.ls_wR_factor_R_work                      ? 
_refine.overall_FOM_free_R_set                   ? 
_refine.overall_FOM_work_R_set                   ? 
_refine.pdbx_refine_id                           'X-RAY DIFFRACTION' 
_refine.pdbx_overall_phase_error                 ? 
_refine.pdbx_overall_ESU_R                       ? 
_refine.pdbx_diffrn_id                           1 
_refine.pdbx_TLS_residual_ADP_flag               ? 
_refine.pdbx_overall_SU_R_free_Cruickshank_DPI   ? 
_refine.pdbx_overall_SU_R_Blow_DPI               ? 
_refine.pdbx_overall_SU_R_free_Blow_DPI          ? 
# 
_refine_hist.pdbx_refine_id                   'X-RAY DIFFRACTION' 
_refine_hist.cycle_id                         LAST 
_refine_hist.pdbx_number_atoms_protein        1279 
_refine_hist.pdbx_number_atoms_nucleic_acid   0 
_refine_hist.pdbx_number_atoms_ligand         43 
_refine_hist.number_atoms_solvent             59 
_refine_hist.number_atoms_total               1381 
_refine_hist.d_res_high                       2.30 
_refine_hist.d_res_low                        30.00 
# 
loop_
_refine_ls_restr.type 
_refine_ls_restr.dev_ideal 
_refine_ls_restr.dev_ideal_target 
_refine_ls_restr.weight 
_refine_ls_restr.number 
_refine_ls_restr.pdbx_refine_id 
_refine_ls_restr.pdbx_restraint_function 
r_bond_refined_d       0.018  0.022  ? 1339 'X-RAY DIFFRACTION' ? 
r_angle_refined_deg    1.780  2.031  ? 1800 'X-RAY DIFFRACTION' ? 
r_dihedral_angle_1_deg 7.372  5.000  ? 159  'X-RAY DIFFRACTION' ? 
r_dihedral_angle_2_deg 38.603 25.000 ? 60   'X-RAY DIFFRACTION' ? 
r_dihedral_angle_3_deg 21.488 15.000 ? 267  'X-RAY DIFFRACTION' ? 
r_dihedral_angle_4_deg 20.003 15.000 ? 8    'X-RAY DIFFRACTION' ? 
r_chiral_restr         0.117  0.200  ? 209  'X-RAY DIFFRACTION' ? 
r_gen_planes_refined   0.007  0.020  ? 951  'X-RAY DIFFRACTION' ? 
r_mcbond_it            0.923  1.500  ? 788  'X-RAY DIFFRACTION' ? 
r_mcangle_it           1.757  2.000  ? 1264 'X-RAY DIFFRACTION' ? 
r_scbond_it            2.649  3.000  ? 551  'X-RAY DIFFRACTION' ? 
r_scangle_it           4.299  4.500  ? 536  'X-RAY DIFFRACTION' ? 
# 
_refine_ls_shell.pdbx_total_number_of_bins_used   20 
_refine_ls_shell.d_res_high                       2.304 
_refine_ls_shell.d_res_low                        2.363 
_refine_ls_shell.number_reflns_R_work             727 
_refine_ls_shell.R_factor_R_work                  0.409 
_refine_ls_shell.percent_reflns_obs               99.09 
_refine_ls_shell.R_factor_R_free                  0.486 
_refine_ls_shell.R_factor_R_free_error            ? 
_refine_ls_shell.percent_reflns_R_free            ? 
_refine_ls_shell.number_reflns_R_free             38 
_refine_ls_shell.number_reflns_all                ? 
_refine_ls_shell.R_factor_all                     ? 
_refine_ls_shell.number_reflns_obs                ? 
_refine_ls_shell.redundancy_reflns_obs            ? 
_refine_ls_shell.pdbx_refine_id                   'X-RAY DIFFRACTION' 
# 
_struct.entry_id                  3MUF 
_struct.title                     'Shikimate kinase from Helicobacter pylori in complex with shikimate-3-phosphate and ADP' 
_struct.pdbx_model_details        ? 
_struct.pdbx_CASP_flag            ? 
_struct.pdbx_model_type_details   ? 
# 
_struct_keywords.entry_id        3MUF 
_struct_keywords.pdbx_keywords   TRANSFERASE 
_struct_keywords.text            'helix-sheet complex, Transferase' 
# 
loop_
_struct_asym.id 
_struct_asym.pdbx_blank_PDB_chainid_flag 
_struct_asym.pdbx_modified 
_struct_asym.entity_id 
_struct_asym.details 
A N N 1 ? 
B N N 2 ? 
C N N 3 ? 
D N N 4 ? 
# 
_struct_biol.id        1 
_struct_biol.details   ? 
# 
loop_
_struct_conf.conf_type_id 
_struct_conf.id 
_struct_conf.pdbx_PDB_helix_id 
_struct_conf.beg_label_comp_id 
_struct_conf.beg_label_asym_id 
_struct_conf.beg_label_seq_id 
_struct_conf.pdbx_beg_PDB_ins_code 
_struct_conf.end_label_comp_id 
_struct_conf.end_label_asym_id 
_struct_conf.end_label_seq_id 
_struct_conf.pdbx_end_PDB_ins_code 
_struct_conf.beg_auth_comp_id 
_struct_conf.beg_auth_asym_id 
_struct_conf.beg_auth_seq_id 
_struct_conf.end_auth_comp_id 
_struct_conf.end_auth_asym_id 
_struct_conf.end_auth_seq_id 
_struct_conf.pdbx_PDB_helix_class 
_struct_conf.details 
_struct_conf.pdbx_PDB_helix_length 
HELX_P HELX_P1  1  GLY A 19  ? LEU A 31  ? GLY A 13  LEU A 25  1 ? 13 
HELX_P HELX_P2  2  THR A 38  ? GLY A 47  ? THR A 32  GLY A 41  1 ? 10 
HELX_P HELX_P3  3  SER A 49  ? GLY A 58  ? SER A 43  GLY A 52  1 ? 10 
HELX_P HELX_P4  4  GLY A 58  ? LYS A 74  ? GLY A 52  LYS A 68  1 ? 17 
HELX_P HELX_P5  5  GLY A 87  ? LYS A 95  ? GLY A 81  LYS A 89  5 ? 9  
HELX_P HELX_P6  6  ASP A 106 ? ARG A 113 ? ASP A 100 ARG A 107 1 ? 8  
HELX_P HELX_P7  7  ASN A 115 ? LYS A 121 ? ASN A 109 LYS A 115 1 ? 7  
HELX_P HELX_P8  8  ARG A 122 ? ASN A 126 ? ARG A 116 ASN A 120 5 ? 5  
HELX_P HELX_P9  9  ASN A 127 ? ALA A 146 ? ASN A 121 ALA A 140 1 ? 20 
HELX_P HELX_P10 10 GLY A 155 ? PHE A 166 ? GLY A 149 PHE A 160 1 ? 12 
# 
_struct_conf_type.id          HELX_P 
_struct_conf_type.criteria    ? 
_struct_conf_type.reference   ? 
# 
_struct_sheet.id               A 
_struct_sheet.type             ? 
_struct_sheet.number_strands   5 
_struct_sheet.details          ? 
# 
loop_
_struct_sheet_order.sheet_id 
_struct_sheet_order.range_id_1 
_struct_sheet_order.range_id_2 
_struct_sheet_order.offset 
_struct_sheet_order.sense 
A 1 2 ? parallel 
A 2 3 ? parallel 
A 3 4 ? parallel 
A 4 5 ? parallel 
# 
loop_
_struct_sheet_range.sheet_id 
_struct_sheet_range.id 
_struct_sheet_range.beg_label_comp_id 
_struct_sheet_range.beg_label_asym_id 
_struct_sheet_range.beg_label_seq_id 
_struct_sheet_range.pdbx_beg_PDB_ins_code 
_struct_sheet_range.end_label_comp_id 
_struct_sheet_range.end_label_asym_id 
_struct_sheet_range.end_label_seq_id 
_struct_sheet_range.pdbx_end_PDB_ins_code 
_struct_sheet_range.beg_auth_comp_id 
_struct_sheet_range.beg_auth_asym_id 
_struct_sheet_range.beg_auth_seq_id 
_struct_sheet_range.end_auth_comp_id 
_struct_sheet_range.end_auth_asym_id 
_struct_sheet_range.end_auth_seq_id 
A 1 VAL A 35  ? ASP A 37  ? VAL A 29  ASP A 31  
A 2 VAL A 81  ? SER A 83  ? VAL A 75  SER A 77  
A 3 HIS A 9   ? ILE A 13  ? HIS A 3   ILE A 7   
A 4 GLY A 98  ? LYS A 104 ? GLY A 92  LYS A 98  
A 5 PHE A 148 ? ASP A 151 ? PHE A 142 ASP A 145 
# 
loop_
_pdbx_struct_sheet_hbond.sheet_id 
_pdbx_struct_sheet_hbond.range_id_1 
_pdbx_struct_sheet_hbond.range_id_2 
_pdbx_struct_sheet_hbond.range_1_label_atom_id 
_pdbx_struct_sheet_hbond.range_1_label_comp_id 
_pdbx_struct_sheet_hbond.range_1_label_asym_id 
_pdbx_struct_sheet_hbond.range_1_label_seq_id 
_pdbx_struct_sheet_hbond.range_1_PDB_ins_code 
_pdbx_struct_sheet_hbond.range_1_auth_atom_id 
_pdbx_struct_sheet_hbond.range_1_auth_comp_id 
_pdbx_struct_sheet_hbond.range_1_auth_asym_id 
_pdbx_struct_sheet_hbond.range_1_auth_seq_id 
_pdbx_struct_sheet_hbond.range_2_label_atom_id 
_pdbx_struct_sheet_hbond.range_2_label_comp_id 
_pdbx_struct_sheet_hbond.range_2_label_asym_id 
_pdbx_struct_sheet_hbond.range_2_label_seq_id 
_pdbx_struct_sheet_hbond.range_2_PDB_ins_code 
_pdbx_struct_sheet_hbond.range_2_auth_atom_id 
_pdbx_struct_sheet_hbond.range_2_auth_comp_id 
_pdbx_struct_sheet_hbond.range_2_auth_asym_id 
_pdbx_struct_sheet_hbond.range_2_auth_seq_id 
A 1 2 N LEU A 36  ? N LEU A 30 O SER A 83  ? O SER A 77  
A 2 3 O ILE A 82  ? O ILE A 76 N LEU A 10  ? N LEU A 4   
A 3 4 N ILE A 13  ? N ILE A 7  O LEU A 103 ? O LEU A 97  
A 4 5 N TYR A 102 ? N TYR A 96 O ILE A 150 ? O ILE A 144 
# 
loop_
_struct_site.id 
_struct_site.pdbx_evidence_code 
_struct_site.pdbx_auth_asym_id 
_struct_site.pdbx_auth_comp_id 
_struct_site.pdbx_auth_seq_id 
_struct_site.pdbx_auth_ins_code 
_struct_site.pdbx_num_residues 
_struct_site.details 
AC1 Software A ADP 202 ? 14 'BINDING SITE FOR RESIDUE ADP A 202' 
AC2 Software A S3P 201 ? 17 'BINDING SITE FOR RESIDUE S3P A 201' 
# 
loop_
_struct_site_gen.id 
_struct_site_gen.site_id 
_struct_site_gen.pdbx_num_res 
_struct_site_gen.label_comp_id 
_struct_site_gen.label_asym_id 
_struct_site_gen.label_seq_id 
_struct_site_gen.pdbx_auth_ins_code 
_struct_site_gen.auth_comp_id 
_struct_site_gen.auth_asym_id 
_struct_site_gen.auth_seq_id 
_struct_site_gen.label_atom_id 
_struct_site_gen.label_alt_id 
_struct_site_gen.symmetry 
_struct_site_gen.details 
1  AC1 14 GLY A 17  ? GLY A 11  . ? 1_555 ? 
2  AC1 14 SER A 18  ? SER A 12  . ? 1_555 ? 
3  AC1 14 GLY A 19  ? GLY A 13  . ? 1_555 ? 
4  AC1 14 LYS A 20  ? LYS A 14  . ? 1_555 ? 
5  AC1 14 SER A 21  ? SER A 15  . ? 1_555 ? 
6  AC1 14 SER A 22  ? SER A 16  . ? 1_555 ? 
7  AC1 14 MET A 105 ? MET A 99  . ? 1_555 ? 
8  AC1 14 ARG A 113 ? ARG A 107 . ? 1_555 ? 
9  AC1 14 ARG A 122 ? ARG A 116 . ? 1_555 ? 
10 AC1 14 ALA A 152 ? ALA A 146 . ? 1_555 ? 
11 AC1 14 GLY A 154 ? GLY A 148 . ? 1_555 ? 
12 AC1 14 GLY A 155 ? GLY A 149 . ? 1_555 ? 
13 AC1 14 LEU A 156 ? LEU A 150 . ? 1_555 ? 
14 AC1 14 S3P C .   ? S3P A 201 . ? 1_555 ? 
15 AC2 17 MET A 16  ? MET A 10  . ? 1_555 ? 
16 AC2 17 LYS A 20  ? LYS A 14  . ? 1_555 ? 
17 AC2 17 ASP A 39  ? ASP A 33  . ? 1_555 ? 
18 AC2 17 VAL A 50  ? VAL A 44  . ? 1_555 ? 
19 AC2 17 ARG A 63  ? ARG A 57  . ? 1_555 ? 
20 AC2 17 GLY A 85  ? GLY A 79  . ? 1_555 ? 
21 AC2 17 GLY A 86  ? GLY A 80  . ? 1_555 ? 
22 AC2 17 GLY A 87  ? GLY A 81  . ? 1_555 ? 
23 AC2 17 ARG A 122 ? ARG A 116 . ? 1_555 ? 
24 AC2 17 PRO A 123 ? PRO A 117 . ? 1_555 ? 
25 AC2 17 LEU A 124 ? LEU A 118 . ? 1_555 ? 
26 AC2 17 ARG A 138 ? ARG A 132 . ? 1_555 ? 
27 AC2 17 HOH D .   ? HOH A 166 . ? 1_555 ? 
28 AC2 17 HOH D .   ? HOH A 171 . ? 1_555 ? 
29 AC2 17 HOH D .   ? HOH A 172 . ? 1_555 ? 
30 AC2 17 ADP B .   ? ADP A 202 . ? 1_555 ? 
31 AC2 17 HOH D .   ? HOH A 220 . ? 1_555 ? 
# 
_atom_sites.entry_id                    3MUF 
_atom_sites.fract_transf_matrix[1][1]   -0.00246455 
_atom_sites.fract_transf_matrix[1][2]   0.00108318 
_atom_sites.fract_transf_matrix[1][3]   0.01137136 
_atom_sites.fract_transf_matrix[2][1]   0.00238622 
_atom_sites.fract_transf_matrix[2][2]   -0.00876002 
_atom_sites.fract_transf_matrix[2][3]   0.00735577 
_atom_sites.fract_transf_matrix[3][1]   0.02159493 
_atom_sites.fract_transf_matrix[3][2]   0.00908577 
_atom_sites.fract_transf_matrix[3][3]   0.00381487 
_atom_sites.fract_transf_vector[1]      0.444764 
_atom_sites.fract_transf_vector[2]      0.301714 
_atom_sites.fract_transf_vector[3]      0.031629 
# 
loop_
_atom_type.symbol 
C 
N 
O 
P 
S 
# 
loop_
_atom_site.group_PDB 
_atom_site.id 
_atom_site.type_symbol 
_atom_site.label_atom_id 
_atom_site.label_alt_id 
_atom_site.label_comp_id 
_atom_site.label_asym_id 
_atom_site.label_entity_id 
_atom_site.label_seq_id 
_atom_site.pdbx_PDB_ins_code 
_atom_site.Cartn_x 
_atom_site.Cartn_y 
_atom_site.Cartn_z 
_atom_site.occupancy 
_atom_site.B_iso_or_equiv 
_atom_site.pdbx_formal_charge 
_atom_site.auth_seq_id 
_atom_site.auth_comp_id 
_atom_site.auth_asym_id 
_atom_site.auth_atom_id 
_atom_site.pdbx_PDB_model_num 
ATOM   1    N N     . GLN A 1 8   ? 8.799   11.876  -9.766  1.00 66.68  ? 2   GLN A N     1 
ATOM   2    C CA    . GLN A 1 8   ? 8.109   12.003  -8.436  1.00 66.20  ? 2   GLN A CA    1 
ATOM   3    C C     . GLN A 1 8   ? 6.631   11.685  -8.606  1.00 65.42  ? 2   GLN A C     1 
ATOM   4    O O     . GLN A 1 8   ? 5.876   12.406  -9.294  1.00 66.31  ? 2   GLN A O     1 
ATOM   5    C CB    . GLN A 1 8   ? 8.296   13.394  -7.822  1.00 66.64  ? 2   GLN A CB    1 
ATOM   6    C CG    . GLN A 1 8   ? 8.513   13.391  -6.299  1.00 69.02  ? 2   GLN A CG    1 
ATOM   7    C CD    . GLN A 1 8   ? 9.913   12.905  -5.853  1.00 72.83  ? 2   GLN A CD    1 
ATOM   8    O OE1   . GLN A 1 8   ? 10.355  13.219  -4.737  1.00 74.81  ? 2   GLN A OE1   1 
ATOM   9    N NE2   . GLN A 1 8   ? 10.604  12.135  -6.715  1.00 72.96  ? 2   GLN A NE2   1 
ATOM   10   N N     . HIS A 1 9   ? 6.219   10.587  -7.994  1.00 63.13  ? 3   HIS A N     1 
ATOM   11   C CA    . HIS A 1 9   ? 4.874   10.108  -8.184  1.00 61.07  ? 3   HIS A CA    1 
ATOM   12   C C     . HIS A 1 9   ? 4.052   10.412  -6.949  1.00 58.85  ? 3   HIS A C     1 
ATOM   13   O O     . HIS A 1 9   ? 4.544   10.997  -5.987  1.00 58.55  ? 3   HIS A O     1 
ATOM   14   C CB    . HIS A 1 9   ? 4.879   8.598   -8.443  1.00 61.52  ? 3   HIS A CB    1 
ATOM   15   C CG    . HIS A 1 9   ? 5.947   8.131   -9.386  1.00 62.42  ? 3   HIS A CG    1 
ATOM   16   N ND1   . HIS A 1 9   ? 5.763   8.062   -10.753 1.00 63.39  ? 3   HIS A ND1   1 
ATOM   17   C CD2   . HIS A 1 9   ? 7.192   7.648   -9.151  1.00 62.25  ? 3   HIS A CD2   1 
ATOM   18   C CE1   . HIS A 1 9   ? 6.860   7.589   -11.320 1.00 62.67  ? 3   HIS A CE1   1 
ATOM   19   N NE2   . HIS A 1 9   ? 7.742   7.332   -10.371 1.00 62.44  ? 3   HIS A NE2   1 
ATOM   20   N N     . LEU A 1 10  ? 2.797   9.997   -6.997  1.00 56.12  ? 4   LEU A N     1 
ATOM   21   C CA    . LEU A 1 10  ? 1.921   10.044  -5.865  1.00 54.26  ? 4   LEU A CA    1 
ATOM   22   C C     . LEU A 1 10  ? 1.712   8.624   -5.393  1.00 52.59  ? 4   LEU A C     1 
ATOM   23   O O     . LEU A 1 10  ? 1.076   7.783   -6.079  1.00 52.66  ? 4   LEU A O     1 
ATOM   24   C CB    . LEU A 1 10  ? 0.593   10.680  -6.244  1.00 55.05  ? 4   LEU A CB    1 
ATOM   25   C CG    . LEU A 1 10  ? 0.598   11.900  -7.163  1.00 57.28  ? 4   LEU A CG    1 
ATOM   26   C CD1   . LEU A 1 10  ? -0.864  12.215  -7.571  1.00 58.70  ? 4   LEU A CD1   1 
ATOM   27   C CD2   . LEU A 1 10  ? 1.291   13.145  -6.539  1.00 57.97  ? 4   LEU A CD2   1 
ATOM   28   N N     . VAL A 1 11  ? 2.210   8.382   -4.185  1.00 50.69  ? 5   VAL A N     1 
ATOM   29   C CA    . VAL A 1 11  ? 2.336   7.041   -3.630  1.00 48.32  ? 5   VAL A CA    1 
ATOM   30   C C     . VAL A 1 11  ? 1.474   6.946   -2.401  1.00 47.49  ? 5   VAL A C     1 
ATOM   31   O O     . VAL A 1 11  ? 1.759   7.629   -1.432  1.00 46.92  ? 5   VAL A O     1 
ATOM   32   C CB    . VAL A 1 11  ? 3.801   6.740   -3.186  1.00 48.92  ? 5   VAL A CB    1 
ATOM   33   C CG1   . VAL A 1 11  ? 3.950   5.235   -2.843  1.00 47.40  ? 5   VAL A CG1   1 
ATOM   34   C CG2   . VAL A 1 11  ? 4.833   7.202   -4.243  1.00 45.96  ? 5   VAL A CG2   1 
ATOM   35   N N     . LEU A 1 12  ? 0.423   6.121   -2.458  1.00 45.59  ? 6   LEU A N     1 
ATOM   36   C CA    . LEU A 1 12  ? -0.379  5.756   -1.280  1.00 45.30  ? 6   LEU A CA    1 
ATOM   37   C C     . LEU A 1 12  ? 0.250   4.632   -0.446  1.00 45.21  ? 6   LEU A C     1 
ATOM   38   O O     . LEU A 1 12  ? 0.680   3.624   -1.015  1.00 45.77  ? 6   LEU A O     1 
ATOM   39   C CB    . LEU A 1 12  ? -1.792  5.271   -1.703  1.00 44.71  ? 6   LEU A CB    1 
ATOM   40   C CG    . LEU A 1 12  ? -2.544  6.130   -2.732  1.00 44.37  ? 6   LEU A CG    1 
ATOM   41   C CD1   . LEU A 1 12  ? -3.935  5.522   -3.039  1.00 50.00  ? 6   LEU A CD1   1 
ATOM   42   C CD2   . LEU A 1 12  ? -2.664  7.573   -2.280  1.00 42.97  ? 6   LEU A CD2   1 
ATOM   43   N N     . ILE A 1 13  ? 0.240   4.789   0.884   1.00 44.18  ? 7   ILE A N     1 
ATOM   44   C CA    . ILE A 1 13  ? 0.856   3.861   1.862   1.00 43.12  ? 7   ILE A CA    1 
ATOM   45   C C     . ILE A 1 13  ? -0.041  3.795   3.084   1.00 42.64  ? 7   ILE A C     1 
ATOM   46   O O     . ILE A 1 13  ? -0.710  4.792   3.405   1.00 43.64  ? 7   ILE A O     1 
ATOM   47   C CB    . ILE A 1 13  ? 2.294   4.328   2.363   1.00 43.29  ? 7   ILE A CB    1 
ATOM   48   C CG1   . ILE A 1 13  ? 2.238   5.617   3.195   1.00 42.38  ? 7   ILE A CG1   1 
ATOM   49   C CG2   . ILE A 1 13  ? 3.261   4.492   1.211   1.00 42.57  ? 7   ILE A CG2   1 
ATOM   50   C CD1   . ILE A 1 13  ? 3.650   6.025   3.777   1.00 45.32  ? 7   ILE A CD1   1 
ATOM   51   N N     . GLY A 1 14  ? -0.047  2.654   3.779   1.00 41.98  ? 8   GLY A N     1 
ATOM   52   C CA    . GLY A 1 14  ? -1.186  2.268   4.650   1.00 40.29  ? 8   GLY A CA    1 
ATOM   53   C C     . GLY A 1 14  ? -1.207  0.766   4.908   1.00 39.51  ? 8   GLY A C     1 
ATOM   54   O O     . GLY A 1 14  ? -0.763  -0.050  4.070   1.00 39.91  ? 8   GLY A O     1 
ATOM   55   N N     . PHE A 1 15  ? -1.669  0.407   6.092   1.00 37.18  ? 9   PHE A N     1 
ATOM   56   C CA    . PHE A 1 15  ? -1.691  -0.946  6.536   1.00 37.71  ? 9   PHE A CA    1 
ATOM   57   C C     . PHE A 1 15  ? -2.815  -1.669  5.717   1.00 38.10  ? 9   PHE A C     1 
ATOM   58   O O     . PHE A 1 15  ? -3.509  -1.015  4.939   1.00 36.39  ? 9   PHE A O     1 
ATOM   59   C CB    . PHE A 1 15  ? -1.966  -0.924  8.063   1.00 38.26  ? 9   PHE A CB    1 
ATOM   60   C CG    . PHE A 1 15  ? -2.032  -2.300  8.729   1.00 38.25  ? 9   PHE A CG    1 
ATOM   61   C CD1   . PHE A 1 15  ? -0.900  -2.873  9.273   1.00 37.81  ? 9   PHE A CD1   1 
ATOM   62   C CD2   . PHE A 1 15  ? -3.239  -2.989  8.828   1.00 39.11  ? 9   PHE A CD2   1 
ATOM   63   C CE1   . PHE A 1 15  ? -0.924  -4.128  9.896   1.00 35.10  ? 9   PHE A CE1   1 
ATOM   64   C CE2   . PHE A 1 15  ? -3.305  -4.261  9.458   1.00 37.38  ? 9   PHE A CE2   1 
ATOM   65   C CZ    . PHE A 1 15  ? -2.140  -4.821  10.005  1.00 37.34  ? 9   PHE A CZ    1 
ATOM   66   N N     . MET A 1 16  ? -2.888  -2.996  5.790   1.00 38.11  ? 10  MET A N     1 
ATOM   67   C CA    . MET A 1 16  ? -3.969  -3.726  5.104   1.00 41.12  ? 10  MET A CA    1 
ATOM   68   C C     . MET A 1 16  ? -5.311  -3.098  5.357   1.00 40.93  ? 10  MET A C     1 
ATOM   69   O O     . MET A 1 16  ? -5.752  -2.868  6.505   1.00 39.73  ? 10  MET A O     1 
ATOM   70   C CB    . MET A 1 16  ? -4.013  -5.234  5.460   1.00 41.20  ? 10  MET A CB    1 
ATOM   71   C CG    . MET A 1 16  ? -2.745  -6.000  4.993   1.00 43.65  ? 10  MET A CG    1 
ATOM   72   S SD    . MET A 1 16  ? -2.450  -7.670  5.683   1.00 46.53  ? 10  MET A SD    1 
ATOM   73   C CE    . MET A 1 16  ? -1.520  -7.124  7.101   1.00 38.81  ? 10  MET A CE    1 
ATOM   74   N N     . GLY A 1 17  ? -5.933  -2.760  4.255   1.00 43.19  ? 11  GLY A N     1 
ATOM   75   C CA    . GLY A 1 17  ? -7.405  -2.603  4.251   1.00 44.45  ? 11  GLY A CA    1 
ATOM   76   C C     . GLY A 1 17  ? -7.651  -1.108  4.320   1.00 45.99  ? 11  GLY A C     1 
ATOM   77   O O     . GLY A 1 17  ? -8.799  -0.679  4.499   1.00 45.79  ? 11  GLY A O     1 
ATOM   78   N N     . SER A 1 18  ? -6.573  -0.304  4.182   1.00 46.20  ? 12  SER A N     1 
ATOM   79   C CA    . SER A 1 18  ? -6.727  1.160   4.261   1.00 46.77  ? 12  SER A CA    1 
ATOM   80   C C     . SER A 1 18  ? -7.271  1.830   2.974   1.00 48.22  ? 12  SER A C     1 
ATOM   81   O O     . SER A 1 18  ? -7.432  3.057   2.930   1.00 48.65  ? 12  SER A O     1 
ATOM   82   C CB    . SER A 1 18  ? -5.444  1.853   4.763   1.00 47.01  ? 12  SER A CB    1 
ATOM   83   O OG    . SER A 1 18  ? -4.353  1.523   3.950   1.00 45.00  ? 12  SER A OG    1 
ATOM   84   N N     . GLY A 1 19  ? -7.573  1.038   1.945   1.00 49.07  ? 13  GLY A N     1 
ATOM   85   C CA    . GLY A 1 19  ? -8.329  1.528   0.783   1.00 49.82  ? 13  GLY A CA    1 
ATOM   86   C C     . GLY A 1 19  ? -7.429  2.211   -0.240  1.00 50.65  ? 13  GLY A C     1 
ATOM   87   O O     . GLY A 1 19  ? -7.857  3.122   -0.974  1.00 51.31  ? 13  GLY A O     1 
ATOM   88   N N     . LYS A 1 20  ? -6.176  1.776   -0.305  1.00 49.84  ? 14  LYS A N     1 
ATOM   89   C CA    . LYS A 1 20  ? -5.254  2.371   -1.256  1.00 50.03  ? 14  LYS A CA    1 
ATOM   90   C C     . LYS A 1 20  ? -5.687  2.061   -2.666  1.00 50.06  ? 14  LYS A C     1 
ATOM   91   O O     . LYS A 1 20  ? -5.950  2.948   -3.459  1.00 50.14  ? 14  LYS A O     1 
ATOM   92   C CB    . LYS A 1 20  ? -3.851  1.862   -1.044  1.00 48.73  ? 14  LYS A CB    1 
ATOM   93   C CG    . LYS A 1 20  ? -3.460  1.995   0.341   1.00 49.34  ? 14  LYS A CG    1 
ATOM   94   C CD    . LYS A 1 20  ? -2.096  1.506   0.548   1.00 49.31  ? 14  LYS A CD    1 
ATOM   95   C CE    . LYS A 1 20  ? -2.165  0.526   1.681   1.00 51.88  ? 14  LYS A CE    1 
ATOM   96   N NZ    . LYS A 1 20  ? -2.286  -0.874  1.282   1.00 46.71  ? 14  LYS A NZ    1 
ATOM   97   N N     . SER A 1 21  ? -5.749  0.778   -2.969  1.00 50.80  ? 15  SER A N     1 
ATOM   98   C CA    . SER A 1 21  ? -5.966  0.365   -4.327  1.00 50.69  ? 15  SER A CA    1 
ATOM   99   C C     . SER A 1 21  ? -7.099  1.197   -4.942  1.00 50.00  ? 15  SER A C     1 
ATOM   100  O O     . SER A 1 21  ? -6.894  1.747   -6.019  1.00 51.12  ? 15  SER A O     1 
ATOM   101  C CB    . SER A 1 21  ? -6.211  -1.160  -4.409  1.00 51.53  ? 15  SER A CB    1 
ATOM   102  O OG    . SER A 1 21  ? -7.007  -1.483  -5.548  1.00 52.40  ? 15  SER A OG    1 
ATOM   103  N N     . SER A 1 22  ? -8.254  1.344   -4.293  1.00 47.29  ? 16  SER A N     1 
ATOM   104  C CA    . SER A 1 22  ? -9.314  2.061   -5.014  1.00 47.30  ? 16  SER A CA    1 
ATOM   105  C C     . SER A 1 22  ? -9.193  3.566   -5.021  1.00 46.19  ? 16  SER A C     1 
ATOM   106  O O     . SER A 1 22  ? -9.447  4.203   -6.034  1.00 45.80  ? 16  SER A O     1 
ATOM   107  C CB    . SER A 1 22  ? -10.768 1.583   -4.716  1.00 46.44  ? 16  SER A CB    1 
ATOM   108  O OG    . SER A 1 22  ? -10.902 0.991   -3.447  1.00 48.49  ? 16  SER A OG    1 
ATOM   109  N N     . LEU A 1 23  ? -8.783  4.140   -3.906  1.00 46.29  ? 17  LEU A N     1 
ATOM   110  C CA    . LEU A 1 23  ? -8.386  5.542   -3.896  1.00 45.69  ? 17  LEU A CA    1 
ATOM   111  C C     . LEU A 1 23  ? -7.496  5.828   -5.097  1.00 45.96  ? 17  LEU A C     1 
ATOM   112  O O     . LEU A 1 23  ? -7.776  6.754   -5.876  1.00 46.31  ? 17  LEU A O     1 
ATOM   113  C CB    . LEU A 1 23  ? -7.672  5.889   -2.597  1.00 44.72  ? 17  LEU A CB    1 
ATOM   114  C CG    . LEU A 1 23  ? -7.652  7.327   -2.050  1.00 45.15  ? 17  LEU A CG    1 
ATOM   115  C CD1   . LEU A 1 23  ? -6.294  7.848   -1.825  1.00 43.84  ? 17  LEU A CD1   1 
ATOM   116  C CD2   . LEU A 1 23  ? -8.517  8.356   -2.818  1.00 44.89  ? 17  LEU A CD2   1 
ATOM   117  N N     . ALA A 1 24  ? -6.445  5.032   -5.279  1.00 46.16  ? 18  ALA A N     1 
ATOM   118  C CA    . ALA A 1 24  ? -5.380  5.413   -6.230  1.00 47.28  ? 18  ALA A CA    1 
ATOM   119  C C     . ALA A 1 24  ? -5.986  5.484   -7.647  1.00 48.48  ? 18  ALA A C     1 
ATOM   120  O O     . ALA A 1 24  ? -5.567  6.285   -8.502  1.00 48.34  ? 18  ALA A O     1 
ATOM   121  C CB    . ALA A 1 24  ? -4.195  4.421   -6.188  1.00 44.82  ? 18  ALA A CB    1 
ATOM   122  N N     . GLN A 1 25  ? -6.972  4.628   -7.858  1.00 49.07  ? 19  GLN A N     1 
ATOM   123  C CA    . GLN A 1 25  ? -7.662  4.485   -9.106  1.00 51.65  ? 19  GLN A CA    1 
ATOM   124  C C     . GLN A 1 25  ? -8.535  5.723   -9.297  1.00 51.86  ? 19  GLN A C     1 
ATOM   125  O O     . GLN A 1 25  ? -8.602  6.277   -10.379 1.00 52.86  ? 19  GLN A O     1 
ATOM   126  C CB    . GLN A 1 25  ? -8.544  3.236   -9.015  1.00 52.21  ? 19  GLN A CB    1 
ATOM   127  C CG    . GLN A 1 25  ? -8.692  2.419   -10.269 1.00 57.91  ? 19  GLN A CG    1 
ATOM   128  C CD    . GLN A 1 25  ? -10.105 1.777   -10.377 1.00 65.72  ? 19  GLN A CD    1 
ATOM   129  O OE1   . GLN A 1 25  ? -10.761 1.830   -11.445 1.00 66.35  ? 19  GLN A OE1   1 
ATOM   130  N NE2   . GLN A 1 25  ? -10.580 1.180   -9.261  1.00 67.42  ? 19  GLN A NE2   1 
ATOM   131  N N     . GLU A 1 26  ? -9.218  6.157   -8.240  1.00 52.12  ? 20  GLU A N     1 
ATOM   132  C CA    . GLU A 1 26  ? -9.992  7.393   -8.306  1.00 51.73  ? 20  GLU A CA    1 
ATOM   133  C C     . GLU A 1 26  ? -9.046  8.573   -8.556  1.00 50.92  ? 20  GLU A C     1 
ATOM   134  O O     . GLU A 1 26  ? -9.277  9.366   -9.452  1.00 50.51  ? 20  GLU A O     1 
ATOM   135  C CB    . GLU A 1 26  ? -10.830 7.564   -7.042  1.00 51.29  ? 20  GLU A CB    1 
ATOM   136  C CG    . GLU A 1 26  ? -12.045 6.623   -6.985  1.00 56.28  ? 20  GLU A CG    1 
ATOM   137  C CD    . GLU A 1 26  ? -13.044 6.872   -8.117  1.00 60.59  ? 20  GLU A CD    1 
ATOM   138  O OE1   . GLU A 1 26  ? -13.753 7.911   -8.103  1.00 61.01  ? 20  GLU A OE1   1 
ATOM   139  O OE2   . GLU A 1 26  ? -13.114 6.013   -9.031  1.00 64.22  ? 20  GLU A OE2   1 
ATOM   140  N N     . LEU A 1 27  ? -7.944  8.629   -7.816  1.00 50.51  ? 21  LEU A N     1 
ATOM   141  C CA    . LEU A 1 27  ? -6.960  9.709   -7.945  1.00 50.71  ? 21  LEU A CA    1 
ATOM   142  C C     . LEU A 1 27  ? -6.388  9.867   -9.360  1.00 50.95  ? 21  LEU A C     1 
ATOM   143  O O     . LEU A 1 27  ? -6.180  10.973  -9.865  1.00 50.86  ? 21  LEU A O     1 
ATOM   144  C CB    . LEU A 1 27  ? -5.826  9.435   -6.990  1.00 50.10  ? 21  LEU A CB    1 
ATOM   145  C CG    . LEU A 1 27  ? -5.409  10.533  -6.033  1.00 53.64  ? 21  LEU A CG    1 
ATOM   146  C CD1   . LEU A 1 27  ? -4.211  10.064  -5.163  1.00 54.09  ? 21  LEU A CD1   1 
ATOM   147  C CD2   . LEU A 1 27  ? -5.041  11.800  -6.771  1.00 55.79  ? 21  LEU A CD2   1 
ATOM   148  N N     . GLY A 1 28  ? -6.118  8.740   -10.003 1.00 51.86  ? 22  GLY A N     1 
ATOM   149  C CA    . GLY A 1 28  ? -5.527  8.745   -11.336 1.00 51.52  ? 22  GLY A CA    1 
ATOM   150  C C     . GLY A 1 28  ? -6.521  9.199   -12.377 1.00 51.74  ? 22  GLY A C     1 
ATOM   151  O O     . GLY A 1 28  ? -6.150  9.896   -13.297 1.00 51.90  ? 22  GLY A O     1 
ATOM   152  N N     . LEU A 1 29  ? -7.788  8.806   -12.223 1.00 51.98  ? 23  LEU A N     1 
ATOM   153  C CA    . LEU A 1 29  ? -8.865  9.321   -13.073 1.00 51.81  ? 23  LEU A CA    1 
ATOM   154  C C     . LEU A 1 29  ? -9.014  10.857  -12.964 1.00 51.47  ? 23  LEU A C     1 
ATOM   155  O O     . LEU A 1 29  ? -9.034  11.550  -13.979 1.00 51.74  ? 23  LEU A O     1 
ATOM   156  C CB    . LEU A 1 29  ? -10.205 8.625   -12.754 1.00 52.17  ? 23  LEU A CB    1 
ATOM   157  C CG    . LEU A 1 29  ? -10.407 7.176   -13.221 1.00 52.78  ? 23  LEU A CG    1 
ATOM   158  C CD1   . LEU A 1 29  ? -11.826 6.678   -12.908 1.00 51.79  ? 23  LEU A CD1   1 
ATOM   159  C CD2   . LEU A 1 29  ? -10.089 7.019   -14.744 1.00 55.07  ? 23  LEU A CD2   1 
ATOM   160  N N     . ALA A 1 30  ? -9.131  11.377  -11.747 1.00 50.64  ? 24  ALA A N     1 
ATOM   161  C CA    . ALA A 1 30  ? -9.283  12.809  -11.543 1.00 50.45  ? 24  ALA A CA    1 
ATOM   162  C C     . ALA A 1 30  ? -8.102  13.611  -12.136 1.00 50.87  ? 24  ALA A C     1 
ATOM   163  O O     . ALA A 1 30  ? -8.287  14.702  -12.713 1.00 49.53  ? 24  ALA A O     1 
ATOM   164  C CB    . ALA A 1 30  ? -9.423  13.110  -10.082 1.00 50.93  ? 24  ALA A CB    1 
ATOM   165  N N     . LEU A 1 31  ? -6.905  13.048  -12.034 1.00 51.15  ? 25  LEU A N     1 
ATOM   166  C CA    . LEU A 1 31  ? -5.702  13.772  -12.447 1.00 51.88  ? 25  LEU A CA    1 
ATOM   167  C C     . LEU A 1 31  ? -5.196  13.324  -13.807 1.00 52.98  ? 25  LEU A C     1 
ATOM   168  O O     . LEU A 1 31  ? -4.150  13.775  -14.259 1.00 51.79  ? 25  LEU A O     1 
ATOM   169  C CB    . LEU A 1 31  ? -4.620  13.605  -11.410 1.00 51.15  ? 25  LEU A CB    1 
ATOM   170  C CG    . LEU A 1 31  ? -4.944  14.083  -10.004 1.00 52.47  ? 25  LEU A CG    1 
ATOM   171  C CD1   . LEU A 1 31  ? -3.674  14.249  -9.211  1.00 52.83  ? 25  LEU A CD1   1 
ATOM   172  C CD2   . LEU A 1 31  ? -5.679  15.400  -10.048 1.00 52.29  ? 25  LEU A CD2   1 
ATOM   173  N N     . LYS A 1 32  ? -5.960  12.446  -14.481 1.00 54.77  ? 26  LYS A N     1 
ATOM   174  C CA    . LYS A 1 32  ? -5.471  11.836  -15.735 1.00 56.28  ? 26  LYS A CA    1 
ATOM   175  C C     . LYS A 1 32  ? -3.983  11.376  -15.661 1.00 57.18  ? 26  LYS A C     1 
ATOM   176  O O     . LYS A 1 32  ? -3.125  11.786  -16.481 1.00 57.23  ? 26  LYS A O     1 
ATOM   177  C CB    . LYS A 1 32  ? -5.698  12.760  -16.926 1.00 56.58  ? 26  LYS A CB    1 
ATOM   178  C CG    . LYS A 1 32  ? -5.730  12.022  -18.263 1.00 59.44  ? 26  LYS A CG    1 
ATOM   179  C CD    . LYS A 1 32  ? -6.198  12.907  -19.434 1.00 61.81  ? 26  LYS A CD    1 
ATOM   180  C CE    . LYS A 1 32  ? -5.383  14.221  -19.558 1.00 63.30  ? 26  LYS A CE    1 
ATOM   181  N NZ    . LYS A 1 32  ? -3.883  14.091  -19.502 1.00 63.77  ? 26  LYS A NZ    1 
ATOM   182  N N     . LEU A 1 33  ? -3.694  10.552  -14.641 1.00 57.33  ? 27  LEU A N     1 
ATOM   183  C CA    . LEU A 1 33  ? -2.418  9.829   -14.515 1.00 56.76  ? 27  LEU A CA    1 
ATOM   184  C C     . LEU A 1 33  ? -2.608  8.322   -14.492 1.00 56.79  ? 27  LEU A C     1 
ATOM   185  O O     . LEU A 1 33  ? -3.717  7.810   -14.223 1.00 57.17  ? 27  LEU A O     1 
ATOM   186  C CB    . LEU A 1 33  ? -1.641  10.306  -13.287 1.00 56.79  ? 27  LEU A CB    1 
ATOM   187  C CG    . LEU A 1 33  ? -1.492  11.824  -13.224 1.00 54.65  ? 27  LEU A CG    1 
ATOM   188  C CD1   . LEU A 1 33  ? -1.025  12.272  -11.867 1.00 53.88  ? 27  LEU A CD1   1 
ATOM   189  C CD2   . LEU A 1 33  ? -0.560  12.279  -14.300 1.00 57.66  ? 27  LEU A CD2   1 
ATOM   190  N N     . GLU A 1 34  ? -1.547  7.612   -14.864 1.00 56.95  ? 28  GLU A N     1 
ATOM   191  C CA    . GLU A 1 34  ? -1.556  6.157   -14.852 1.00 56.86  ? 28  GLU A CA    1 
ATOM   192  C C     . GLU A 1 34  ? -1.386  5.661   -13.422 1.00 56.30  ? 28  GLU A C     1 
ATOM   193  O O     . GLU A 1 34  ? -0.531  6.150   -12.654 1.00 56.78  ? 28  GLU A O     1 
ATOM   194  C CB    . GLU A 1 34  ? -0.475  5.552   -15.764 1.00 56.83  ? 28  GLU A CB    1 
ATOM   195  C CG    . GLU A 1 34  ? -0.787  5.568   -17.272 1.00 59.94  ? 28  GLU A CG    1 
ATOM   196  C CD    . GLU A 1 34  ? -2.117  4.857   -17.603 1.00 63.91  ? 28  GLU A CD    1 
ATOM   197  O OE1   . GLU A 1 34  ? -2.241  3.625   -17.390 1.00 64.63  ? 28  GLU A OE1   1 
ATOM   198  O OE2   . GLU A 1 34  ? -3.037  5.545   -18.070 1.00 64.60  ? 28  GLU A OE2   1 
ATOM   199  N N     . VAL A 1 35  ? -2.229  4.686   -13.104 1.00 55.57  ? 29  VAL A N     1 
ATOM   200  C CA    . VAL A 1 35  ? -2.260  3.991   -11.833 1.00 54.25  ? 29  VAL A CA    1 
ATOM   201  C C     . VAL A 1 35  ? -1.504  2.662   -11.962 1.00 53.93  ? 29  VAL A C     1 
ATOM   202  O O     . VAL A 1 35  ? -1.722  1.872   -12.916 1.00 53.83  ? 29  VAL A O     1 
ATOM   203  C CB    . VAL A 1 35  ? -3.731  3.727   -11.391 1.00 53.97  ? 29  VAL A CB    1 
ATOM   204  C CG1   . VAL A 1 35  ? -3.790  3.208   -9.972  1.00 54.78  ? 29  VAL A CG1   1 
ATOM   205  C CG2   . VAL A 1 35  ? -4.550  4.987   -11.497 1.00 52.47  ? 29  VAL A CG2   1 
ATOM   206  N N     . LEU A 1 36  ? -0.613  2.452   -10.987 1.00 52.68  ? 30  LEU A N     1 
ATOM   207  C CA    . LEU A 1 36  ? 0.098   1.204   -10.755 1.00 50.79  ? 30  LEU A CA    1 
ATOM   208  C C     . LEU A 1 36  ? -0.193  0.668   -9.346  1.00 49.95  ? 30  LEU A C     1 
ATOM   209  O O     . LEU A 1 36  ? -0.462  1.440   -8.436  1.00 50.27  ? 30  LEU A O     1 
ATOM   210  C CB    . LEU A 1 36  ? 1.594   1.463   -10.888 1.00 50.87  ? 30  LEU A CB    1 
ATOM   211  C CG    . LEU A 1 36  ? 2.069   1.980   -12.236 1.00 50.40  ? 30  LEU A CG    1 
ATOM   212  C CD1   . LEU A 1 36  ? 3.553   2.260   -12.078 1.00 48.18  ? 30  LEU A CD1   1 
ATOM   213  C CD2   . LEU A 1 36  ? 1.764   1.042   -13.421 1.00 45.95  ? 30  LEU A CD2   1 
ATOM   214  N N     . ASP A 1 37  ? -0.145  -0.648  -9.165  1.00 48.80  ? 31  ASP A N     1 
ATOM   215  C CA    . ASP A 1 37  ? -0.367  -1.276  -7.862  1.00 47.57  ? 31  ASP A CA    1 
ATOM   216  C C     . ASP A 1 37  ? 0.776   -2.244  -7.683  1.00 46.60  ? 31  ASP A C     1 
ATOM   217  O O     . ASP A 1 37  ? 0.831   -3.218  -8.401  1.00 45.72  ? 31  ASP A O     1 
ATOM   218  C CB    . ASP A 1 37  ? -1.697  -2.030  -7.895  1.00 48.52  ? 31  ASP A CB    1 
ATOM   219  C CG    . ASP A 1 37  ? -2.014  -2.717  -6.598  1.00 50.42  ? 31  ASP A CG    1 
ATOM   220  O OD1   . ASP A 1 37  ? -2.799  -2.145  -5.807  1.00 55.14  ? 31  ASP A OD1   1 
ATOM   221  O OD2   . ASP A 1 37  ? -1.485  -3.819  -6.347  1.00 52.74  ? 31  ASP A OD2   1 
ATOM   222  N N     . THR A 1 38  ? 1.720   -1.970  -6.784  1.00 46.07  ? 32  THR A N     1 
ATOM   223  C CA    . THR A 1 38  ? 2.856   -2.879  -6.582  1.00 45.79  ? 32  THR A CA    1 
ATOM   224  C C     . THR A 1 38  ? 2.533   -4.376  -6.385  1.00 46.36  ? 32  THR A C     1 
ATOM   225  O O     . THR A 1 38  ? 3.201   -5.210  -6.959  1.00 46.52  ? 32  THR A O     1 
ATOM   226  C CB    . THR A 1 38  ? 3.748   -2.451  -5.396  1.00 45.40  ? 32  THR A CB    1 
ATOM   227  O OG1   . THR A 1 38  ? 2.978   -2.447  -4.196  1.00 44.04  ? 32  THR A OG1   1 
ATOM   228  C CG2   . THR A 1 38  ? 4.352   -1.110  -5.630  1.00 44.57  ? 32  THR A CG2   1 
ATOM   229  N N     . ASP A 1 39  ? 1.547   -4.728  -5.573  1.00 47.63  ? 33  ASP A N     1 
ATOM   230  C CA    . ASP A 1 39  ? 1.150   -6.145  -5.439  1.00 48.86  ? 33  ASP A CA    1 
ATOM   231  C C     . ASP A 1 39  ? 0.743   -6.743  -6.774  1.00 49.47  ? 33  ASP A C     1 
ATOM   232  O O     . ASP A 1 39  ? 1.015   -7.906  -7.077  1.00 49.96  ? 33  ASP A O     1 
ATOM   233  C CB    . ASP A 1 39  ? -0.070  -6.283  -4.522  1.00 48.73  ? 33  ASP A CB    1 
ATOM   234  C CG    . ASP A 1 39  ? 0.285   -6.222  -3.035  1.00 50.56  ? 33  ASP A CG    1 
ATOM   235  O OD1   . ASP A 1 39  ? 1.468   -6.047  -2.689  1.00 44.52  ? 33  ASP A OD1   1 
ATOM   236  O OD2   . ASP A 1 39  ? -0.656  -6.380  -2.209  1.00 52.97  ? 33  ASP A OD2   1 
ATOM   237  N N     . MET A 1 40  ? 0.025   -5.948  -7.540  1.00 50.70  ? 34  MET A N     1 
ATOM   238  C CA    . MET A 1 40  ? -0.556  -6.356  -8.813  1.00 52.18  ? 34  MET A CA    1 
ATOM   239  C C     . MET A 1 40  ? 0.579   -6.661  -9.784  1.00 51.33  ? 34  MET A C     1 
ATOM   240  O O     . MET A 1 40  ? 0.490   -7.590  -10.579 1.00 51.29  ? 34  MET A O     1 
ATOM   241  C CB    . MET A 1 40  ? -1.352  -5.188  -9.397  1.00 52.47  ? 34  MET A CB    1 
ATOM   242  C CG    . MET A 1 40  ? -2.631  -5.548  -10.136 1.00 59.81  ? 34  MET A CG    1 
ATOM   243  S SD    . MET A 1 40  ? -4.025  -5.044  -9.084  1.00 69.12  ? 34  MET A SD    1 
ATOM   244  C CE    . MET A 1 40  ? -4.317  -6.585  -8.182  1.00 68.22  ? 34  MET A CE    1 
ATOM   245  N N     . ILE A 1 41  ? 1.639   -5.860  -9.713  1.00 50.70  ? 35  ILE A N     1 
ATOM   246  C CA    . ILE A 1 41  ? 2.723   -5.964  -10.681 1.00 50.05  ? 35  ILE A CA    1 
ATOM   247  C C     . ILE A 1 41  ? 3.555   -7.233  -10.446 1.00 50.12  ? 35  ILE A C     1 
ATOM   248  O O     . ILE A 1 41  ? 3.860   -7.982  -11.397 1.00 50.96  ? 35  ILE A O     1 
ATOM   249  C CB    . ILE A 1 41  ? 3.595   -4.713  -10.699 1.00 49.38  ? 35  ILE A CB    1 
ATOM   250  C CG1   . ILE A 1 41  ? 2.814   -3.548  -11.309 1.00 48.12  ? 35  ILE A CG1   1 
ATOM   251  C CG2   . ILE A 1 41  ? 4.868   -4.947  -11.528 1.00 49.51  ? 35  ILE A CG2   1 
ATOM   252  C CD1   . ILE A 1 41  ? 3.526   -2.186  -11.145 1.00 46.23  ? 35  ILE A CD1   1 
ATOM   253  N N     . ILE A 1 42  ? 3.874   -7.479  -9.179  1.00 48.81  ? 36  ILE A N     1 
ATOM   254  C CA    . ILE A 1 42  ? 4.634   -8.652  -8.774  1.00 48.20  ? 36  ILE A CA    1 
ATOM   255  C C     . ILE A 1 42  ? 3.778   -9.902  -8.970  1.00 48.29  ? 36  ILE A C     1 
ATOM   256  O O     . ILE A 1 42  ? 4.221   -10.894 -9.518  1.00 47.17  ? 36  ILE A O     1 
ATOM   257  C CB    . ILE A 1 42  ? 5.031   -8.518  -7.307  1.00 47.12  ? 36  ILE A CB    1 
ATOM   258  C CG1   . ILE A 1 42  ? 5.899   -7.274  -7.132  1.00 45.04  ? 36  ILE A CG1   1 
ATOM   259  C CG2   . ILE A 1 42  ? 5.704   -9.783  -6.802  1.00 47.11  ? 36  ILE A CG2   1 
ATOM   260  C CD1   . ILE A 1 42  ? 5.877   -6.724  -5.727  1.00 44.21  ? 36  ILE A CD1   1 
ATOM   261  N N     . SER A 1 43  ? 2.540   -9.832  -8.518  1.00 48.91  ? 37  SER A N     1 
ATOM   262  C CA    . SER A 1 43  ? 1.672   -10.957 -8.681  1.00 49.94  ? 37  SER A CA    1 
ATOM   263  C C     . SER A 1 43  ? 1.770   -11.424 -10.136 1.00 50.62  ? 37  SER A C     1 
ATOM   264  O O     . SER A 1 43  ? 2.071   -12.581 -10.421 1.00 50.49  ? 37  SER A O     1 
ATOM   265  C CB    . SER A 1 43  ? 0.242   -10.572 -8.304  1.00 49.45  ? 37  SER A CB    1 
ATOM   266  O OG    . SER A 1 43  ? -0.655  -11.607 -8.628  1.00 49.78  ? 37  SER A OG    1 
ATOM   267  N N     . GLU A 1 44  ? 1.570   -10.497 -11.057 1.00 51.63  ? 38  GLU A N     1 
ATOM   268  C CA    . GLU A 1 44  ? 1.433   -10.849 -12.450 1.00 52.64  ? 38  GLU A CA    1 
ATOM   269  C C     . GLU A 1 44  ? 2.755   -11.338 -13.122 1.00 51.59  ? 38  GLU A C     1 
ATOM   270  O O     . GLU A 1 44  ? 2.713   -12.283 -13.917 1.00 51.56  ? 38  GLU A O     1 
ATOM   271  C CB    . GLU A 1 44  ? 0.728   -9.710  -13.197 1.00 53.51  ? 38  GLU A CB    1 
ATOM   272  C CG    . GLU A 1 44  ? 1.656   -8.824  -14.022 1.00 59.76  ? 38  GLU A CG    1 
ATOM   273  C CD    . GLU A 1 44  ? 1.887   -9.398  -15.427 1.00 66.42  ? 38  GLU A CD    1 
ATOM   274  O OE1   . GLU A 1 44  ? 3.072   -9.463  -15.889 1.00 68.03  ? 38  GLU A OE1   1 
ATOM   275  O OE2   . GLU A 1 44  ? 0.866   -9.798  -16.050 1.00 67.43  ? 38  GLU A OE2   1 
ATOM   276  N N     . ARG A 1 45  ? 3.904   -10.722 -12.799 1.00 49.86  ? 39  ARG A N     1 
ATOM   277  C CA    . ARG A 1 45  ? 5.211   -11.195 -13.289 1.00 48.11  ? 39  ARG A CA    1 
ATOM   278  C C     . ARG A 1 45  ? 5.532   -12.648 -12.876 1.00 47.56  ? 39  ARG A C     1 
ATOM   279  O O     . ARG A 1 45  ? 6.052   -13.450 -13.648 1.00 46.07  ? 39  ARG A O     1 
ATOM   280  C CB    . ARG A 1 45  ? 6.334   -10.290 -12.758 1.00 48.29  ? 39  ARG A CB    1 
ATOM   281  C CG    . ARG A 1 45  ? 6.367   -8.967  -13.416 1.00 47.53  ? 39  ARG A CG    1 
ATOM   282  C CD    . ARG A 1 45  ? 7.593   -8.220  -12.977 1.00 50.85  ? 39  ARG A CD    1 
ATOM   283  N NE    . ARG A 1 45  ? 7.500   -6.805  -13.351 1.00 51.96  ? 39  ARG A NE    1 
ATOM   284  C CZ    . ARG A 1 45  ? 8.389   -5.887  -13.001 1.00 53.16  ? 39  ARG A CZ    1 
ATOM   285  N NH1   . ARG A 1 45  ? 9.446   -6.229  -12.291 1.00 51.75  ? 39  ARG A NH1   1 
ATOM   286  N NH2   . ARG A 1 45  ? 8.233   -4.627  -13.385 1.00 55.84  ? 39  ARG A NH2   1 
ATOM   287  N N     . VAL A 1 46  ? 5.234   -12.949 -11.621 1.00 47.09  ? 40  VAL A N     1 
ATOM   288  C CA    . VAL A 1 46  ? 5.525   -14.227 -11.017 1.00 47.24  ? 40  VAL A CA    1 
ATOM   289  C C     . VAL A 1 46  ? 4.387   -15.217 -11.359 1.00 47.71  ? 40  VAL A C     1 
ATOM   290  O O     . VAL A 1 46  ? 4.576   -16.433 -11.332 1.00 47.68  ? 40  VAL A O     1 
ATOM   291  C CB    . VAL A 1 46  ? 5.753   -14.055 -9.472  1.00 46.58  ? 40  VAL A CB    1 
ATOM   292  C CG1   . VAL A 1 46  ? 5.951   -15.384 -8.791  1.00 47.56  ? 40  VAL A CG1   1 
ATOM   293  C CG2   . VAL A 1 46  ? 6.971   -13.178 -9.214  1.00 46.53  ? 40  VAL A CG2   1 
ATOM   294  N N     . GLY A 1 47  ? 3.225   -14.707 -11.726 1.00 47.81  ? 41  GLY A N     1 
ATOM   295  C CA    . GLY A 1 47  ? 2.114   -15.600 -12.072 1.00 49.20  ? 41  GLY A CA    1 
ATOM   296  C C     . GLY A 1 47  ? 1.548   -16.337 -10.885 1.00 50.38  ? 41  GLY A C     1 
ATOM   297  O O     . GLY A 1 47  ? 0.939   -17.378 -11.032 1.00 51.97  ? 41  GLY A O     1 
ATOM   298  N N     . LEU A 1 48  ? 1.724   -15.786 -9.689  1.00 51.98  ? 42  LEU A N     1 
ATOM   299  C CA    . LEU A 1 48  ? 1.099   -16.321 -8.475  1.00 51.82  ? 42  LEU A CA    1 
ATOM   300  C C     . LEU A 1 48  ? 0.410   -15.191 -7.723  1.00 51.88  ? 42  LEU A C     1 
ATOM   301  O O     . LEU A 1 48  ? 0.842   -14.038 -7.820  1.00 52.76  ? 42  LEU A O     1 
ATOM   302  C CB    . LEU A 1 48  ? 2.170   -16.930 -7.566  1.00 51.59  ? 42  LEU A CB    1 
ATOM   303  C CG    . LEU A 1 48  ? 2.937   -18.159 -8.055  1.00 52.71  ? 42  LEU A CG    1 
ATOM   304  C CD1   . LEU A 1 48  ? 4.039   -18.480 -7.094  1.00 52.41  ? 42  LEU A CD1   1 
ATOM   305  C CD2   . LEU A 1 48  ? 2.036   -19.379 -8.237  1.00 53.03  ? 42  LEU A CD2   1 
ATOM   306  N N     . SER A 1 49  ? -0.623  -15.506 -6.944  1.00 51.11  ? 43  SER A N     1 
ATOM   307  C CA    . SER A 1 49  ? -1.232  -14.499 -6.074  1.00 50.71  ? 43  SER A CA    1 
ATOM   308  C C     . SER A 1 49  ? -0.255  -14.197 -4.948  1.00 50.52  ? 43  SER A C     1 
ATOM   309  O O     . SER A 1 49  ? 0.650   -14.999 -4.716  1.00 51.36  ? 43  SER A O     1 
ATOM   310  C CB    . SER A 1 49  ? -2.546  -15.031 -5.517  1.00 50.36  ? 43  SER A CB    1 
ATOM   311  O OG    . SER A 1 49  ? -2.276  -16.045 -4.581  1.00 50.92  ? 43  SER A OG    1 
ATOM   312  N N     . VAL A 1 50  ? -0.404  -13.066 -4.245  1.00 50.47  ? 44  VAL A N     1 
ATOM   313  C CA    . VAL A 1 50  ? 0.538   -12.739 -3.148  1.00 49.75  ? 44  VAL A CA    1 
ATOM   314  C C     . VAL A 1 50  ? 0.566   -13.866 -2.104  1.00 50.35  ? 44  VAL A C     1 
ATOM   315  O O     . VAL A 1 50  ? 1.634   -14.232 -1.589  1.00 50.39  ? 44  VAL A O     1 
ATOM   316  C CB    . VAL A 1 50  ? 0.317   -11.318 -2.488  1.00 50.18  ? 44  VAL A CB    1 
ATOM   317  C CG1   . VAL A 1 50  ? 1.158   -11.186 -1.258  1.00 46.68  ? 44  VAL A CG1   1 
ATOM   318  C CG2   . VAL A 1 50  ? 0.711   -10.205 -3.444  1.00 47.44  ? 44  VAL A CG2   1 
ATOM   319  N N     . ARG A 1 51  ? -0.590  -14.435 -1.831  1.00 49.37  ? 45  ARG A N     1 
ATOM   320  C CA    . ARG A 1 51  ? -0.671  -15.577 -0.947  1.00 50.54  ? 45  ARG A CA    1 
ATOM   321  C C     . ARG A 1 51  ? 0.223   -16.731 -1.443  1.00 50.63  ? 45  ARG A C     1 
ATOM   322  O O     . ARG A 1 51  ? 1.189   -17.126 -0.755  1.00 51.46  ? 45  ARG A O     1 
ATOM   323  C CB    . ARG A 1 51  ? -2.123  -16.057 -0.797  1.00 50.83  ? 45  ARG A CB    1 
ATOM   324  C CG    . ARG A 1 51  ? -2.310  -16.893 0.436   1.00 52.08  ? 45  ARG A CG    1 
ATOM   325  C CD    . ARG A 1 51  ? -3.082  -18.157 0.179   1.00 55.21  ? 45  ARG A CD    1 
ATOM   326  N NE    . ARG A 1 51  ? -4.510  -17.893 0.147   1.00 56.35  ? 45  ARG A NE    1 
ATOM   327  C CZ    . ARG A 1 51  ? -5.409  -18.511 0.911   1.00 57.36  ? 45  ARG A CZ    1 
ATOM   328  N NH1   . ARG A 1 51  ? -6.683  -18.175 0.809   1.00 60.13  ? 45  ARG A NH1   1 
ATOM   329  N NH2   . ARG A 1 51  ? -5.053  -19.477 1.748   1.00 58.20  ? 45  ARG A NH2   1 
ATOM   330  N N     . GLU A 1 52  ? -0.085  -17.261 -2.632  1.00 49.79  ? 46  GLU A N     1 
ATOM   331  C CA    . GLU A 1 52  ? 0.760   -18.267 -3.279  1.00 48.46  ? 46  GLU A CA    1 
ATOM   332  C C     . GLU A 1 52  ? 2.256   -17.884 -3.292  1.00 47.65  ? 46  GLU A C     1 
ATOM   333  O O     . GLU A 1 52  ? 3.128   -18.743 -3.111  1.00 47.26  ? 46  GLU A O     1 
ATOM   334  C CB    . GLU A 1 52  ? 0.271   -18.561 -4.694  1.00 49.25  ? 46  GLU A CB    1 
ATOM   335  C CG    . GLU A 1 52  ? -1.085  -19.221 -4.762  1.00 50.72  ? 46  GLU A CG    1 
ATOM   336  C CD    . GLU A 1 52  ? -1.586  -19.351 -6.172  1.00 56.67  ? 46  GLU A CD    1 
ATOM   337  O OE1   . GLU A 1 52  ? -2.312  -20.336 -6.452  1.00 59.60  ? 46  GLU A OE1   1 
ATOM   338  O OE2   . GLU A 1 52  ? -1.274  -18.469 -7.006  1.00 60.17  ? 46  GLU A OE2   1 
ATOM   339  N N     . ILE A 1 53  ? 2.576   -16.614 -3.480  1.00 46.30  ? 47  ILE A N     1 
ATOM   340  C CA    . ILE A 1 53  ? 3.987   -16.251 -3.381  1.00 45.55  ? 47  ILE A CA    1 
ATOM   341  C C     . ILE A 1 53  ? 4.525   -16.569 -1.988  1.00 46.13  ? 47  ILE A C     1 
ATOM   342  O O     . ILE A 1 53  ? 5.517   -17.278 -1.857  1.00 47.34  ? 47  ILE A O     1 
ATOM   343  C CB    . ILE A 1 53  ? 4.226   -14.794 -3.724  1.00 45.00  ? 47  ILE A CB    1 
ATOM   344  C CG1   . ILE A 1 53  ? 3.742   -14.510 -5.157  1.00 44.49  ? 47  ILE A CG1   1 
ATOM   345  C CG2   . ILE A 1 53  ? 5.703   -14.439 -3.497  1.00 43.41  ? 47  ILE A CG2   1 
ATOM   346  C CD1   . ILE A 1 53  ? 4.212   -13.167 -5.757  1.00 42.53  ? 47  ILE A CD1   1 
ATOM   347  N N     . PHE A 1 54  ? 3.870   -16.061 -0.944  1.00 46.30  ? 48  PHE A N     1 
ATOM   348  C CA    . PHE A 1 54  ? 4.227   -16.370 0.436   1.00 46.22  ? 48  PHE A CA    1 
ATOM   349  C C     . PHE A 1 54  ? 4.345   -17.899 0.646   1.00 47.45  ? 48  PHE A C     1 
ATOM   350  O O     . PHE A 1 54  ? 5.433   -18.396 0.979   1.00 46.87  ? 48  PHE A O     1 
ATOM   351  C CB    . PHE A 1 54  ? 3.223   -15.733 1.421   1.00 45.96  ? 48  PHE A CB    1 
ATOM   352  C CG    . PHE A 1 54  ? 3.555   -14.295 1.816   1.00 44.37  ? 48  PHE A CG    1 
ATOM   353  C CD1   . PHE A 1 54  ? 3.691   -13.293 0.863   1.00 41.60  ? 48  PHE A CD1   1 
ATOM   354  C CD2   . PHE A 1 54  ? 3.709   -13.950 3.152   1.00 43.22  ? 48  PHE A CD2   1 
ATOM   355  C CE1   . PHE A 1 54  ? 3.975   -11.974 1.226   1.00 39.32  ? 48  PHE A CE1   1 
ATOM   356  C CE2   . PHE A 1 54  ? 4.004   -12.632 3.519   1.00 43.61  ? 48  PHE A CE2   1 
ATOM   357  C CZ    . PHE A 1 54  ? 4.141   -11.642 2.547   1.00 39.33  ? 48  PHE A CZ    1 
ATOM   358  N N     . GLU A 1 55  ? 3.245   -18.626 0.409   1.00 48.06  ? 49  GLU A N     1 
ATOM   359  C CA    . GLU A 1 55  ? 3.209   -20.094 0.470   1.00 49.61  ? 49  GLU A CA    1 
ATOM   360  C C     . GLU A 1 55  ? 4.309   -20.858 -0.330  1.00 49.46  ? 49  GLU A C     1 
ATOM   361  O O     . GLU A 1 55  ? 4.971   -21.737 0.216   1.00 49.79  ? 49  GLU A O     1 
ATOM   362  C CB    . GLU A 1 55  ? 1.809   -20.621 0.072   1.00 49.83  ? 49  GLU A CB    1 
ATOM   363  C CG    . GLU A 1 55  ? 0.746   -20.570 1.194   1.00 55.07  ? 49  GLU A CG    1 
ATOM   364  C CD    . GLU A 1 55  ? -0.725  -20.786 0.687   1.00 62.65  ? 49  GLU A CD    1 
ATOM   365  O OE1   . GLU A 1 55  ? -0.977  -20.802 -0.567  1.00 62.92  ? 49  GLU A OE1   1 
ATOM   366  O OE2   . GLU A 1 55  ? -1.633  -20.928 1.559   1.00 65.01  ? 49  GLU A OE2   1 
ATOM   367  N N     . GLU A 1 56  ? 4.489   -20.547 -1.614  1.00 49.78  ? 50  GLU A N     1 
ATOM   368  C CA    . GLU A 1 56  ? 5.429   -21.304 -2.468  1.00 49.70  ? 50  GLU A CA    1 
ATOM   369  C C     . GLU A 1 56  ? 6.878   -20.784 -2.433  1.00 48.94  ? 50  GLU A C     1 
ATOM   370  O O     . GLU A 1 56  ? 7.796   -21.574 -2.415  1.00 48.35  ? 50  GLU A O     1 
ATOM   371  C CB    . GLU A 1 56  ? 4.947   -21.317 -3.914  1.00 49.92  ? 50  GLU A CB    1 
ATOM   372  C CG    . GLU A 1 56  ? 3.532   -21.932 -4.119  1.00 54.29  ? 50  GLU A CG    1 
ATOM   373  C CD    . GLU A 1 56  ? 3.450   -23.342 -3.565  1.00 57.54  ? 50  GLU A CD    1 
ATOM   374  O OE1   . GLU A 1 56  ? 2.778   -23.523 -2.529  1.00 59.50  ? 50  GLU A OE1   1 
ATOM   375  O OE2   . GLU A 1 56  ? 4.105   -24.248 -4.137  1.00 59.04  ? 50  GLU A OE2   1 
ATOM   376  N N     . LEU A 1 57  ? 7.066   -19.469 -2.445  1.00 48.35  ? 51  LEU A N     1 
ATOM   377  C CA    . LEU A 1 57  ? 8.415   -18.871 -2.592  1.00 48.85  ? 51  LEU A CA    1 
ATOM   378  C C     . LEU A 1 57  ? 8.951   -18.185 -1.343  1.00 48.68  ? 51  LEU A C     1 
ATOM   379  O O     . LEU A 1 57  ? 10.130  -17.770 -1.314  1.00 50.20  ? 51  LEU A O     1 
ATOM   380  C CB    . LEU A 1 57  ? 8.428   -17.869 -3.739  1.00 48.06  ? 51  LEU A CB    1 
ATOM   381  C CG    . LEU A 1 57  ? 7.938   -18.348 -5.100  1.00 48.58  ? 51  LEU A CG    1 
ATOM   382  C CD1   . LEU A 1 57  ? 7.884   -17.179 -6.091  1.00 46.91  ? 51  LEU A CD1   1 
ATOM   383  C CD2   . LEU A 1 57  ? 8.847   -19.488 -5.603  1.00 48.55  ? 51  LEU A CD2   1 
ATOM   384  N N     . GLY A 1 58  ? 8.085   -18.006 -0.348  1.00 48.66  ? 52  GLY A N     1 
ATOM   385  C CA    . GLY A 1 58  ? 8.454   -17.403 0.939   1.00 48.21  ? 52  GLY A CA    1 
ATOM   386  C C     . GLY A 1 58  ? 8.533   -15.869 0.934   1.00 47.61  ? 52  GLY A C     1 
ATOM   387  O O     . GLY A 1 58  ? 8.960   -15.243 -0.055  1.00 47.49  ? 52  GLY A O     1 
ATOM   388  N N     . GLU A 1 59  ? 8.158   -15.280 2.068   1.00 46.99  ? 53  GLU A N     1 
ATOM   389  C CA    . GLU A 1 59  ? 8.016   -13.849 2.212   1.00 47.07  ? 53  GLU A CA    1 
ATOM   390  C C     . GLU A 1 59  ? 9.280   -13.083 1.835   1.00 47.18  ? 53  GLU A C     1 
ATOM   391  O O     . GLU A 1 59  ? 9.162   -11.983 1.268   1.00 47.41  ? 53  GLU A O     1 
ATOM   392  C CB    . GLU A 1 59  ? 7.572   -13.505 3.641   1.00 47.50  ? 53  GLU A CB    1 
ATOM   393  C CG    . GLU A 1 59  ? 7.752   -12.018 4.011   1.00 47.31  ? 53  GLU A CG    1 
ATOM   394  C CD    . GLU A 1 59  ? 7.080   -11.651 5.324   1.00 49.52  ? 53  GLU A CD    1 
ATOM   395  O OE1   . GLU A 1 59  ? 7.309   -10.519 5.808   1.00 46.16  ? 53  GLU A OE1   1 
ATOM   396  O OE2   . GLU A 1 59  ? 6.317   -12.495 5.871   1.00 51.33  ? 53  GLU A OE2   1 
ATOM   397  N N     . ASP A 1 60  ? 10.471  -13.633 2.122   1.00 46.64  ? 54  ASP A N     1 
ATOM   398  C CA    . ASP A 1 60  ? 11.710  -12.900 1.823   1.00 48.14  ? 54  ASP A CA    1 
ATOM   399  C C     . ASP A 1 60  ? 11.840  -12.645 0.325   1.00 46.80  ? 54  ASP A C     1 
ATOM   400  O O     . ASP A 1 60  ? 12.344  -11.588 -0.095  1.00 47.84  ? 54  ASP A O     1 
ATOM   401  C CB    . ASP A 1 60  ? 12.988  -13.600 2.361   1.00 49.29  ? 54  ASP A CB    1 
ATOM   402  C CG    . ASP A 1 60  ? 13.274  -13.282 3.837   1.00 57.56  ? 54  ASP A CG    1 
ATOM   403  O OD1   . ASP A 1 60  ? 12.277  -13.181 4.616   1.00 64.77  ? 54  ASP A OD1   1 
ATOM   404  O OD2   . ASP A 1 60  ? 14.500  -13.137 4.230   1.00 64.59  ? 54  ASP A OD2   1 
ATOM   405  N N     . ASN A 1 61  ? 11.400  -13.603 -0.489  1.00 44.91  ? 55  ASN A N     1 
ATOM   406  C CA    . ASN A 1 61  ? 11.443  -13.386 -1.934  1.00 43.35  ? 55  ASN A CA    1 
ATOM   407  C C     . ASN A 1 61  ? 10.439  -12.341 -2.347  1.00 42.83  ? 55  ASN A C     1 
ATOM   408  O O     . ASN A 1 61  ? 10.780  -11.436 -3.080  1.00 43.45  ? 55  ASN A O     1 
ATOM   409  C CB    . ASN A 1 61  ? 11.322  -14.689 -2.740  1.00 42.86  ? 55  ASN A CB    1 
ATOM   410  C CG    . ASN A 1 61  ? 12.591  -15.547 -2.680  1.00 41.32  ? 55  ASN A CG    1 
ATOM   411  O OD1   . ASN A 1 61  ? 13.717  -15.021 -2.572  1.00 40.54  ? 55  ASN A OD1   1 
ATOM   412  N ND2   . ASN A 1 61  ? 12.419  -16.872 -2.762  1.00 40.41  ? 55  ASN A ND2   1 
ATOM   413  N N     . PHE A 1 62  ? 9.204   -12.436 -1.860  1.00 43.44  ? 56  PHE A N     1 
ATOM   414  C CA    . PHE A 1 62  ? 8.250   -11.346 -2.086  1.00 43.28  ? 56  PHE A CA    1 
ATOM   415  C C     . PHE A 1 62  ? 8.902   -10.013 -1.721  1.00 42.96  ? 56  PHE A C     1 
ATOM   416  O O     . PHE A 1 62  ? 8.913   -9.077  -2.503  1.00 42.99  ? 56  PHE A O     1 
ATOM   417  C CB    . PHE A 1 62  ? 6.998   -11.520 -1.258  1.00 42.07  ? 56  PHE A CB    1 
ATOM   418  C CG    . PHE A 1 62  ? 6.009   -10.448 -1.476  1.00 42.59  ? 56  PHE A CG    1 
ATOM   419  C CD1   . PHE A 1 62  ? 5.833   -9.439  -0.536  1.00 43.94  ? 56  PHE A CD1   1 
ATOM   420  C CD2   . PHE A 1 62  ? 5.204   -10.449 -2.624  1.00 42.91  ? 56  PHE A CD2   1 
ATOM   421  C CE1   . PHE A 1 62  ? 4.876   -8.430  -0.755  1.00 43.62  ? 56  PHE A CE1   1 
ATOM   422  C CE2   . PHE A 1 62  ? 4.268   -9.451  -2.866  1.00 40.64  ? 56  PHE A CE2   1 
ATOM   423  C CZ    . PHE A 1 62  ? 4.088   -8.446  -1.945  1.00 40.58  ? 56  PHE A CZ    1 
ATOM   424  N N     . ARG A 1 63  ? 9.447   -9.945  -0.528  1.00 44.04  ? 57  ARG A N     1 
ATOM   425  C CA    . ARG A 1 63  ? 10.202  -8.741  -0.100  1.00 45.82  ? 57  ARG A CA    1 
ATOM   426  C C     . ARG A 1 63  ? 11.278  -8.302  -1.086  1.00 46.46  ? 57  ARG A C     1 
ATOM   427  O O     . ARG A 1 63  ? 11.478  -7.095  -1.308  1.00 47.61  ? 57  ARG A O     1 
ATOM   428  C CB    . ARG A 1 63  ? 10.804  -8.942  1.300   1.00 44.42  ? 57  ARG A CB    1 
ATOM   429  C CG    . ARG A 1 63  ? 10.067  -8.210  2.426   1.00 45.44  ? 57  ARG A CG    1 
ATOM   430  C CD    . ARG A 1 63  ? 8.697   -8.759  2.842   1.00 44.94  ? 57  ARG A CD    1 
ATOM   431  N NE    . ARG A 1 63  ? 7.638   -7.855  2.430   1.00 49.34  ? 57  ARG A NE    1 
ATOM   432  C CZ    . ARG A 1 63  ? 6.402   -7.785  2.931   1.00 48.22  ? 57  ARG A CZ    1 
ATOM   433  N NH1   . ARG A 1 63  ? 5.990   -8.559  3.915   1.00 48.76  ? 57  ARG A NH1   1 
ATOM   434  N NH2   . ARG A 1 63  ? 5.568   -6.899  2.422   1.00 49.21  ? 57  ARG A NH2   1 
ATOM   435  N N     . MET A 1 64  ? 11.991  -9.251  -1.687  1.00 47.69  ? 58  MET A N     1 
ATOM   436  C CA    . MET A 1 64  ? 13.010  -8.848  -2.684  1.00 48.98  ? 58  MET A CA    1 
ATOM   437  C C     . MET A 1 64  ? 12.372  -8.246  -3.934  1.00 48.06  ? 58  MET A C     1 
ATOM   438  O O     . MET A 1 64  ? 12.911  -7.284  -4.511  1.00 48.18  ? 58  MET A O     1 
ATOM   439  C CB    . MET A 1 64  ? 13.934  -10.021 -3.065  1.00 49.93  ? 58  MET A CB    1 
ATOM   440  C CG    . MET A 1 64  ? 14.901  -9.688  -4.225  1.00 52.49  ? 58  MET A CG    1 
ATOM   441  S SD    . MET A 1 64  ? 15.288  -11.121 -5.242  1.00 60.41  ? 58  MET A SD    1 
ATOM   442  C CE    . MET A 1 64  ? 13.629  -11.472 -5.873  1.00 56.21  ? 58  MET A CE    1 
ATOM   443  N N     . PHE A 1 65  ? 11.245  -8.823  -4.350  1.00 47.69  ? 59  PHE A N     1 
ATOM   444  C CA    . PHE A 1 65  ? 10.488  -8.330  -5.489  1.00 48.22  ? 59  PHE A CA    1 
ATOM   445  C C     . PHE A 1 65  ? 10.047  -6.899  -5.188  1.00 49.02  ? 59  PHE A C     1 
ATOM   446  O O     . PHE A 1 65  ? 10.346  -5.991  -5.959  1.00 48.84  ? 59  PHE A O     1 
ATOM   447  C CB    . PHE A 1 65  ? 9.256   -9.220  -5.788  1.00 48.39  ? 59  PHE A CB    1 
ATOM   448  C CG    . PHE A 1 65  ? 9.589   -10.585 -6.353  1.00 48.57  ? 59  PHE A CG    1 
ATOM   449  C CD1   . PHE A 1 65  ? 8.958   -11.728 -5.854  1.00 50.22  ? 59  PHE A CD1   1 
ATOM   450  C CD2   . PHE A 1 65  ? 10.507  -10.735 -7.391  1.00 49.23  ? 59  PHE A CD2   1 
ATOM   451  C CE1   . PHE A 1 65  ? 9.253   -13.010 -6.358  1.00 51.24  ? 59  PHE A CE1   1 
ATOM   452  C CE2   . PHE A 1 65  ? 10.811  -12.005 -7.914  1.00 49.23  ? 59  PHE A CE2   1 
ATOM   453  C CZ    . PHE A 1 65  ? 10.194  -13.147 -7.391  1.00 50.92  ? 59  PHE A CZ    1 
ATOM   454  N N     . GLU A 1 66  ? 9.343   -6.708  -4.069  1.00 49.58  ? 60  GLU A N     1 
ATOM   455  C CA    . GLU A 1 66  ? 8.960   -5.367  -3.611  1.00 50.80  ? 60  GLU A CA    1 
ATOM   456  C C     . GLU A 1 66  ? 10.117  -4.390  -3.627  1.00 50.98  ? 60  GLU A C     1 
ATOM   457  O O     . GLU A 1 66  ? 10.045  -3.359  -4.286  1.00 50.67  ? 60  GLU A O     1 
ATOM   458  C CB    . GLU A 1 66  ? 8.434   -5.411  -2.190  1.00 50.38  ? 60  GLU A CB    1 
ATOM   459  C CG    . GLU A 1 66  ? 7.004   -5.800  -2.084  1.00 51.05  ? 60  GLU A CG    1 
ATOM   460  C CD    . GLU A 1 66  ? 6.428   -5.342  -0.766  1.00 50.74  ? 60  GLU A CD    1 
ATOM   461  O OE1   . GLU A 1 66  ? 7.157   -5.370  0.251   1.00 44.49  ? 60  GLU A OE1   1 
ATOM   462  O OE2   . GLU A 1 66  ? 5.236   -4.962  -0.773  1.00 52.27  ? 60  GLU A OE2   1 
ATOM   463  N N     . LYS A 1 67  ? 11.177  -4.725  -2.898  1.00 52.15  ? 61  LYS A N     1 
ATOM   464  C CA    . LYS A 1 67  ? 12.366  -3.873  -2.806  1.00 54.00  ? 61  LYS A CA    1 
ATOM   465  C C     . LYS A 1 67  ? 12.876  -3.483  -4.196  1.00 54.42  ? 61  LYS A C     1 
ATOM   466  O O     . LYS A 1 67  ? 13.188  -2.325  -4.458  1.00 55.14  ? 61  LYS A O     1 
ATOM   467  C CB    . LYS A 1 67  ? 13.440  -4.574  -1.967  1.00 54.30  ? 61  LYS A CB    1 
ATOM   468  C CG    . LYS A 1 67  ? 14.774  -3.823  -1.776  1.00 57.98  ? 61  LYS A CG    1 
ATOM   469  C CD    . LYS A 1 67  ? 15.875  -4.378  -2.739  1.00 61.83  ? 61  LYS A CD    1 
ATOM   470  C CE    . LYS A 1 67  ? 17.180  -3.575  -2.691  1.00 62.20  ? 61  LYS A CE    1 
ATOM   471  N NZ    . LYS A 1 67  ? 17.836  -3.656  -1.332  1.00 62.87  ? 61  LYS A NZ    1 
ATOM   472  N N     . ASN A 1 68  ? 12.911  -4.443  -5.107  1.00 55.06  ? 62  ASN A N     1 
ATOM   473  C CA    . ASN A 1 68  ? 13.411  -4.157  -6.457  1.00 55.29  ? 62  ASN A CA    1 
ATOM   474  C C     . ASN A 1 68  ? 12.477  -3.306  -7.329  1.00 54.90  ? 62  ASN A C     1 
ATOM   475  O O     . ASN A 1 68  ? 12.958  -2.462  -8.088  1.00 55.12  ? 62  ASN A O     1 
ATOM   476  C CB    . ASN A 1 68  ? 13.789  -5.463  -7.191  1.00 56.01  ? 62  ASN A CB    1 
ATOM   477  C CG    . ASN A 1 68  ? 15.187  -6.026  -6.786  1.00 56.22  ? 62  ASN A CG    1 
ATOM   478  O OD1   . ASN A 1 68  ? 15.995  -5.368  -6.107  1.00 56.04  ? 62  ASN A OD1   1 
ATOM   479  N ND2   . ASN A 1 68  ? 15.456  -7.248  -7.220  1.00 54.46  ? 62  ASN A ND2   1 
ATOM   480  N N     . LEU A 1 69  ? 11.159  -3.551  -7.257  1.00 54.43  ? 63  LEU A N     1 
ATOM   481  C CA    . LEU A 1 69  ? 10.178  -2.720  -7.951  1.00 53.39  ? 63  LEU A CA    1 
ATOM   482  C C     . LEU A 1 69  ? 10.300  -1.253  -7.520  1.00 53.55  ? 63  LEU A C     1 
ATOM   483  O O     . LEU A 1 69  ? 10.137  -0.356  -8.329  1.00 53.57  ? 63  LEU A O     1 
ATOM   484  C CB    . LEU A 1 69  ? 8.777   -3.203  -7.641  1.00 53.24  ? 63  LEU A CB    1 
ATOM   485  C CG    . LEU A 1 69  ? 7.721   -3.381  -8.732  1.00 52.66  ? 63  LEU A CG    1 
ATOM   486  C CD1   . LEU A 1 69  ? 6.399   -3.301  -8.061  1.00 49.38  ? 63  LEU A CD1   1 
ATOM   487  C CD2   . LEU A 1 69  ? 7.806   -2.374  -9.879  1.00 50.65  ? 63  LEU A CD2   1 
ATOM   488  N N     . ILE A 1 70  ? 10.598  -1.012  -6.246  1.00 53.84  ? 64  ILE A N     1 
ATOM   489  C CA    . ILE A 1 70  ? 10.814  0.354   -5.770  1.00 54.15  ? 64  ILE A CA    1 
ATOM   490  C C     . ILE A 1 70  ? 11.859  1.043   -6.639  1.00 55.19  ? 64  ILE A C     1 
ATOM   491  O O     . ILE A 1 70  ? 11.563  2.050   -7.309  1.00 55.44  ? 64  ILE A O     1 
ATOM   492  C CB    . ILE A 1 70  ? 11.200  0.428   -4.267  1.00 53.39  ? 64  ILE A CB    1 
ATOM   493  C CG1   . ILE A 1 70  ? 10.031  -0.031  -3.394  1.00 51.34  ? 64  ILE A CG1   1 
ATOM   494  C CG2   . ILE A 1 70  ? 11.533  1.847   -3.886  1.00 53.15  ? 64  ILE A CG2   1 
ATOM   495  C CD1   . ILE A 1 70  ? 10.339  -0.015  -1.903  1.00 48.98  ? 64  ILE A CD1   1 
ATOM   496  N N     . ASP A 1 71  ? 13.061  0.474   -6.646  1.00 56.39  ? 65  ASP A N     1 
ATOM   497  C CA    . ASP A 1 71  ? 14.174  0.956   -7.455  1.00 57.39  ? 65  ASP A CA    1 
ATOM   498  C C     . ASP A 1 71  ? 13.810  1.133   -8.933  1.00 57.97  ? 65  ASP A C     1 
ATOM   499  O O     . ASP A 1 71  ? 14.305  2.061   -9.582  1.00 58.69  ? 65  ASP A O     1 
ATOM   500  C CB    . ASP A 1 71  ? 15.338  -0.030  -7.362  1.00 57.83  ? 65  ASP A CB    1 
ATOM   501  C CG    . ASP A 1 71  ? 16.118  0.096   -6.082  1.00 58.16  ? 65  ASP A CG    1 
ATOM   502  O OD1   . ASP A 1 71  ? 15.827  1.001   -5.280  1.00 60.51  ? 65  ASP A OD1   1 
ATOM   503  O OD2   . ASP A 1 71  ? 17.039  -0.724  -5.881  1.00 60.42  ? 65  ASP A OD2   1 
ATOM   504  N N     . GLU A 1 72  ? 12.984  0.219   -9.452  1.00 57.93  ? 66  GLU A N     1 
ATOM   505  C CA    . GLU A 1 72  ? 12.584  0.203   -10.853 1.00 57.83  ? 66  GLU A CA    1 
ATOM   506  C C     . GLU A 1 72  ? 11.670  1.397   -11.152 1.00 58.61  ? 66  GLU A C     1 
ATOM   507  O O     . GLU A 1 72  ? 11.897  2.147   -12.110 1.00 58.60  ? 66  GLU A O     1 
ATOM   508  C CB    . GLU A 1 72  ? 11.854  -1.105  -11.213 1.00 57.15  ? 66  GLU A CB    1 
ATOM   509  C CG    . GLU A 1 72  ? 11.473  -1.191  -12.682 1.00 56.56  ? 66  GLU A CG    1 
ATOM   510  C CD    . GLU A 1 72  ? 10.532  -2.331  -13.039 1.00 58.43  ? 66  GLU A CD    1 
ATOM   511  O OE1   . GLU A 1 72  ? 9.760   -2.157  -14.000 1.00 59.55  ? 66  GLU A OE1   1 
ATOM   512  O OE2   . GLU A 1 72  ? 10.557  -3.406  -12.408 1.00 59.73  ? 66  GLU A OE2   1 
ATOM   513  N N     . LEU A 1 73  ? 10.625  1.551   -10.344 1.00 58.99  ? 67  LEU A N     1 
ATOM   514  C CA    . LEU A 1 73  ? 9.687   2.647   -10.509 1.00 58.97  ? 67  LEU A CA    1 
ATOM   515  C C     . LEU A 1 73  ? 10.350  4.033   -10.384 1.00 59.61  ? 67  LEU A C     1 
ATOM   516  O O     . LEU A 1 73  ? 9.835   4.997   -10.927 1.00 60.16  ? 67  LEU A O     1 
ATOM   517  C CB    . LEU A 1 73  ? 8.535   2.501   -9.521  1.00 58.10  ? 67  LEU A CB    1 
ATOM   518  C CG    . LEU A 1 73  ? 7.706   1.211   -9.622  1.00 56.98  ? 67  LEU A CG    1 
ATOM   519  C CD1   . LEU A 1 73  ? 6.755   1.093   -8.437  1.00 54.13  ? 67  LEU A CD1   1 
ATOM   520  C CD2   . LEU A 1 73  ? 6.947   1.097   -10.925 1.00 56.12  ? 67  LEU A CD2   1 
ATOM   521  N N     . LYS A 1 74  ? 11.474  4.136   -9.684  1.00 60.17  ? 68  LYS A N     1 
ATOM   522  C CA    . LYS A 1 74  ? 12.236  5.400   -9.642  1.00 61.58  ? 68  LYS A CA    1 
ATOM   523  C C     . LYS A 1 74  ? 12.782  5.846   -11.028 1.00 63.34  ? 68  LYS A C     1 
ATOM   524  O O     . LYS A 1 74  ? 13.060  7.036   -11.255 1.00 63.83  ? 68  LYS A O     1 
ATOM   525  C CB    . LYS A 1 74  ? 13.386  5.315   -8.630  1.00 61.39  ? 68  LYS A CB    1 
ATOM   526  C CG    . LYS A 1 74  ? 12.950  5.246   -7.176  1.00 59.18  ? 68  LYS A CG    1 
ATOM   527  C CD    . LYS A 1 74  ? 14.123  5.501   -6.233  1.00 57.17  ? 68  LYS A CD    1 
ATOM   528  C CE    . LYS A 1 74  ? 13.651  5.261   -4.815  1.00 57.14  ? 68  LYS A CE    1 
ATOM   529  N NZ    . LYS A 1 74  ? 14.606  5.732   -3.795  1.00 54.61  ? 68  LYS A NZ    1 
ATOM   530  N N     . THR A 1 75  ? 12.928  4.892   -11.948 1.00 64.88  ? 69  THR A N     1 
ATOM   531  C CA    . THR A 1 75  ? 13.395  5.169   -13.304 1.00 66.37  ? 69  THR A CA    1 
ATOM   532  C C     . THR A 1 75  ? 12.208  5.415   -14.244 1.00 67.44  ? 69  THR A C     1 
ATOM   533  O O     . THR A 1 75  ? 12.363  5.457   -15.471 1.00 67.53  ? 69  THR A O     1 
ATOM   534  C CB    . THR A 1 75  ? 14.264  3.994   -13.865 1.00 66.37  ? 69  THR A CB    1 
ATOM   535  O OG1   . THR A 1 75  ? 13.435  2.848   -14.109 1.00 66.88  ? 69  THR A OG1   1 
ATOM   536  C CG2   . THR A 1 75  ? 15.411  3.619   -12.901 1.00 65.99  ? 69  THR A CG2   1 
ATOM   537  N N     . LEU A 1 76  ? 11.014  5.540   -13.682 1.00 68.37  ? 70  LEU A N     1 
ATOM   538  C CA    . LEU A 1 76  ? 9.898   5.981   -14.493 1.00 69.95  ? 70  LEU A CA    1 
ATOM   539  C C     . LEU A 1 76  ? 9.926   7.499   -14.670 1.00 70.76  ? 70  LEU A C     1 
ATOM   540  O O     . LEU A 1 76  ? 10.214  8.264   -13.743 1.00 70.92  ? 70  LEU A O     1 
ATOM   541  C CB    . LEU A 1 76  ? 8.546   5.503   -13.953 1.00 69.71  ? 70  LEU A CB    1 
ATOM   542  C CG    . LEU A 1 76  ? 8.019   4.231   -14.624 1.00 70.66  ? 70  LEU A CG    1 
ATOM   543  C CD1   . LEU A 1 76  ? 7.022   3.505   -13.749 1.00 70.95  ? 70  LEU A CD1   1 
ATOM   544  C CD2   . LEU A 1 76  ? 7.372   4.523   -15.959 1.00 70.67  ? 70  LEU A CD2   1 
ATOM   545  N N     . LYS A 1 77  ? 9.629   7.882   -15.906 1.00 71.95  ? 71  LYS A N     1 
ATOM   546  C CA    . LYS A 1 77  ? 9.574   9.254   -16.420 1.00 73.09  ? 71  LYS A CA    1 
ATOM   547  C C     . LYS A 1 77  ? 8.313   10.054  -16.006 1.00 72.86  ? 71  LYS A C     1 
ATOM   548  O O     . LYS A 1 77  ? 8.382   11.121  -15.360 1.00 73.40  ? 71  LYS A O     1 
ATOM   549  C CB    . LYS A 1 77  ? 9.651   9.161   -17.967 1.00 73.65  ? 71  LYS A CB    1 
ATOM   550  C CG    . LYS A 1 77  ? 9.245   7.756   -18.570 1.00 75.22  ? 71  LYS A CG    1 
ATOM   551  C CD    . LYS A 1 77  ? 7.779   7.349   -18.216 1.00 76.33  ? 71  LYS A CD    1 
ATOM   552  C CE    . LYS A 1 77  ? 7.300   6.098   -18.960 1.00 76.79  ? 71  LYS A CE    1 
ATOM   553  N NZ    . LYS A 1 77  ? 5.801   5.974   -18.880 1.00 75.69  ? 71  LYS A NZ    1 
ATOM   554  N N     . THR A 1 78  ? 7.159   9.529   -16.398 1.00 71.86  ? 72  THR A N     1 
ATOM   555  C CA    . THR A 1 78  ? 5.904   10.193  -16.144 1.00 70.69  ? 72  THR A CA    1 
ATOM   556  C C     . THR A 1 78  ? 5.576   10.008  -14.674 1.00 68.99  ? 72  THR A C     1 
ATOM   557  O O     . THR A 1 78  ? 5.751   8.913   -14.144 1.00 68.95  ? 72  THR A O     1 
ATOM   558  C CB    . THR A 1 78  ? 4.826   9.554   -17.022 1.00 71.38  ? 72  THR A CB    1 
ATOM   559  O OG1   . THR A 1 78  ? 5.333   9.488   -18.358 1.00 72.31  ? 72  THR A OG1   1 
ATOM   560  C CG2   . THR A 1 78  ? 3.487   10.340  -16.980 1.00 71.99  ? 72  THR A CG2   1 
ATOM   561  N N     . PRO A 1 79  ? 5.185   11.098  -13.988 1.00 67.43  ? 73  PRO A N     1 
ATOM   562  C CA    . PRO A 1 79  ? 4.463   10.982  -12.726 1.00 65.28  ? 73  PRO A CA    1 
ATOM   563  C C     . PRO A 1 79  ? 3.345   9.941   -12.835 1.00 63.05  ? 73  PRO A C     1 
ATOM   564  O O     . PRO A 1 79  ? 2.586   9.945   -13.826 1.00 62.67  ? 73  PRO A O     1 
ATOM   565  C CB    . PRO A 1 79  ? 3.870   12.385  -12.554 1.00 65.54  ? 73  PRO A CB    1 
ATOM   566  C CG    . PRO A 1 79  ? 4.947   13.318  -13.195 1.00 67.39  ? 73  PRO A CG    1 
ATOM   567  C CD    . PRO A 1 79  ? 5.770   12.450  -14.156 1.00 67.90  ? 73  PRO A CD    1 
ATOM   568  N N     . HIS A 1 80  ? 3.285   9.031   -11.857 1.00 60.23  ? 74  HIS A N     1 
ATOM   569  C CA    . HIS A 1 80  ? 2.270   7.966   -11.805 1.00 57.13  ? 74  HIS A CA    1 
ATOM   570  C C     . HIS A 1 80  ? 1.565   8.007   -10.467 1.00 55.37  ? 74  HIS A C     1 
ATOM   571  O O     . HIS A 1 80  ? 2.059   8.610   -9.524  1.00 54.27  ? 74  HIS A O     1 
ATOM   572  C CB    . HIS A 1 80  ? 2.905   6.582   -11.980 1.00 56.91  ? 74  HIS A CB    1 
ATOM   573  C CG    . HIS A 1 80  ? 3.226   6.228   -13.403 1.00 56.61  ? 74  HIS A CG    1 
ATOM   574  N ND1   . HIS A 1 80  ? 2.427   5.390   -14.169 1.00 56.20  ? 74  HIS A ND1   1 
ATOM   575  C CD2   . HIS A 1 80  ? 4.259   6.597   -14.200 1.00 53.69  ? 74  HIS A CD2   1 
ATOM   576  C CE1   . HIS A 1 80  ? 2.953   5.268   -15.376 1.00 54.98  ? 74  HIS A CE1   1 
ATOM   577  N NE2   . HIS A 1 80  ? 4.068   5.986   -15.418 1.00 56.10  ? 74  HIS A NE2   1 
ATOM   578  N N     . VAL A 1 81  ? 0.395   7.390   -10.386 1.00 53.45  ? 75  VAL A N     1 
ATOM   579  C CA    . VAL A 1 81  ? -0.175  7.125   -9.081  1.00 51.58  ? 75  VAL A CA    1 
ATOM   580  C C     . VAL A 1 81  ? 0.139   5.666   -8.773  1.00 51.32  ? 75  VAL A C     1 
ATOM   581  O O     . VAL A 1 81  ? 0.019   4.778   -9.647  1.00 50.61  ? 75  VAL A O     1 
ATOM   582  C CB    . VAL A 1 81  ? -1.665  7.430   -8.999  1.00 51.96  ? 75  VAL A CB    1 
ATOM   583  C CG1   . VAL A 1 81  ? -2.230  7.014   -7.649  1.00 49.68  ? 75  VAL A CG1   1 
ATOM   584  C CG2   . VAL A 1 81  ? -1.909  8.930   -9.240  1.00 51.28  ? 75  VAL A CG2   1 
ATOM   585  N N     . ILE A 1 82  ? 0.617   5.446   -7.543  1.00 50.14  ? 76  ILE A N     1 
ATOM   586  C CA    . ILE A 1 82  ? 1.134   4.156   -7.146  1.00 48.57  ? 76  ILE A CA    1 
ATOM   587  C C     . ILE A 1 82  ? 0.553   3.757   -5.829  1.00 47.39  ? 76  ILE A C     1 
ATOM   588  O O     . ILE A 1 82  ? 0.713   4.421   -4.812  1.00 47.44  ? 76  ILE A O     1 
ATOM   589  C CB    . ILE A 1 82  ? 2.682   4.165   -6.991  1.00 49.52  ? 76  ILE A CB    1 
ATOM   590  C CG1   . ILE A 1 82  ? 3.348   4.648   -8.281  1.00 47.24  ? 76  ILE A CG1   1 
ATOM   591  C CG2   . ILE A 1 82  ? 3.196   2.749   -6.563  1.00 48.14  ? 76  ILE A CG2   1 
ATOM   592  C CD1   . ILE A 1 82  ? 4.837   4.808   -8.135  1.00 48.12  ? 76  ILE A CD1   1 
ATOM   593  N N     . SER A 1 83  ? -0.097  2.620   -5.880  1.00 46.12  ? 77  SER A N     1 
ATOM   594  C CA    . SER A 1 83  ? -0.743  2.008   -4.765  1.00 44.49  ? 77  SER A CA    1 
ATOM   595  C C     . SER A 1 83  ? 0.240   0.926   -4.249  1.00 43.80  ? 77  SER A C     1 
ATOM   596  O O     . SER A 1 83  ? 0.990   0.315   -5.020  1.00 43.48  ? 77  SER A O     1 
ATOM   597  C CB    . SER A 1 83  ? -2.005  1.381   -5.354  1.00 44.08  ? 77  SER A CB    1 
ATOM   598  O OG    . SER A 1 83  ? -2.628  0.637   -4.391  1.00 45.52  ? 77  SER A OG    1 
ATOM   599  N N     . THR A 1 84  ? 0.215   0.674   -2.956  1.00 43.39  ? 78  THR A N     1 
ATOM   600  C CA    . THR A 1 84  ? 1.326   0.030   -2.292  1.00 43.39  ? 78  THR A CA    1 
ATOM   601  C C     . THR A 1 84  ? 0.856   -1.099  -1.410  1.00 42.33  ? 78  THR A C     1 
ATOM   602  O O     . THR A 1 84  ? -0.181  -0.993  -0.808  1.00 43.55  ? 78  THR A O     1 
ATOM   603  C CB    . THR A 1 84  ? 1.996   1.150   -1.467  1.00 43.67  ? 78  THR A CB    1 
ATOM   604  O OG1   . THR A 1 84  ? 3.161   1.557   -2.155  1.00 48.50  ? 78  THR A OG1   1 
ATOM   605  C CG2   . THR A 1 84  ? 2.358   0.755   -0.120  1.00 44.77  ? 78  THR A CG2   1 
ATOM   606  N N     . GLY A 1 85  ? 1.603   -2.190  -1.295  1.00 41.44  ? 79  GLY A N     1 
ATOM   607  C CA    . GLY A 1 85  ? 1.240   -3.193  -0.297  1.00 38.08  ? 79  GLY A CA    1 
ATOM   608  C C     . GLY A 1 85  ? 1.574   -2.783  1.095   1.00 38.36  ? 79  GLY A C     1 
ATOM   609  O O     . GLY A 1 85  ? 2.541   -1.976  1.365   1.00 36.86  ? 79  GLY A O     1 
ATOM   610  N N     . GLY A 1 86  ? 0.835   -3.390  2.012   1.00 37.48  ? 80  GLY A N     1 
ATOM   611  C CA    . GLY A 1 86  ? 0.956   -3.043  3.413   1.00 38.22  ? 80  GLY A CA    1 
ATOM   612  C C     . GLY A 1 86  ? 2.411   -2.758  3.831   1.00 38.89  ? 80  GLY A C     1 
ATOM   613  O O     . GLY A 1 86  ? 2.635   -1.849  4.632   1.00 39.92  ? 80  GLY A O     1 
ATOM   614  N N     . GLY A 1 87  ? 3.367   -3.539  3.310   1.00 38.73  ? 81  GLY A N     1 
ATOM   615  C CA    . GLY A 1 87  ? 4.629   -3.820  4.015   1.00 38.90  ? 81  GLY A CA    1 
ATOM   616  C C     . GLY A 1 87  ? 5.732   -3.052  3.369   1.00 39.48  ? 81  GLY A C     1 
ATOM   617  O O     . GLY A 1 87  ? 6.916   -3.196  3.699   1.00 40.85  ? 81  GLY A O     1 
ATOM   618  N N     . ILE A 1 88  ? 5.311   -2.186  2.467   1.00 39.61  ? 82  ILE A N     1 
ATOM   619  C CA    . ILE A 1 88  ? 6.178   -1.486  1.596   1.00 40.65  ? 82  ILE A CA    1 
ATOM   620  C C     . ILE A 1 88  ? 7.088   -0.517  2.368   1.00 41.66  ? 82  ILE A C     1 
ATOM   621  O O     . ILE A 1 88  ? 8.013   -0.043  1.790   1.00 40.98  ? 82  ILE A O     1 
ATOM   622  C CB    . ILE A 1 88  ? 5.385   -0.687  0.578   1.00 39.96  ? 82  ILE A CB    1 
ATOM   623  C CG1   . ILE A 1 88  ? 6.205   -0.383  -0.677  1.00 40.52  ? 82  ILE A CG1   1 
ATOM   624  C CG2   . ILE A 1 88  ? 4.865   0.604   1.199   1.00 39.15  ? 82  ILE A CG2   1 
ATOM   625  C CD1   . ILE A 1 88  ? 6.158   -1.437  -1.733  1.00 41.78  ? 82  ILE A CD1   1 
ATOM   626  N N     . VAL A 1 89  ? 6.761   -0.225  3.628   1.00 43.45  ? 83  VAL A N     1 
ATOM   627  C CA    . VAL A 1 89  ? 7.473   0.727   4.455   1.00 45.63  ? 83  VAL A CA    1 
ATOM   628  C C     . VAL A 1 89  ? 8.691   0.170   5.171   1.00 47.47  ? 83  VAL A C     1 
ATOM   629  O O     . VAL A 1 89  ? 9.425   0.924   5.790   1.00 46.86  ? 83  VAL A O     1 
ATOM   630  C CB    . VAL A 1 89  ? 6.582   1.399   5.494   1.00 45.08  ? 83  VAL A CB    1 
ATOM   631  C CG1   . VAL A 1 89  ? 5.515   2.213   4.792   1.00 44.83  ? 83  VAL A CG1   1 
ATOM   632  C CG2   . VAL A 1 89  ? 6.077   0.401   6.554   1.00 43.57  ? 83  VAL A CG2   1 
ATOM   633  N N     . MET A 1 90  ? 8.866   -1.150  5.089   1.00 50.11  ? 84  MET A N     1 
ATOM   634  C CA    . MET A 1 90  ? 9.988   -1.827  5.683   1.00 52.63  ? 84  MET A CA    1 
ATOM   635  C C     . MET A 1 90  ? 11.228  -1.551  4.857   1.00 54.03  ? 84  MET A C     1 
ATOM   636  O O     . MET A 1 90  ? 12.352  -1.727  5.345   1.00 54.67  ? 84  MET A O     1 
ATOM   637  C CB    . MET A 1 90  ? 9.764   -3.314  5.670   1.00 52.70  ? 84  MET A CB    1 
ATOM   638  C CG    . MET A 1 90  ? 8.690   -3.838  6.564   1.00 57.75  ? 84  MET A CG    1 
ATOM   639  S SD    . MET A 1 90  ? 8.185   -5.488  5.941   1.00 64.67  ? 84  MET A SD    1 
ATOM   640  C CE    . MET A 1 90  ? 9.767   -6.340  5.767   1.00 64.74  ? 84  MET A CE    1 
ATOM   641  N N     . HIS A 1 91  ? 11.030  -1.151  3.598   1.00 55.26  ? 85  HIS A N     1 
ATOM   642  C CA    . HIS A 1 91  ? 12.152  -0.987  2.655   1.00 56.02  ? 85  HIS A CA    1 
ATOM   643  C C     . HIS A 1 91  ? 12.883  0.362   2.721   1.00 56.72  ? 85  HIS A C     1 
ATOM   644  O O     . HIS A 1 91  ? 12.329  1.402   2.418   1.00 56.72  ? 85  HIS A O     1 
ATOM   645  C CB    . HIS A 1 91  ? 11.689  -1.328  1.240   1.00 54.76  ? 85  HIS A CB    1 
ATOM   646  C CG    . HIS A 1 91  ? 10.970  -2.633  1.155   1.00 53.49  ? 85  HIS A CG    1 
ATOM   647  N ND1   . HIS A 1 91  ? 11.456  -3.792  1.732   1.00 52.70  ? 85  HIS A ND1   1 
ATOM   648  C CD2   . HIS A 1 91  ? 9.778   -2.960  0.589   1.00 48.70  ? 85  HIS A CD2   1 
ATOM   649  C CE1   . HIS A 1 91  ? 10.591  -4.773  1.516   1.00 51.50  ? 85  HIS A CE1   1 
ATOM   650  N NE2   . HIS A 1 91  ? 9.569   -4.295  0.825   1.00 46.06  ? 85  HIS A NE2   1 
ATOM   651  N N     . GLU A 1 92  ? 14.146  0.327   3.123   1.00 59.30  ? 86  GLU A N     1 
ATOM   652  C CA    . GLU A 1 92  ? 14.989  1.527   3.246   1.00 60.80  ? 86  GLU A CA    1 
ATOM   653  C C     . GLU A 1 92  ? 14.826  2.473   2.050   1.00 61.12  ? 86  GLU A C     1 
ATOM   654  O O     . GLU A 1 92  ? 14.643  3.685   2.218   1.00 61.13  ? 86  GLU A O     1 
ATOM   655  C CB    . GLU A 1 92  ? 16.458  1.094   3.361   1.00 61.74  ? 86  GLU A CB    1 
ATOM   656  C CG    . GLU A 1 92  ? 17.469  2.238   3.523   1.00 65.15  ? 86  GLU A CG    1 
ATOM   657  C CD    . GLU A 1 92  ? 17.640  2.706   4.989   1.00 70.27  ? 86  GLU A CD    1 
ATOM   658  O OE1   . GLU A 1 92  ? 16.718  2.478   5.830   1.00 71.48  ? 86  GLU A OE1   1 
ATOM   659  O OE2   . GLU A 1 92  ? 18.709  3.317   5.289   1.00 72.14  ? 86  GLU A OE2   1 
ATOM   660  N N     . ASN A 1 93  ? 14.869  1.877   0.856   1.00 61.65  ? 87  ASN A N     1 
ATOM   661  C CA    . ASN A 1 93  ? 14.866  2.562   -0.438  1.00 62.28  ? 87  ASN A CA    1 
ATOM   662  C C     . ASN A 1 93  ? 13.539  3.170   -0.910  1.00 63.35  ? 87  ASN A C     1 
ATOM   663  O O     . ASN A 1 93  ? 13.488  3.771   -1.978  1.00 63.57  ? 87  ASN A O     1 
ATOM   664  C CB    . ASN A 1 93  ? 15.411  1.613   -1.519  1.00 62.30  ? 87  ASN A CB    1 
ATOM   665  C CG    . ASN A 1 93  ? 14.515  0.396   -1.755  1.00 61.62  ? 87  ASN A CG    1 
ATOM   666  O OD1   . ASN A 1 93  ? 14.347  -0.050  -2.884  1.00 61.33  ? 87  ASN A OD1   1 
ATOM   667  N ND2   . ASN A 1 93  ? 13.954  -0.145  -0.694  1.00 60.09  ? 87  ASN A ND2   1 
ATOM   668  N N     . LEU A 1 94  ? 12.468  3.020   -0.128  1.00 64.10  ? 88  LEU A N     1 
ATOM   669  C CA    . LEU A 1 94  ? 11.228  3.735   -0.401  1.00 64.72  ? 88  LEU A CA    1 
ATOM   670  C C     . LEU A 1 94  ? 11.470  5.250   -0.442  1.00 65.41  ? 88  LEU A C     1 
ATOM   671  O O     . LEU A 1 94  ? 10.895  5.965   -1.266  1.00 64.98  ? 88  LEU A O     1 
ATOM   672  C CB    . LEU A 1 94  ? 10.174  3.400   0.657   1.00 64.58  ? 88  LEU A CB    1 
ATOM   673  C CG    . LEU A 1 94  ? 8.695   3.424   0.270   1.00 63.82  ? 88  LEU A CG    1 
ATOM   674  C CD1   . LEU A 1 94  ? 7.843   3.590   1.519   1.00 63.46  ? 88  LEU A CD1   1 
ATOM   675  C CD2   . LEU A 1 94  ? 8.340   4.500   -0.736  1.00 64.25  ? 88  LEU A CD2   1 
ATOM   676  N N     . LYS A 1 95  ? 12.345  5.737   0.435   1.00 66.60  ? 89  LYS A N     1 
ATOM   677  C CA    . LYS A 1 95  ? 12.651  7.153   0.441   1.00 67.26  ? 89  LYS A CA    1 
ATOM   678  C C     . LYS A 1 95  ? 13.088  7.649   -0.938  1.00 66.64  ? 89  LYS A C     1 
ATOM   679  O O     . LYS A 1 95  ? 14.063  7.154   -1.521  1.00 66.76  ? 89  LYS A O     1 
ATOM   680  C CB    . LYS A 1 95  ? 13.692  7.495   1.502   1.00 68.29  ? 89  LYS A CB    1 
ATOM   681  C CG    . LYS A 1 95  ? 13.574  8.960   2.014   1.00 72.35  ? 89  LYS A CG    1 
ATOM   682  C CD    . LYS A 1 95  ? 12.088  9.446   2.040   1.00 76.57  ? 89  LYS A CD    1 
ATOM   683  C CE    . LYS A 1 95  ? 11.816  10.500  3.133   1.00 78.82  ? 89  LYS A CE    1 
ATOM   684  N NZ    . LYS A 1 95  ? 11.249  9.909   4.403   1.00 80.17  ? 89  LYS A NZ    1 
ATOM   685  N N     . GLY A 1 96  ? 12.329  8.616   -1.458  1.00 65.92  ? 90  GLY A N     1 
ATOM   686  C CA    . GLY A 1 96  ? 12.707  9.326   -2.686  1.00 64.40  ? 90  GLY A CA    1 
ATOM   687  C C     . GLY A 1 96  ? 11.940  8.908   -3.920  1.00 63.54  ? 90  GLY A C     1 
ATOM   688  O O     . GLY A 1 96  ? 12.314  9.288   -5.024  1.00 63.57  ? 90  GLY A O     1 
ATOM   689  N N     . LEU A 1 97  ? 10.856  8.153   -3.717  1.00 62.26  ? 91  LEU A N     1 
ATOM   690  C CA    . LEU A 1 97  ? 10.048  7.589   -4.796  1.00 60.87  ? 91  LEU A CA    1 
ATOM   691  C C     . LEU A 1 97  ? 8.940   8.539   -5.296  1.00 60.12  ? 91  LEU A C     1 
ATOM   692  O O     . LEU A 1 97  ? 8.609   8.552   -6.491  1.00 59.88  ? 91  LEU A O     1 
ATOM   693  C CB    . LEU A 1 97  ? 9.397   6.281   -4.323  1.00 60.41  ? 91  LEU A CB    1 
ATOM   694  C CG    . LEU A 1 97  ? 9.015   5.141   -5.296  1.00 60.48  ? 91  LEU A CG    1 
ATOM   695  C CD1   . LEU A 1 97  ? 7.608   4.651   -4.966  1.00 61.07  ? 91  LEU A CD1   1 
ATOM   696  C CD2   . LEU A 1 97  ? 9.109   5.452   -6.775  1.00 58.40  ? 91  LEU A CD2   1 
ATOM   697  N N     . GLY A 1 98  ? 8.350   9.289   -4.366  1.00 59.25  ? 92  GLY A N     1 
ATOM   698  C CA    . GLY A 1 98  ? 7.201   10.150  -4.641  1.00 57.76  ? 92  GLY A CA    1 
ATOM   699  C C     . GLY A 1 98  ? 6.716   10.831  -3.378  1.00 56.71  ? 92  GLY A C     1 
ATOM   700  O O     . GLY A 1 98  ? 7.150   10.512  -2.286  1.00 57.53  ? 92  GLY A O     1 
ATOM   701  N N     . THR A 1 99  ? 5.837   11.798  -3.521  1.00 55.72  ? 93  THR A N     1 
ATOM   702  C CA    . THR A 1 99  ? 5.178   12.370  -2.378  1.00 54.88  ? 93  THR A CA    1 
ATOM   703  C C     . THR A 1 99  ? 4.191   11.331  -1.884  1.00 54.27  ? 93  THR A C     1 
ATOM   704  O O     . THR A 1 99  ? 3.298   10.895  -2.622  1.00 52.54  ? 93  THR A O     1 
ATOM   705  C CB    . THR A 1 99  ? 4.457   13.623  -2.797  1.00 55.21  ? 93  THR A CB    1 
ATOM   706  O OG1   . THR A 1 99  ? 5.168   14.181  -3.904  1.00 56.95  ? 93  THR A OG1   1 
ATOM   707  C CG2   . THR A 1 99  ? 4.439   14.633  -1.668  1.00 55.82  ? 93  THR A CG2   1 
ATOM   708  N N     . THR A 1 100 ? 4.357   10.950  -0.625  1.00 53.44  ? 94  THR A N     1 
ATOM   709  C CA    . THR A 1 100 ? 3.665   9.794   -0.090  1.00 53.27  ? 94  THR A CA    1 
ATOM   710  C C     . THR A 1 100 ? 2.536   10.155  0.856   1.00 52.51  ? 94  THR A C     1 
ATOM   711  O O     . THR A 1 100 ? 2.678   11.005  1.720   1.00 52.57  ? 94  THR A O     1 
ATOM   712  C CB    . THR A 1 100 ? 4.653   8.883   0.608   1.00 53.74  ? 94  THR A CB    1 
ATOM   713  O OG1   . THR A 1 100 ? 5.348   9.641   1.594   1.00 55.03  ? 94  THR A OG1   1 
ATOM   714  C CG2   . THR A 1 100 ? 5.692   8.422   -0.365  1.00 54.13  ? 94  THR A CG2   1 
ATOM   715  N N     . PHE A 1 101 ? 1.410   9.480   0.687   1.00 51.76  ? 95  PHE A N     1 
ATOM   716  C CA    . PHE A 1 101 ? 0.208   9.831   1.401   1.00 51.40  ? 95  PHE A CA    1 
ATOM   717  C C     . PHE A 1 101 ? -0.228  8.666   2.233   1.00 50.92  ? 95  PHE A C     1 
ATOM   718  O O     . PHE A 1 101 ? -0.602  7.626   1.702   1.00 51.49  ? 95  PHE A O     1 
ATOM   719  C CB    . PHE A 1 101 ? -0.929  10.204  0.430   1.00 51.57  ? 95  PHE A CB    1 
ATOM   720  C CG    . PHE A 1 101 ? -0.617  11.384  -0.444  1.00 52.46  ? 95  PHE A CG    1 
ATOM   721  C CD1   . PHE A 1 101 ? -0.081  11.193  -1.720  1.00 51.96  ? 95  PHE A CD1   1 
ATOM   722  C CD2   . PHE A 1 101 ? -0.839  12.691  0.013   1.00 52.54  ? 95  PHE A CD2   1 
ATOM   723  C CE1   . PHE A 1 101 ? 0.230   12.266  -2.526  1.00 53.50  ? 95  PHE A CE1   1 
ATOM   724  C CE2   . PHE A 1 101 ? -0.541  13.770  -0.783  1.00 53.48  ? 95  PHE A CE2   1 
ATOM   725  C CZ    . PHE A 1 101 ? -0.003  13.563  -2.062  1.00 55.06  ? 95  PHE A CZ    1 
ATOM   726  N N     . TYR A 1 102 ? -0.255  8.867   3.541   1.00 50.07  ? 96  TYR A N     1 
ATOM   727  C CA    . TYR A 1 102 ? -0.535  7.795   4.478   1.00 49.39  ? 96  TYR A CA    1 
ATOM   728  C C     . TYR A 1 102 ? -2.008  7.693   4.872   1.00 49.40  ? 96  TYR A C     1 
ATOM   729  O O     . TYR A 1 102 ? -2.561  8.570   5.527   1.00 49.66  ? 96  TYR A O     1 
ATOM   730  C CB    . TYR A 1 102 ? 0.425   7.946   5.659   1.00 48.71  ? 96  TYR A CB    1 
ATOM   731  C CG    . TYR A 1 102 ? 0.165   7.159   6.916   1.00 48.44  ? 96  TYR A CG    1 
ATOM   732  C CD1   . TYR A 1 102 ? 0.513   7.708   8.153   1.00 50.33  ? 96  TYR A CD1   1 
ATOM   733  C CD2   . TYR A 1 102 ? -0.372  5.866   6.893   1.00 46.21  ? 96  TYR A CD2   1 
ATOM   734  C CE1   . TYR A 1 102 ? 0.297   7.018   9.334   1.00 49.08  ? 96  TYR A CE1   1 
ATOM   735  C CE2   . TYR A 1 102 ? -0.603  5.180   8.067   1.00 46.99  ? 96  TYR A CE2   1 
ATOM   736  C CZ    . TYR A 1 102 ? -0.266  5.759   9.290   1.00 48.25  ? 96  TYR A CZ    1 
ATOM   737  O OH    . TYR A 1 102 ? -0.460  5.091   10.492  1.00 47.11  ? 96  TYR A OH    1 
ATOM   738  N N     . LEU A 1 103 ? -2.631  6.595   4.481   1.00 49.95  ? 97  LEU A N     1 
ATOM   739  C CA    . LEU A 1 103 ? -4.042  6.355   4.773   1.00 50.95  ? 97  LEU A CA    1 
ATOM   740  C C     . LEU A 1 103 ? -4.283  5.806   6.211   1.00 52.04  ? 97  LEU A C     1 
ATOM   741  O O     . LEU A 1 103 ? -4.651  4.640   6.396   1.00 52.02  ? 97  LEU A O     1 
ATOM   742  C CB    . LEU A 1 103 ? -4.646  5.452   3.686   1.00 50.33  ? 97  LEU A CB    1 
ATOM   743  C CG    . LEU A 1 103 ? -5.056  6.085   2.335   1.00 51.43  ? 97  LEU A CG    1 
ATOM   744  C CD1   . LEU A 1 103 ? -4.193  7.282   1.859   1.00 48.28  ? 97  LEU A CD1   1 
ATOM   745  C CD2   . LEU A 1 103 ? -5.210  5.070   1.231   1.00 49.11  ? 97  LEU A CD2   1 
ATOM   746  N N     . LYS A 1 104 ? -4.083  6.681   7.205   1.00 53.25  ? 98  LYS A N     1 
ATOM   747  C CA    . LYS A 1 104 ? -4.228  6.366   8.635   1.00 53.99  ? 98  LYS A CA    1 
ATOM   748  C C     . LYS A 1 104 ? -5.610  5.944   9.050   1.00 54.95  ? 98  LYS A C     1 
ATOM   749  O O     . LYS A 1 104 ? -6.604  6.637   8.825   1.00 55.05  ? 98  LYS A O     1 
ATOM   750  C CB    . LYS A 1 104 ? -3.794  7.551   9.491   1.00 54.10  ? 98  LYS A CB    1 
ATOM   751  C CG    . LYS A 1 104 ? -3.665  7.309   11.023  1.00 54.37  ? 98  LYS A CG    1 
ATOM   752  C CD    . LYS A 1 104 ? -2.950  8.534   11.612  1.00 56.81  ? 98  LYS A CD    1 
ATOM   753  C CE    . LYS A 1 104 ? -2.605  8.418   13.087  1.00 58.28  ? 98  LYS A CE    1 
ATOM   754  N NZ    . LYS A 1 104 ? -1.246  9.024   13.342  1.00 58.56  ? 98  LYS A NZ    1 
ATOM   755  N N     . MET A 1 105 ? -5.656  4.776   9.660   1.00 56.37  ? 99  MET A N     1 
ATOM   756  C CA    . MET A 1 105 ? -6.850  4.271   10.313  1.00 57.70  ? 99  MET A CA    1 
ATOM   757  C C     . MET A 1 105 ? -6.364  3.530   11.558  1.00 58.15  ? 99  MET A C     1 
ATOM   758  O O     . MET A 1 105 ? -5.145  3.483   11.850  1.00 57.58  ? 99  MET A O     1 
ATOM   759  C CB    . MET A 1 105 ? -7.604  3.315   9.413   1.00 58.12  ? 99  MET A CB    1 
ATOM   760  C CG    . MET A 1 105 ? -8.842  3.889   8.753   1.00 61.34  ? 99  MET A CG    1 
ATOM   761  S SD    . MET A 1 105 ? -9.298  2.878   7.331   1.00 66.25  ? 99  MET A SD    1 
ATOM   762  C CE    . MET A 1 105 ? -11.067 2.743   7.548   1.00 65.89  ? 99  MET A CE    1 
ATOM   763  N N     . ASP A 1 106 ? -7.321  2.982   12.299  1.00 57.88  ? 100 ASP A N     1 
ATOM   764  C CA    . ASP A 1 106 ? -7.044  2.277   13.545  1.00 58.39  ? 100 ASP A CA    1 
ATOM   765  C C     . ASP A 1 106 ? -7.311  0.805   13.285  1.00 57.36  ? 100 ASP A C     1 
ATOM   766  O O     . ASP A 1 106 ? -8.136  0.460   12.403  1.00 58.32  ? 100 ASP A O     1 
ATOM   767  C CB    . ASP A 1 106 ? -7.888  2.841   14.725  1.00 58.69  ? 100 ASP A CB    1 
ATOM   768  C CG    . ASP A 1 106 ? -9.423  2.682   14.506  1.00 63.46  ? 100 ASP A CG    1 
ATOM   769  O OD1   . ASP A 1 106 ? -10.136 3.731   14.421  1.00 69.54  ? 100 ASP A OD1   1 
ATOM   770  O OD2   . ASP A 1 106 ? -9.920  1.520   14.394  1.00 63.96  ? 100 ASP A OD2   1 
ATOM   771  N N     . PHE A 1 107 ? -6.660  -0.062  14.050  1.00 56.07  ? 101 PHE A N     1 
ATOM   772  C CA    . PHE A 1 107 ? -6.663  -1.480  13.734  1.00 55.33  ? 101 PHE A CA    1 
ATOM   773  C C     . PHE A 1 107 ? -8.070  -2.040  13.508  1.00 56.10  ? 101 PHE A C     1 
ATOM   774  O O     . PHE A 1 107 ? -8.287  -2.868  12.631  1.00 56.14  ? 101 PHE A O     1 
ATOM   775  C CB    . PHE A 1 107 ? -5.916  -2.286  14.802  1.00 54.47  ? 101 PHE A CB    1 
ATOM   776  C CG    . PHE A 1 107 ? -5.846  -3.746  14.497  1.00 52.65  ? 101 PHE A CG    1 
ATOM   777  C CD1   . PHE A 1 107 ? -6.752  -4.644  15.081  1.00 53.43  ? 101 PHE A CD1   1 
ATOM   778  C CD2   . PHE A 1 107 ? -4.933  -4.233  13.579  1.00 49.34  ? 101 PHE A CD2   1 
ATOM   779  C CE1   . PHE A 1 107 ? -6.694  -6.021  14.790  1.00 51.13  ? 101 PHE A CE1   1 
ATOM   780  C CE2   . PHE A 1 107 ? -4.878  -5.586  13.275  1.00 48.47  ? 101 PHE A CE2   1 
ATOM   781  C CZ    . PHE A 1 107 ? -5.757  -6.488  13.891  1.00 50.19  ? 101 PHE A CZ    1 
ATOM   782  N N     . GLU A 1 108 ? -9.026  -1.553  14.283  1.00 57.25  ? 102 GLU A N     1 
ATOM   783  C CA    . GLU A 1 108 ? -10.338 -2.202  14.393  1.00 58.83  ? 102 GLU A CA    1 
ATOM   784  C C     . GLU A 1 108 ? -11.206 -1.779  13.231  1.00 58.05  ? 102 GLU A C     1 
ATOM   785  O O     . GLU A 1 108 ? -11.928 -2.595  12.662  1.00 57.78  ? 102 GLU A O     1 
ATOM   786  C CB    . GLU A 1 108 ? -11.003 -1.820  15.738  1.00 59.81  ? 102 GLU A CB    1 
ATOM   787  C CG    . GLU A 1 108 ? -9.984  -1.750  16.944  1.00 62.76  ? 102 GLU A CG    1 
ATOM   788  C CD    . GLU A 1 108 ? -9.430  -3.139  17.382  1.00 65.61  ? 102 GLU A CD    1 
ATOM   789  O OE1   . GLU A 1 108 ? -10.084 -4.177  17.070  1.00 68.65  ? 102 GLU A OE1   1 
ATOM   790  O OE2   . GLU A 1 108 ? -8.358  -3.192  18.047  1.00 64.06  ? 102 GLU A OE2   1 
ATOM   791  N N     . THR A 1 109 ? -11.124 -0.500  12.882  1.00 57.61  ? 103 THR A N     1 
ATOM   792  C CA    . THR A 1 109 ? -11.840 0.009   11.719  1.00 57.72  ? 103 THR A CA    1 
ATOM   793  C C     . THR A 1 109 ? -11.293 -0.715  10.440  1.00 57.78  ? 103 THR A C     1 
ATOM   794  O O     . THR A 1 109 ? -12.040 -1.451  9.764   1.00 57.68  ? 103 THR A O     1 
ATOM   795  C CB    . THR A 1 109 ? -11.946 1.604   11.736  1.00 57.77  ? 103 THR A CB    1 
ATOM   796  O OG1   . THR A 1 109 ? -12.293 2.113   10.448  1.00 59.23  ? 103 THR A OG1   1 
ATOM   797  C CG2   . THR A 1 109 ? -10.646 2.297   12.145  1.00 57.57  ? 103 THR A CG2   1 
ATOM   798  N N     . LEU A 1 110 ? -9.983  -0.598  10.203  1.00 57.38  ? 104 LEU A N     1 
ATOM   799  C CA    . LEU A 1 110 ? -9.232  -1.386  9.200   1.00 57.73  ? 104 LEU A CA    1 
ATOM   800  C C     . LEU A 1 110 ? -9.693  -2.820  8.965   1.00 57.85  ? 104 LEU A C     1 
ATOM   801  O O     . LEU A 1 110 ? -9.916  -3.234  7.843   1.00 57.26  ? 104 LEU A O     1 
ATOM   802  C CB    . LEU A 1 110 ? -7.738  -1.451  9.576   1.00 57.02  ? 104 LEU A CB    1 
ATOM   803  C CG    . LEU A 1 110 ? -6.925  -0.174  9.365   1.00 58.21  ? 104 LEU A CG    1 
ATOM   804  C CD1   . LEU A 1 110 ? -5.564  -0.249  10.048  1.00 55.19  ? 104 LEU A CD1   1 
ATOM   805  C CD2   . LEU A 1 110 ? -6.771  0.182   7.867   1.00 58.65  ? 104 LEU A CD2   1 
ATOM   806  N N     . ILE A 1 111 ? -9.766  -3.577  10.046  1.00 59.44  ? 105 ILE A N     1 
ATOM   807  C CA    . ILE A 1 111 ? -10.115 -4.990  10.049  1.00 61.15  ? 105 ILE A CA    1 
ATOM   808  C C     . ILE A 1 111 ? -11.585 -5.189  9.717   1.00 62.55  ? 105 ILE A C     1 
ATOM   809  O O     . ILE A 1 111 ? -11.943 -6.145  9.016   1.00 62.83  ? 105 ILE A O     1 
ATOM   810  C CB    . ILE A 1 111 ? -9.765  -5.591  11.457  1.00 61.25  ? 105 ILE A CB    1 
ATOM   811  C CG1   . ILE A 1 111 ? -8.254  -5.744  11.595  1.00 60.85  ? 105 ILE A CG1   1 
ATOM   812  C CG2   . ILE A 1 111 ? -10.400 -6.948  11.720  1.00 61.09  ? 105 ILE A CG2   1 
ATOM   813  C CD1   . ILE A 1 111 ? -7.639  -6.703  10.600  1.00 58.51  ? 105 ILE A CD1   1 
ATOM   814  N N     . LYS A 1 112 ? -12.424 -4.272  10.203  1.00 64.38  ? 106 LYS A N     1 
ATOM   815  C CA    . LYS A 1 112 ? -13.880 -4.437  10.131  1.00 66.61  ? 106 LYS A CA    1 
ATOM   816  C C     . LYS A 1 112 ? -14.325 -4.556  8.672   1.00 67.24  ? 106 LYS A C     1 
ATOM   817  O O     . LYS A 1 112 ? -15.134 -5.435  8.320   1.00 67.00  ? 106 LYS A O     1 
ATOM   818  C CB    . LYS A 1 112 ? -14.570 -3.262  10.821  1.00 66.82  ? 106 LYS A CB    1 
ATOM   819  C CG    . LYS A 1 112 ? -15.943 -3.551  11.432  1.00 70.38  ? 106 LYS A CG    1 
ATOM   820  C CD    . LYS A 1 112 ? -16.577 -2.246  11.996  1.00 74.32  ? 106 LYS A CD    1 
ATOM   821  C CE    . LYS A 1 112 ? -15.812 -1.724  13.234  1.00 77.19  ? 106 LYS A CE    1 
ATOM   822  N NZ    . LYS A 1 112 ? -15.418 -0.262  13.122  1.00 79.62  ? 106 LYS A NZ    1 
ATOM   823  N N     . ARG A 1 113 ? -13.727 -3.710  7.833   1.00 68.24  ? 107 ARG A N     1 
ATOM   824  C CA    . ARG A 1 113 ? -14.063 -3.627  6.409   1.00 69.57  ? 107 ARG A CA    1 
ATOM   825  C C     . ARG A 1 113 ? -13.331 -4.601  5.453   1.00 69.64  ? 107 ARG A C     1 
ATOM   826  O O     . ARG A 1 113 ? -13.298 -4.376  4.250   1.00 69.92  ? 107 ARG A O     1 
ATOM   827  C CB    . ARG A 1 113 ? -13.854 -2.188  5.924   1.00 70.14  ? 107 ARG A CB    1 
ATOM   828  C CG    . ARG A 1 113 ? -12.399 -1.767  5.794   1.00 71.91  ? 107 ARG A CG    1 
ATOM   829  C CD    . ARG A 1 113 ? -12.152 -0.465  6.506   1.00 76.12  ? 107 ARG A CD    1 
ATOM   830  N NE    . ARG A 1 113 ? -13.092 0.620   6.181   1.00 81.45  ? 107 ARG A NE    1 
ATOM   831  C CZ    . ARG A 1 113 ? -14.126 1.023   6.935   1.00 84.54  ? 107 ARG A CZ    1 
ATOM   832  N NH1   . ARG A 1 113 ? -14.449 0.423   8.093   1.00 86.30  ? 107 ARG A NH1   1 
ATOM   833  N NH2   . ARG A 1 113 ? -14.857 2.044   6.517   1.00 84.97  ? 107 ARG A NH2   1 
ATOM   834  N N     . LEU A 1 114 ? -12.739 -5.669  5.966   1.00 69.46  ? 108 LEU A N     1 
ATOM   835  C CA    . LEU A 1 114 ? -12.250 -6.693  5.079   1.00 68.99  ? 108 LEU A CA    1 
ATOM   836  C C     . LEU A 1 114 ? -13.126 -7.888  5.304   1.00 69.43  ? 108 LEU A C     1 
ATOM   837  O O     . LEU A 1 114 ? -13.115 -8.435  6.400   1.00 69.83  ? 108 LEU A O     1 
ATOM   838  C CB    . LEU A 1 114 ? -10.797 -7.042  5.393   1.00 69.00  ? 108 LEU A CB    1 
ATOM   839  C CG    . LEU A 1 114 ? -9.700  -6.006  5.098   1.00 67.19  ? 108 LEU A CG    1 
ATOM   840  C CD1   . LEU A 1 114 ? -8.374  -6.599  5.459   1.00 64.93  ? 108 LEU A CD1   1 
ATOM   841  C CD2   . LEU A 1 114 ? -9.677  -5.572  3.621   1.00 65.61  ? 108 LEU A CD2   1 
ATOM   842  N N     . ASN A 1 115 ? -13.904 -8.287  4.293   1.00 69.86  ? 109 ASN A N     1 
ATOM   843  C CA    . ASN A 1 115 ? -14.737 -9.496  4.424   1.00 70.26  ? 109 ASN A CA    1 
ATOM   844  C C     . ASN A 1 115 ? -13.822 -10.709 4.588   1.00 70.09  ? 109 ASN A C     1 
ATOM   845  O O     . ASN A 1 115 ? -12.603 -10.549 4.563   1.00 69.78  ? 109 ASN A O     1 
ATOM   846  C CB    . ASN A 1 115 ? -15.755 -9.648  3.273   1.00 70.38  ? 109 ASN A CB    1 
ATOM   847  C CG    . ASN A 1 115 ? -15.193 -10.377 2.027   1.00 71.89  ? 109 ASN A CG    1 
ATOM   848  O OD1   . ASN A 1 115 ? -14.121 -11.000 2.052   1.00 72.23  ? 109 ASN A OD1   1 
ATOM   849  N ND2   . ASN A 1 115 ? -15.951 -10.304 0.928   1.00 72.93  ? 109 ASN A ND2   1 
ATOM   850  N N     . GLN A 1 116 ? -14.386 -11.904 4.753   1.00 70.06  ? 110 GLN A N     1 
ATOM   851  C CA    . GLN A 1 116 ? -13.561 -13.090 5.034   1.00 70.08  ? 110 GLN A CA    1 
ATOM   852  C C     . GLN A 1 116 ? -12.618 -13.497 3.881   1.00 70.08  ? 110 GLN A C     1 
ATOM   853  O O     . GLN A 1 116 ? -11.387 -13.480 4.053   1.00 69.55  ? 110 GLN A O     1 
ATOM   854  C CB    . GLN A 1 116 ? -14.411 -14.269 5.549   1.00 70.60  ? 110 GLN A CB    1 
ATOM   855  C CG    . GLN A 1 116 ? -13.595 -15.416 6.229   1.00 72.14  ? 110 GLN A CG    1 
ATOM   856  C CD    . GLN A 1 116 ? -12.603 -14.947 7.347   1.00 73.53  ? 110 GLN A CD    1 
ATOM   857  O OE1   . GLN A 1 116 ? -12.941 -14.103 8.195   1.00 73.53  ? 110 GLN A OE1   1 
ATOM   858  N NE2   . GLN A 1 116 ? -11.381 -15.512 7.341   1.00 72.53  ? 110 GLN A NE2   1 
ATOM   859  N N     . LYS A 1 117 ? -13.180 -13.827 2.712   1.00 69.89  ? 111 LYS A N     1 
ATOM   860  C CA    . LYS A 1 117 ? -12.383 -14.076 1.491   1.00 69.90  ? 111 LYS A CA    1 
ATOM   861  C C     . LYS A 1 117 ? -11.195 -13.100 1.381   1.00 68.86  ? 111 LYS A C     1 
ATOM   862  O O     . LYS A 1 117 ? -10.053 -13.507 1.108   1.00 69.14  ? 111 LYS A O     1 
ATOM   863  C CB    . LYS A 1 117 ? -13.252 -13.951 0.217   1.00 70.55  ? 111 LYS A CB    1 
ATOM   864  C CG    . LYS A 1 117 ? -14.467 -14.905 0.132   1.00 72.14  ? 111 LYS A CG    1 
ATOM   865  C CD    . LYS A 1 117 ? -15.362 -14.513 -1.054  1.00 75.72  ? 111 LYS A CD    1 
ATOM   866  C CE    . LYS A 1 117 ? -16.819 -15.047 -0.893  1.00 77.22  ? 111 LYS A CE    1 
ATOM   867  N NZ    . LYS A 1 117 ? -16.984 -16.542 -1.096  1.00 75.28  ? 111 LYS A NZ    1 
ATOM   868  N N     . GLU A 1 118 ? -11.498 -11.823 1.613   1.00 67.37  ? 112 GLU A N     1 
ATOM   869  C CA    . GLU A 1 118 ? -10.574 -10.700 1.470   1.00 66.67  ? 112 GLU A CA    1 
ATOM   870  C C     . GLU A 1 118 ? -9.401  -10.700 2.501   1.00 65.78  ? 112 GLU A C     1 
ATOM   871  O O     . GLU A 1 118 ? -8.240  -10.392 2.155   1.00 65.85  ? 112 GLU A O     1 
ATOM   872  C CB    . GLU A 1 118 ? -11.424 -9.416  1.484   1.00 66.90  ? 112 GLU A CB    1 
ATOM   873  C CG    . GLU A 1 118 ? -10.742 -8.110  1.094   1.00 69.59  ? 112 GLU A CG    1 
ATOM   874  C CD    . GLU A 1 118 ? -10.577 -7.857  -0.424  1.00 71.80  ? 112 GLU A CD    1 
ATOM   875  O OE1   . GLU A 1 118 ? -10.823 -8.777  -1.250  1.00 71.13  ? 112 GLU A OE1   1 
ATOM   876  O OE2   . GLU A 1 118 ? -10.187 -6.703  -0.778  1.00 72.00  ? 112 GLU A OE2   1 
ATOM   877  N N     . ARG A 1 119 ? -9.692  -11.083 3.749   1.00 64.52  ? 113 ARG A N     1 
ATOM   878  C CA    . ARG A 1 119 ? -8.656  -11.336 4.746   1.00 63.48  ? 113 ARG A CA    1 
ATOM   879  C C     . ARG A 1 119 ? -7.757  -12.503 4.373   1.00 62.26  ? 113 ARG A C     1 
ATOM   880  O O     . ARG A 1 119 ? -6.551  -12.515 4.700   1.00 62.46  ? 113 ARG A O     1 
ATOM   881  C CB    . ARG A 1 119 ? -9.268  -11.623 6.110   1.00 63.97  ? 113 ARG A CB    1 
ATOM   882  C CG    . ARG A 1 119 ? -9.723  -10.381 6.840   1.00 65.77  ? 113 ARG A CG    1 
ATOM   883  C CD    . ARG A 1 119 ? -10.567 -10.747 8.048   1.00 67.38  ? 113 ARG A CD    1 
ATOM   884  N NE    . ARG A 1 119 ? -11.419 -9.631  8.450   1.00 67.02  ? 113 ARG A NE    1 
ATOM   885  C CZ    . ARG A 1 119 ? -11.931 -9.495  9.666   1.00 66.36  ? 113 ARG A CZ    1 
ATOM   886  N NH1   . ARG A 1 119 ? -11.665 -10.405 10.608  1.00 63.29  ? 113 ARG A NH1   1 
ATOM   887  N NH2   . ARG A 1 119 ? -12.706 -8.446  9.934   1.00 65.55  ? 113 ARG A NH2   1 
ATOM   888  N N     . GLU A 1 120 ? -8.338  -13.478 3.687   1.00 60.21  ? 114 GLU A N     1 
ATOM   889  C CA    . GLU A 1 120 ? -7.638  -14.705 3.377   1.00 59.18  ? 114 GLU A CA    1 
ATOM   890  C C     . GLU A 1 120 ? -6.634  -14.509 2.246   1.00 57.46  ? 114 GLU A C     1 
ATOM   891  O O     . GLU A 1 120 ? -5.729  -15.320 2.075   1.00 56.96  ? 114 GLU A O     1 
ATOM   892  C CB    . GLU A 1 120 ? -8.635  -15.830 3.092   1.00 59.95  ? 114 GLU A CB    1 
ATOM   893  C CG    . GLU A 1 120 ? -9.478  -16.187 4.331   1.00 62.54  ? 114 GLU A CG    1 
ATOM   894  C CD    . GLU A 1 120 ? -10.597 -17.202 4.065   1.00 65.63  ? 114 GLU A CD    1 
ATOM   895  O OE1   . GLU A 1 120 ? -10.990 -17.435 2.896   1.00 66.32  ? 114 GLU A OE1   1 
ATOM   896  O OE2   . GLU A 1 120 ? -11.083 -17.774 5.053   1.00 67.23  ? 114 GLU A OE2   1 
ATOM   897  N N     . LYS A 1 121 ? -6.774  -13.403 1.522   1.00 55.64  ? 115 LYS A N     1 
ATOM   898  C CA    . LYS A 1 121 ? -5.795  -13.001 0.503   1.00 54.27  ? 115 LYS A CA    1 
ATOM   899  C C     . LYS A 1 121 ? -4.480  -12.481 1.101   1.00 52.61  ? 115 LYS A C     1 
ATOM   900  O O     . LYS A 1 121 ? -3.468  -12.367 0.408   1.00 51.65  ? 115 LYS A O     1 
ATOM   901  C CB    . LYS A 1 121 ? -6.400  -11.953 -0.431  1.00 54.28  ? 115 LYS A CB    1 
ATOM   902  C CG    . LYS A 1 121 ? -7.446  -12.530 -1.419  1.00 57.38  ? 115 LYS A CG    1 
ATOM   903  C CD    . LYS A 1 121 ? -8.512  -11.497 -1.848  1.00 58.74  ? 115 LYS A CD    1 
ATOM   904  C CE    . LYS A 1 121 ? -7.913  -10.335 -2.634  1.00 59.56  ? 115 LYS A CE    1 
ATOM   905  N NZ    . LYS A 1 121 ? -8.779  -9.918  -3.789  1.00 60.36  ? 115 LYS A NZ    1 
ATOM   906  N N     . ARG A 1 122 ? -4.531  -12.161 2.387   1.00 51.21  ? 116 ARG A N     1 
ATOM   907  C CA    . ARG A 1 122 ? -3.428  -11.499 3.103   1.00 50.12  ? 116 ARG A CA    1 
ATOM   908  C C     . ARG A 1 122 ? -2.841  -12.468 4.135   1.00 49.64  ? 116 ARG A C     1 
ATOM   909  O O     . ARG A 1 122 ? -3.447  -12.697 5.184   1.00 49.34  ? 116 ARG A O     1 
ATOM   910  C CB    . ARG A 1 122 ? -3.949  -10.247 3.795   1.00 49.37  ? 116 ARG A CB    1 
ATOM   911  C CG    . ARG A 1 122 ? -4.251  -9.151  2.812   1.00 49.14  ? 116 ARG A CG    1 
ATOM   912  C CD    . ARG A 1 122 ? -5.562  -8.496  3.077   1.00 46.58  ? 116 ARG A CD    1 
ATOM   913  N NE    . ARG A 1 122 ? -5.627  -7.224  2.365   1.00 43.10  ? 116 ARG A NE    1 
ATOM   914  C CZ    . ARG A 1 122 ? -6.519  -6.906  1.435   1.00 45.80  ? 116 ARG A CZ    1 
ATOM   915  N NH1   . ARG A 1 122 ? -7.502  -7.753  1.093   1.00 46.96  ? 116 ARG A NH1   1 
ATOM   916  N NH2   . ARG A 1 122 ? -6.448  -5.714  0.861   1.00 48.51  ? 116 ARG A NH2   1 
ATOM   917  N N     . PRO A 1 123 ? -1.677  -13.068 3.819   1.00 48.91  ? 117 PRO A N     1 
ATOM   918  C CA    . PRO A 1 123 ? -1.068  -14.023 4.725   1.00 48.49  ? 117 PRO A CA    1 
ATOM   919  C C     . PRO A 1 123 ? -0.847  -13.470 6.127   1.00 47.77  ? 117 PRO A C     1 
ATOM   920  O O     . PRO A 1 123 ? -1.051  -14.203 7.076   1.00 47.83  ? 117 PRO A O     1 
ATOM   921  C CB    . PRO A 1 123 ? 0.277   -14.331 4.059   1.00 47.44  ? 117 PRO A CB    1 
ATOM   922  C CG    . PRO A 1 123 ? -0.033  -14.160 2.643   1.00 48.98  ? 117 PRO A CG    1 
ATOM   923  C CD    . PRO A 1 123 ? -0.917  -12.967 2.563   1.00 48.41  ? 117 PRO A CD    1 
ATOM   924  N N     . LEU A 1 124 ? -0.450  -12.198 6.238   1.00 47.10  ? 118 LEU A N     1 
ATOM   925  C CA    . LEU A 1 124 ? -0.116  -11.592 7.523   1.00 46.46  ? 118 LEU A CA    1 
ATOM   926  C C     . LEU A 1 124 ? -1.364  -11.162 8.284   1.00 46.95  ? 118 LEU A C     1 
ATOM   927  O O     . LEU A 1 124 ? -1.293  -10.369 9.212   1.00 46.30  ? 118 LEU A O     1 
ATOM   928  C CB    . LEU A 1 124 ? 0.897   -10.453 7.351   1.00 45.97  ? 118 LEU A CB    1 
ATOM   929  C CG    . LEU A 1 124 ? 2.262   -10.841 6.747   1.00 45.35  ? 118 LEU A CG    1 
ATOM   930  C CD1   . LEU A 1 124 ? 3.299   -9.693  6.775   1.00 42.63  ? 118 LEU A CD1   1 
ATOM   931  C CD2   . LEU A 1 124 ? 2.839   -12.087 7.494   1.00 44.61  ? 118 LEU A CD2   1 
ATOM   932  N N     . LEU A 1 125 ? -2.515  -11.731 7.894   1.00 47.48  ? 119 LEU A N     1 
ATOM   933  C CA    . LEU A 1 125 ? -3.745  -11.664 8.670   1.00 48.08  ? 119 LEU A CA    1 
ATOM   934  C C     . LEU A 1 125 ? -4.193  -13.044 9.141   1.00 48.89  ? 119 LEU A C     1 
ATOM   935  O O     . LEU A 1 125 ? -5.383  -13.217 9.530   1.00 48.96  ? 119 LEU A O     1 
ATOM   936  C CB    . LEU A 1 125 ? -4.877  -11.097 7.809   1.00 47.87  ? 119 LEU A CB    1 
ATOM   937  C CG    . LEU A 1 125 ? -5.408  -9.689  8.029   1.00 48.04  ? 119 LEU A CG    1 
ATOM   938  C CD1   . LEU A 1 125 ? -4.363  -8.613  8.423   1.00 42.05  ? 119 LEU A CD1   1 
ATOM   939  C CD2   . LEU A 1 125 ? -6.243  -9.283  6.793   1.00 46.78  ? 119 LEU A CD2   1 
ATOM   940  N N     . ASN A 1 126 ? -3.284  -14.026 9.089   1.00 48.91  ? 120 ASN A N     1 
ATOM   941  C CA    . ASN A 1 126 ? -3.674  -15.406 9.436   1.00 50.72  ? 120 ASN A CA    1 
ATOM   942  C C     . ASN A 1 126 ? -3.898  -15.546 10.937  1.00 49.75  ? 120 ASN A C     1 
ATOM   943  O O     . ASN A 1 126 ? -4.845  -16.204 11.379  1.00 49.33  ? 120 ASN A O     1 
ATOM   944  C CB    . ASN A 1 126 ? -2.686  -16.461 8.925   1.00 50.43  ? 120 ASN A CB    1 
ATOM   945  C CG    . ASN A 1 126 ? -2.721  -16.633 7.402   1.00 53.65  ? 120 ASN A CG    1 
ATOM   946  O OD1   . ASN A 1 126 ? -1.695  -17.026 6.826   1.00 57.14  ? 120 ASN A OD1   1 
ATOM   947  N ND2   . ASN A 1 126 ? -3.872  -16.339 6.739   1.00 49.47  ? 120 ASN A ND2   1 
ATOM   948  N N     . ASN A 1 127 ? -3.011  -14.922 11.686  1.00 48.49  ? 121 ASN A N     1 
ATOM   949  C CA    . ASN A 1 127 ? -3.186  -14.758 13.110  1.00 48.71  ? 121 ASN A CA    1 
ATOM   950  C C     . ASN A 1 127 ? -3.447  -13.271 13.446  1.00 48.12  ? 121 ASN A C     1 
ATOM   951  O O     . ASN A 1 127 ? -2.547  -12.391 13.280  1.00 47.41  ? 121 ASN A O     1 
ATOM   952  C CB    . ASN A 1 127 ? -1.942  -15.269 13.864  1.00 49.27  ? 121 ASN A CB    1 
ATOM   953  C CG    . ASN A 1 127 ? -2.096  -15.140 15.371  1.00 50.66  ? 121 ASN A CG    1 
ATOM   954  O OD1   . ASN A 1 127 ? -2.424  -16.108 16.060  1.00 57.81  ? 121 ASN A OD1   1 
ATOM   955  N ND2   . ASN A 1 127 ? -1.962  -13.935 15.867  1.00 45.90  ? 121 ASN A ND2   1 
ATOM   956  N N     . LEU A 1 128 ? -4.647  -12.996 13.966  1.00 46.74  ? 122 LEU A N     1 
ATOM   957  C CA    . LEU A 1 128 ? -5.023  -11.609 14.266  1.00 46.67  ? 122 LEU A CA    1 
ATOM   958  C C     . LEU A 1 128 ? -4.277  -10.914 15.396  1.00 46.10  ? 122 LEU A C     1 
ATOM   959  O O     . LEU A 1 128 ? -4.129  -9.685  15.337  1.00 46.67  ? 122 LEU A O     1 
ATOM   960  C CB    . LEU A 1 128 ? -6.533  -11.444 14.451  1.00 46.03  ? 122 LEU A CB    1 
ATOM   961  C CG    . LEU A 1 128 ? -7.327  -11.726 13.188  1.00 46.68  ? 122 LEU A CG    1 
ATOM   962  C CD1   . LEU A 1 128 ? -8.836  -11.488 13.455  1.00 45.32  ? 122 LEU A CD1   1 
ATOM   963  C CD2   . LEU A 1 128 ? -6.814  -10.853 12.037  1.00 42.18  ? 122 LEU A CD2   1 
ATOM   964  N N     . THR A 1 129 ? -3.841  -11.665 16.414  1.00 46.17  ? 123 THR A N     1 
ATOM   965  C CA    . THR A 1 129 ? -3.027  -11.125 17.525  1.00 46.92  ? 123 THR A CA    1 
ATOM   966  C C     . THR A 1 129 ? -1.669  -10.674 16.984  1.00 47.19  ? 123 THR A C     1 
ATOM   967  O O     . THR A 1 129 ? -1.081  -9.667  17.376  1.00 48.87  ? 123 THR A O     1 
ATOM   968  C CB    . THR A 1 129 ? -2.826  -12.188 18.671  1.00 46.90  ? 123 THR A CB    1 
ATOM   969  O OG1   . THR A 1 129 ? -4.102  -12.559 19.229  1.00 48.10  ? 123 THR A OG1   1 
ATOM   970  C CG2   . THR A 1 129 ? -1.906  -11.654 19.783  1.00 44.81  ? 123 THR A CG2   1 
ATOM   971  N N     . GLN A 1 130 ? -1.183  -11.440 16.040  1.00 47.76  ? 124 GLN A N     1 
ATOM   972  C CA    . GLN A 1 130 ? 0.037   -11.123 15.381  1.00 47.42  ? 124 GLN A CA    1 
ATOM   973  C C     . GLN A 1 130 ? -0.139  -9.940  14.446  1.00 46.69  ? 124 GLN A C     1 
ATOM   974  O O     . GLN A 1 130 ? 0.748   -9.062  14.376  1.00 44.50  ? 124 GLN A O     1 
ATOM   975  C CB    . GLN A 1 130 ? 0.466   -12.350 14.612  1.00 47.74  ? 124 GLN A CB    1 
ATOM   976  C CG    . GLN A 1 130 ? 0.810   -13.514 15.512  1.00 49.25  ? 124 GLN A CG    1 
ATOM   977  C CD    . GLN A 1 130 ? 1.892   -14.319 14.879  1.00 54.68  ? 124 GLN A CD    1 
ATOM   978  O OE1   . GLN A 1 130 ? 1.623   -15.255 14.126  1.00 51.13  ? 124 GLN A OE1   1 
ATOM   979  N NE2   . GLN A 1 130 ? 3.155   -13.879 15.086  1.00 57.32  ? 124 GLN A NE2   1 
ATOM   980  N N     . ALA A 1 131 ? -1.281  -9.944  13.729  1.00 46.04  ? 125 ALA A N     1 
ATOM   981  C CA    . ALA A 1 131 ? -1.691  -8.814  12.866  1.00 46.29  ? 125 ALA A CA    1 
ATOM   982  C C     . ALA A 1 131 ? -1.773  -7.544  13.686  1.00 46.42  ? 125 ALA A C     1 
ATOM   983  O O     . ALA A 1 131 ? -1.353  -6.478  13.230  1.00 46.67  ? 125 ALA A O     1 
ATOM   984  C CB    . ALA A 1 131 ? -3.004  -9.076  12.158  1.00 45.61  ? 125 ALA A CB    1 
ATOM   985  N N     . LYS A 1 132 ? -2.273  -7.660  14.910  1.00 47.02  ? 126 LYS A N     1 
ATOM   986  C CA    . LYS A 1 132 ? -2.290  -6.497  15.764  1.00 47.81  ? 126 LYS A CA    1 
ATOM   987  C C     . LYS A 1 132 ? -0.914  -6.001  16.165  1.00 48.37  ? 126 LYS A C     1 
ATOM   988  O O     . LYS A 1 132 ? -0.701  -4.774  16.154  1.00 49.32  ? 126 LYS A O     1 
ATOM   989  C CB    . LYS A 1 132 ? -3.173  -6.655  16.982  1.00 48.72  ? 126 LYS A CB    1 
ATOM   990  C CG    . LYS A 1 132 ? -3.348  -5.295  17.650  1.00 50.69  ? 126 LYS A CG    1 
ATOM   991  C CD    . LYS A 1 132 ? -4.373  -5.260  18.788  1.00 53.36  ? 126 LYS A CD    1 
ATOM   992  C CE    . LYS A 1 132 ? -4.653  -3.779  19.085  1.00 52.71  ? 126 LYS A CE    1 
ATOM   993  N NZ    . LYS A 1 132 ? -5.175  -3.602  20.427  1.00 55.82  ? 126 LYS A NZ    1 
ATOM   994  N N     . GLU A 1 133 ? 0.031   -6.883  16.509  1.00 47.79  ? 127 GLU A N     1 
ATOM   995  C CA    . GLU A 1 133 ? 1.372   -6.347  16.861  1.00 48.29  ? 127 GLU A CA    1 
ATOM   996  C C     . GLU A 1 133 ? 2.049   -5.747  15.631  1.00 46.97  ? 127 GLU A C     1 
ATOM   997  O O     . GLU A 1 133 ? 2.795   -4.797  15.762  1.00 47.28  ? 127 GLU A O     1 
ATOM   998  C CB    . GLU A 1 133 ? 2.359   -7.358  17.498  1.00 48.47  ? 127 GLU A CB    1 
ATOM   999  C CG    . GLU A 1 133 ? 1.873   -8.419  18.474  1.00 54.28  ? 127 GLU A CG    1 
ATOM   1000 C CD    . GLU A 1 133 ? 2.827   -9.670  18.474  1.00 63.05  ? 127 GLU A CD    1 
ATOM   1001 O OE1   . GLU A 1 133 ? 4.094   -9.508  18.532  1.00 64.67  ? 127 GLU A OE1   1 
ATOM   1002 O OE2   . GLU A 1 133 ? 2.312   -10.822 18.367  1.00 64.22  ? 127 GLU A OE2   1 
ATOM   1003 N N     . LEU A 1 134 ? 1.787   -6.308  14.443  1.00 46.98  ? 128 LEU A N     1 
ATOM   1004 C CA    . LEU A 1 134 ? 2.366   -5.800  13.198  1.00 46.20  ? 128 LEU A CA    1 
ATOM   1005 C C     . LEU A 1 134 ? 1.889   -4.373  12.978  1.00 46.91  ? 128 LEU A C     1 
ATOM   1006 O O     . LEU A 1 134 ? 2.704   -3.466  12.768  1.00 45.21  ? 128 LEU A O     1 
ATOM   1007 C CB    . LEU A 1 134 ? 1.929   -6.641  12.000  1.00 45.43  ? 128 LEU A CB    1 
ATOM   1008 C CG    . LEU A 1 134 ? 2.916   -6.912  10.842  1.00 44.69  ? 128 LEU A CG    1 
ATOM   1009 C CD1   . LEU A 1 134 ? 2.210   -6.702  9.570   1.00 41.23  ? 128 LEU A CD1   1 
ATOM   1010 C CD2   . LEU A 1 134 ? 4.274   -6.095  10.858  1.00 41.23  ? 128 LEU A CD2   1 
ATOM   1011 N N     . PHE A 1 135 ? 0.561   -4.176  13.031  1.00 47.35  ? 129 PHE A N     1 
ATOM   1012 C CA    . PHE A 1 135 ? 0.008   -2.808  13.030  1.00 49.40  ? 129 PHE A CA    1 
ATOM   1013 C C     . PHE A 1 135 ? 0.785   -1.878  13.987  1.00 49.89  ? 129 PHE A C     1 
ATOM   1014 O O     . PHE A 1 135 ? 1.258   -0.801  13.590  1.00 49.49  ? 129 PHE A O     1 
ATOM   1015 C CB    . PHE A 1 135 ? -1.480  -2.823  13.392  1.00 50.04  ? 129 PHE A CB    1 
ATOM   1016 C CG    . PHE A 1 135 ? -2.080  -1.450  13.493  1.00 53.31  ? 129 PHE A CG    1 
ATOM   1017 C CD1   . PHE A 1 135 ? -2.873  -0.952  12.467  1.00 55.54  ? 129 PHE A CD1   1 
ATOM   1018 C CD2   . PHE A 1 135 ? -1.836  -0.640  14.597  1.00 54.24  ? 129 PHE A CD2   1 
ATOM   1019 C CE1   . PHE A 1 135 ? -3.415  0.324   12.539  1.00 56.11  ? 129 PHE A CE1   1 
ATOM   1020 C CE2   . PHE A 1 135 ? -2.382  0.654   14.685  1.00 56.64  ? 129 PHE A CE2   1 
ATOM   1021 C CZ    . PHE A 1 135 ? -3.177  1.129   13.654  1.00 57.11  ? 129 PHE A CZ    1 
ATOM   1022 N N     . GLU A 1 136 ? 0.935   -2.324  15.242  1.00 50.88  ? 130 GLU A N     1 
ATOM   1023 C CA    . GLU A 1 136 ? 1.534   -1.508  16.280  1.00 52.12  ? 130 GLU A CA    1 
ATOM   1024 C C     . GLU A 1 136 ? 2.950   -1.122  15.920  1.00 52.15  ? 130 GLU A C     1 
ATOM   1025 O O     . GLU A 1 136 ? 3.363   0.000   16.181  1.00 52.08  ? 130 GLU A O     1 
ATOM   1026 C CB    . GLU A 1 136 ? 1.512   -2.216  17.639  1.00 52.82  ? 130 GLU A CB    1 
ATOM   1027 C CG    . GLU A 1 136 ? 0.123   -2.386  18.283  1.00 56.94  ? 130 GLU A CG    1 
ATOM   1028 C CD    . GLU A 1 136 ? -0.691  -1.092  18.389  1.00 62.35  ? 130 GLU A CD    1 
ATOM   1029 O OE1   . GLU A 1 136 ? -1.952  -1.211  18.331  1.00 64.60  ? 130 GLU A OE1   1 
ATOM   1030 O OE2   . GLU A 1 136 ? -0.084  0.019   18.517  1.00 62.39  ? 130 GLU A OE2   1 
ATOM   1031 N N     . LYS A 1 137 ? 3.672   -2.061  15.303  1.00 52.41  ? 131 LYS A N     1 
ATOM   1032 C CA    . LYS A 1 137 ? 5.042   -1.837  14.882  1.00 52.56  ? 131 LYS A CA    1 
ATOM   1033 C C     . LYS A 1 137 ? 5.122   -1.013  13.597  1.00 51.92  ? 131 LYS A C     1 
ATOM   1034 O O     . LYS A 1 137 ? 6.027   -0.180  13.418  1.00 51.61  ? 131 LYS A O     1 
ATOM   1035 C CB    . LYS A 1 137 ? 5.735   -3.188  14.662  1.00 53.48  ? 131 LYS A CB    1 
ATOM   1036 C CG    . LYS A 1 137 ? 7.250   -3.049  14.385  1.00 55.71  ? 131 LYS A CG    1 
ATOM   1037 C CD    . LYS A 1 137 ? 7.854   -4.360  13.829  1.00 59.62  ? 131 LYS A CD    1 
ATOM   1038 C CE    . LYS A 1 137 ? 9.219   -4.102  13.174  1.00 60.19  ? 131 LYS A CE    1 
ATOM   1039 N NZ    . LYS A 1 137 ? 10.189  -5.205  13.544  1.00 61.97  ? 131 LYS A NZ    1 
ATOM   1040 N N     . ARG A 1 138 ? 4.209   -1.259  12.676  1.00 50.28  ? 132 ARG A N     1 
ATOM   1041 C CA    . ARG A 1 138 ? 4.307   -0.587  11.406  1.00 50.12  ? 132 ARG A CA    1 
ATOM   1042 C C     . ARG A 1 138 ? 4.044   0.929   11.514  1.00 51.25  ? 132 ARG A C     1 
ATOM   1043 O O     . ARG A 1 138 ? 4.593   1.720   10.724  1.00 50.25  ? 132 ARG A O     1 
ATOM   1044 C CB    . ARG A 1 138 ? 3.392   -1.263  10.397  1.00 49.02  ? 132 ARG A CB    1 
ATOM   1045 C CG    . ARG A 1 138 ? 3.937   -2.583  9.920   1.00 44.44  ? 132 ARG A CG    1 
ATOM   1046 C CD    . ARG A 1 138 ? 4.502   -2.462  8.517   1.00 44.34  ? 132 ARG A CD    1 
ATOM   1047 N NE    . ARG A 1 138 ? 4.928   -3.757  7.966   1.00 42.65  ? 132 ARG A NE    1 
ATOM   1048 C CZ    . ARG A 1 138 ? 4.095   -4.626  7.385   1.00 43.91  ? 132 ARG A CZ    1 
ATOM   1049 N NH1   . ARG A 1 138 ? 2.800   -4.365  7.289   1.00 37.79  ? 132 ARG A NH1   1 
ATOM   1050 N NH2   . ARG A 1 138 ? 4.549   -5.776  6.919   1.00 42.24  ? 132 ARG A NH2   1 
ATOM   1051 N N     . GLN A 1 139 ? 3.237   1.315   12.520  1.00 52.75  ? 133 GLN A N     1 
ATOM   1052 C CA    . GLN A 1 139 ? 2.780   2.709   12.726  1.00 53.74  ? 133 GLN A CA    1 
ATOM   1053 C C     . GLN A 1 139 ? 3.868   3.705   12.510  1.00 53.58  ? 133 GLN A C     1 
ATOM   1054 O O     . GLN A 1 139 ? 3.690   4.623   11.707  1.00 53.99  ? 133 GLN A O     1 
ATOM   1055 C CB    . GLN A 1 139 ? 2.166   2.929   14.105  1.00 53.85  ? 133 GLN A CB    1 
ATOM   1056 C CG    . GLN A 1 139 ? 0.649   2.724   14.145  1.00 58.70  ? 133 GLN A CG    1 
ATOM   1057 C CD    . GLN A 1 139 ? 0.076   3.041   15.537  1.00 66.59  ? 133 GLN A CD    1 
ATOM   1058 O OE1   . GLN A 1 139 ? 0.658   2.662   16.574  1.00 68.30  ? 133 GLN A OE1   1 
ATOM   1059 N NE2   . GLN A 1 139 ? -1.066  3.755   15.565  1.00 68.73  ? 133 GLN A NE2   1 
ATOM   1060 N N     . ALA A 1 140 ? 5.000   3.514   13.185  1.00 53.00  ? 134 ALA A N     1 
ATOM   1061 C CA    . ALA A 1 140 ? 6.100   4.488   13.097  1.00 52.98  ? 134 ALA A CA    1 
ATOM   1062 C C     . ALA A 1 140 ? 6.755   4.497   11.726  1.00 52.57  ? 134 ALA A C     1 
ATOM   1063 O O     . ALA A 1 140 ? 7.399   5.492   11.316  1.00 53.21  ? 134 ALA A O     1 
ATOM   1064 C CB    . ALA A 1 140 ? 7.148   4.216   14.181  1.00 52.96  ? 134 ALA A CB    1 
ATOM   1065 N N     . LEU A 1 141 ? 6.613   3.389   11.007  1.00 51.55  ? 135 LEU A N     1 
ATOM   1066 C CA    . LEU A 1 141 ? 7.226   3.317   9.677   1.00 50.78  ? 135 LEU A CA    1 
ATOM   1067 C C     . LEU A 1 141 ? 6.424   4.052   8.601   1.00 50.39  ? 135 LEU A C     1 
ATOM   1068 O O     . LEU A 1 141 ? 7.040   4.694   7.728   1.00 49.99  ? 135 LEU A O     1 
ATOM   1069 C CB    . LEU A 1 141 ? 7.563   1.872   9.268   1.00 50.26  ? 135 LEU A CB    1 
ATOM   1070 C CG    . LEU A 1 141 ? 8.628   1.216   10.129  1.00 50.44  ? 135 LEU A CG    1 
ATOM   1071 C CD1   . LEU A 1 141 ? 8.686   -0.305  9.783   1.00 46.50  ? 135 LEU A CD1   1 
ATOM   1072 C CD2   . LEU A 1 141 ? 10.008  1.996   9.903   1.00 46.74  ? 135 LEU A CD2   1 
ATOM   1073 N N     . TYR A 1 142 ? 5.080   3.953   8.661   1.00 48.68  ? 136 TYR A N     1 
ATOM   1074 C CA    . TYR A 1 142 ? 4.224   4.871   7.935   1.00 48.57  ? 136 TYR A CA    1 
ATOM   1075 C C     . TYR A 1 142 ? 4.528   6.331   8.298   1.00 49.50  ? 136 TYR A C     1 
ATOM   1076 O O     . TYR A 1 142 ? 4.775   7.135   7.401   1.00 48.90  ? 136 TYR A O     1 
ATOM   1077 C CB    . TYR A 1 142 ? 2.748   4.576   8.186   1.00 47.94  ? 136 TYR A CB    1 
ATOM   1078 C CG    . TYR A 1 142 ? 2.357   3.159   7.855   1.00 44.91  ? 136 TYR A CG    1 
ATOM   1079 C CD1   . TYR A 1 142 ? 1.663   2.371   8.768   1.00 44.86  ? 136 TYR A CD1   1 
ATOM   1080 C CD2   . TYR A 1 142 ? 2.690   2.603   6.623   1.00 44.26  ? 136 TYR A CD2   1 
ATOM   1081 C CE1   . TYR A 1 142 ? 1.258   1.030   8.454   1.00 44.57  ? 136 TYR A CE1   1 
ATOM   1082 C CE2   . TYR A 1 142 ? 2.341   1.282   6.309   1.00 47.67  ? 136 TYR A CE2   1 
ATOM   1083 C CZ    . TYR A 1 142 ? 1.609   0.492   7.224   1.00 45.30  ? 136 TYR A CZ    1 
ATOM   1084 O OH    . TYR A 1 142 ? 1.338   -0.832  6.889   1.00 37.81  ? 136 TYR A OH    1 
ATOM   1085 N N     . GLU A 1 143 ? 4.534   6.670   9.588   1.00 51.00  ? 137 GLU A N     1 
ATOM   1086 C CA    . GLU A 1 143 ? 4.679   8.075   9.969   1.00 53.81  ? 137 GLU A CA    1 
ATOM   1087 C C     . GLU A 1 143 ? 5.991   8.604   9.381   1.00 54.25  ? 137 GLU A C     1 
ATOM   1088 O O     . GLU A 1 143 ? 6.004   9.679   8.790   1.00 54.78  ? 137 GLU A O     1 
ATOM   1089 C CB    . GLU A 1 143 ? 4.617   8.359   11.498  1.00 54.53  ? 137 GLU A CB    1 
ATOM   1090 C CG    . GLU A 1 143 ? 3.692   7.491   12.360  1.00 58.69  ? 137 GLU A CG    1 
ATOM   1091 C CD    . GLU A 1 143 ? 2.528   8.208   13.071  1.00 65.94  ? 137 GLU A CD    1 
ATOM   1092 O OE1   . GLU A 1 143 ? 2.805   9.111   13.902  1.00 69.37  ? 137 GLU A OE1   1 
ATOM   1093 O OE2   . GLU A 1 143 ? 1.339   7.827   12.854  1.00 65.52  ? 137 GLU A OE2   1 
ATOM   1094 N N     . LYS A 1 144 ? 7.074   7.850   9.472   1.00 54.28  ? 138 LYS A N     1 
ATOM   1095 C CA    . LYS A 1 144 ? 8.343   8.446   9.058   1.00 56.10  ? 138 LYS A CA    1 
ATOM   1096 C C     . LYS A 1 144 ? 8.577   8.477   7.552   1.00 56.43  ? 138 LYS A C     1 
ATOM   1097 O O     . LYS A 1 144 ? 9.520   9.118   7.095   1.00 56.77  ? 138 LYS A O     1 
ATOM   1098 C CB    . LYS A 1 144 ? 9.528   7.794   9.783   1.00 56.43  ? 138 LYS A CB    1 
ATOM   1099 C CG    . LYS A 1 144 ? 10.193  6.636   9.043   1.00 57.63  ? 138 LYS A CG    1 
ATOM   1100 C CD    . LYS A 1 144 ? 11.579  6.377   9.669   1.00 61.53  ? 138 LYS A CD    1 
ATOM   1101 C CE    . LYS A 1 144 ? 12.234  5.071   9.182   1.00 61.87  ? 138 LYS A CE    1 
ATOM   1102 N NZ    . LYS A 1 144 ? 12.737  5.188   7.792   1.00 61.01  ? 138 LYS A NZ    1 
ATOM   1103 N N     . ASN A 1 145 ? 7.720   7.784   6.800   1.00 56.39  ? 139 ASN A N     1 
ATOM   1104 C CA    . ASN A 1 145 ? 7.786   7.689   5.328   1.00 56.47  ? 139 ASN A CA    1 
ATOM   1105 C C     . ASN A 1 145 ? 6.700   8.528   4.652   1.00 57.01  ? 139 ASN A C     1 
ATOM   1106 O O     . ASN A 1 145 ? 6.578   8.527   3.423   1.00 56.90  ? 139 ASN A O     1 
ATOM   1107 C CB    . ASN A 1 145 ? 7.588   6.228   4.856   1.00 55.94  ? 139 ASN A CB    1 
ATOM   1108 C CG    . ASN A 1 145 ? 8.876   5.403   4.908   1.00 56.34  ? 139 ASN A CG    1 
ATOM   1109 O OD1   . ASN A 1 145 ? 9.754   5.526   4.051   1.00 51.99  ? 139 ASN A OD1   1 
ATOM   1110 N ND2   . ASN A 1 145 ? 8.976   4.544   5.919   1.00 58.19  ? 139 ASN A ND2   1 
ATOM   1111 N N     . ALA A 1 146 ? 5.889   9.189   5.475   1.00 57.42  ? 140 ALA A N     1 
ATOM   1112 C CA    . ALA A 1 146 ? 4.738   9.985   5.052   1.00 56.95  ? 140 ALA A CA    1 
ATOM   1113 C C     . ALA A 1 146 ? 5.130   11.454  4.795   1.00 57.17  ? 140 ALA A C     1 
ATOM   1114 O O     . ALA A 1 146 ? 5.788   12.102  5.632   1.00 57.25  ? 140 ALA A O     1 
ATOM   1115 C CB    . ALA A 1 146 ? 3.660   9.920   6.114   1.00 57.08  ? 140 ALA A CB    1 
ATOM   1116 N N     . SER A 1 147 ? 4.746   11.950  3.619   1.00 56.50  ? 141 SER A N     1 
ATOM   1117 C CA    . SER A 1 147 ? 4.809   13.359  3.291   1.00 55.78  ? 141 SER A CA    1 
ATOM   1118 C C     . SER A 1 147 ? 3.585   14.067  3.942   1.00 54.95  ? 141 SER A C     1 
ATOM   1119 O O     . SER A 1 147 ? 3.666   15.209  4.406   1.00 54.43  ? 141 SER A O     1 
ATOM   1120 C CB    . SER A 1 147 ? 4.777   13.520  1.766   1.00 56.43  ? 141 SER A CB    1 
ATOM   1121 O OG    . SER A 1 147 ? 6.066   13.369  1.169   1.00 57.17  ? 141 SER A OG    1 
ATOM   1122 N N     . PHE A 1 148 ? 2.463   13.355  3.975   1.00 53.67  ? 142 PHE A N     1 
ATOM   1123 C CA    . PHE A 1 148 ? 1.190   13.887  4.434   1.00 52.62  ? 142 PHE A CA    1 
ATOM   1124 C C     . PHE A 1 148 ? 0.417   12.765  5.021   1.00 51.58  ? 142 PHE A C     1 
ATOM   1125 O O     . PHE A 1 148 ? 0.419   11.658  4.484   1.00 51.44  ? 142 PHE A O     1 
ATOM   1126 C CB    . PHE A 1 148 ? 0.374   14.452  3.266   1.00 53.02  ? 142 PHE A CB    1 
ATOM   1127 C CG    . PHE A 1 148 ? 1.029   15.612  2.590   1.00 53.68  ? 142 PHE A CG    1 
ATOM   1128 C CD1   . PHE A 1 148 ? 1.575   15.471  1.325   1.00 55.96  ? 142 PHE A CD1   1 
ATOM   1129 C CD2   . PHE A 1 148 ? 1.123   16.835  3.236   1.00 52.94  ? 142 PHE A CD2   1 
ATOM   1130 C CE1   . PHE A 1 148 ? 2.202   16.537  0.699   1.00 57.01  ? 142 PHE A CE1   1 
ATOM   1131 C CE2   . PHE A 1 148 ? 1.721   17.891  2.633   1.00 55.52  ? 142 PHE A CE2   1 
ATOM   1132 C CZ    . PHE A 1 148 ? 2.276   17.745  1.355   1.00 57.96  ? 142 PHE A CZ    1 
ATOM   1133 N N     . ILE A 1 149 ? -0.252  13.047  6.124   1.00 50.76  ? 143 ILE A N     1 
ATOM   1134 C CA    . ILE A 1 149 ? -1.050  12.046  6.806   1.00 50.75  ? 143 ILE A CA    1 
ATOM   1135 C C     . ILE A 1 149 ? -2.544  12.289  6.518   1.00 50.48  ? 143 ILE A C     1 
ATOM   1136 O O     . ILE A 1 149 ? -3.042  13.399  6.664   1.00 49.80  ? 143 ILE A O     1 
ATOM   1137 C CB    . ILE A 1 149 ? -0.746  12.076  8.320   1.00 50.70  ? 143 ILE A CB    1 
ATOM   1138 C CG1   . ILE A 1 149 ? 0.779   11.924  8.543   1.00 52.74  ? 143 ILE A CG1   1 
ATOM   1139 C CG2   . ILE A 1 149 ? -1.650  11.096  9.101   1.00 50.51  ? 143 ILE A CG2   1 
ATOM   1140 C CD1   . ILE A 1 149 ? 1.204   11.790  9.991   1.00 55.78  ? 143 ILE A CD1   1 
ATOM   1141 N N     . ILE A 1 150 ? -3.259  11.242  6.154   1.00 50.47  ? 144 ILE A N     1 
ATOM   1142 C CA    . ILE A 1 150 ? -4.641  11.404  5.756   1.00 50.77  ? 144 ILE A CA    1 
ATOM   1143 C C     . ILE A 1 150 ? -5.525  10.600  6.662   1.00 52.20  ? 144 ILE A C     1 
ATOM   1144 O O     . ILE A 1 150 ? -5.304  9.412   6.871   1.00 52.18  ? 144 ILE A O     1 
ATOM   1145 C CB    . ILE A 1 150 ? -4.794  11.014  4.252   1.00 50.31  ? 144 ILE A CB    1 
ATOM   1146 C CG1   . ILE A 1 150 ? -4.260  12.184  3.422   1.00 51.54  ? 144 ILE A CG1   1 
ATOM   1147 C CG2   . ILE A 1 150 ? -6.254  10.735  3.852   1.00 47.65  ? 144 ILE A CG2   1 
ATOM   1148 C CD1   . ILE A 1 150 ? -3.620  11.799  2.195   1.00 52.00  ? 144 ILE A CD1   1 
ATOM   1149 N N     . ASP A 1 151 ? -6.559  11.246  7.183   1.00 53.96  ? 145 ASP A N     1 
ATOM   1150 C CA    . ASP A 1 151 ? -7.554  10.569  7.987   1.00 55.71  ? 145 ASP A CA    1 
ATOM   1151 C C     . ASP A 1 151 ? -8.441  9.687   7.109   1.00 56.54  ? 145 ASP A C     1 
ATOM   1152 O O     . ASP A 1 151 ? -9.459  10.142  6.586   1.00 56.62  ? 145 ASP A O     1 
ATOM   1153 C CB    . ASP A 1 151 ? -8.395  11.618  8.673   1.00 56.18  ? 145 ASP A CB    1 
ATOM   1154 C CG    . ASP A 1 151 ? -9.239  11.057  9.774   1.00 59.64  ? 145 ASP A CG    1 
ATOM   1155 O OD1   . ASP A 1 151 ? -9.976  10.041  9.559   1.00 61.82  ? 145 ASP A OD1   1 
ATOM   1156 O OD2   . ASP A 1 151 ? -9.168  11.661  10.870  1.00 62.57  ? 145 ASP A OD2   1 
ATOM   1157 N N     . ALA A 1 152 ? -8.065  8.421   6.968   1.00 57.72  ? 146 ALA A N     1 
ATOM   1158 C CA    . ALA A 1 152 ? -8.764  7.507   6.060   1.00 59.03  ? 146 ALA A CA    1 
ATOM   1159 C C     . ALA A 1 152 ? -10.068 6.940   6.610   1.00 60.29  ? 146 ALA A C     1 
ATOM   1160 O O     . ALA A 1 152 ? -10.692 6.066   5.980   1.00 60.35  ? 146 ALA A O     1 
ATOM   1161 C CB    . ALA A 1 152 ? -7.834  6.385   5.610   1.00 58.52  ? 146 ALA A CB    1 
ATOM   1162 N N     . ARG A 1 153 ? -10.504 7.456   7.755   1.00 62.28  ? 147 ARG A N     1 
ATOM   1163 C CA    . ARG A 1 153 ? -11.673 6.888   8.452   1.00 64.47  ? 147 ARG A CA    1 
ATOM   1164 C C     . ARG A 1 153 ? -13.032 6.979   7.753   1.00 64.89  ? 147 ARG A C     1 
ATOM   1165 O O     . ARG A 1 153 ? -13.854 6.072   7.902   1.00 65.33  ? 147 ARG A O     1 
ATOM   1166 C CB    . ARG A 1 153 ? -11.806 7.461   9.866   1.00 65.03  ? 147 ARG A CB    1 
ATOM   1167 C CG    . ARG A 1 153 ? -11.025 6.695   10.948  1.00 69.37  ? 147 ARG A CG    1 
ATOM   1168 C CD    . ARG A 1 153 ? -11.386 7.190   12.386  1.00 75.58  ? 147 ARG A CD    1 
ATOM   1169 N NE    . ARG A 1 153 ? -10.799 8.493   12.775  1.00 78.31  ? 147 ARG A NE    1 
ATOM   1170 C CZ    . ARG A 1 153 ? -11.383 9.683   12.589  1.00 79.81  ? 147 ARG A CZ    1 
ATOM   1171 N NH1   . ARG A 1 153 ? -12.576 9.774   11.994  1.00 80.62  ? 147 ARG A NH1   1 
ATOM   1172 N NH2   . ARG A 1 153 ? -10.768 10.788  12.994  1.00 79.85  ? 147 ARG A NH2   1 
ATOM   1173 N N     . GLY A 1 154 ? -13.285 8.070   7.030   1.00 65.13  ? 148 GLY A N     1 
ATOM   1174 C CA    . GLY A 1 154 ? -14.602 8.299   6.419   1.00 65.75  ? 148 GLY A CA    1 
ATOM   1175 C C     . GLY A 1 154 ? -14.740 7.519   5.125   1.00 65.78  ? 148 GLY A C     1 
ATOM   1176 O O     . GLY A 1 154 ? -14.124 6.459   4.969   1.00 66.42  ? 148 GLY A O     1 
ATOM   1177 N N     . GLY A 1 155 ? -15.548 8.014   4.190   1.00 65.49  ? 149 GLY A N     1 
ATOM   1178 C CA    . GLY A 1 155 ? -15.604 7.378   2.852   1.00 64.28  ? 149 GLY A CA    1 
ATOM   1179 C C     . GLY A 1 155 ? -14.371 7.651   1.979   1.00 63.22  ? 149 GLY A C     1 
ATOM   1180 O O     . GLY A 1 155 ? -13.396 8.292   2.424   1.00 62.42  ? 149 GLY A O     1 
ATOM   1181 N N     . LEU A 1 156 ? -14.415 7.151   0.739   1.00 62.21  ? 150 LEU A N     1 
ATOM   1182 C CA    . LEU A 1 156 ? -13.347 7.355   -0.265  1.00 60.95  ? 150 LEU A CA    1 
ATOM   1183 C C     . LEU A 1 156 ? -13.165 8.828   -0.661  1.00 59.39  ? 150 LEU A C     1 
ATOM   1184 O O     . LEU A 1 156 ? -12.026 9.337   -0.713  1.00 58.85  ? 150 LEU A O     1 
ATOM   1185 C CB    . LEU A 1 156 ? -13.628 6.508   -1.527  1.00 61.83  ? 150 LEU A CB    1 
ATOM   1186 C CG    . LEU A 1 156 ? -12.556 6.309   -2.624  1.00 62.68  ? 150 LEU A CG    1 
ATOM   1187 C CD1   . LEU A 1 156 ? -12.990 5.211   -3.588  1.00 64.52  ? 150 LEU A CD1   1 
ATOM   1188 C CD2   . LEU A 1 156 ? -12.239 7.599   -3.405  1.00 62.85  ? 150 LEU A CD2   1 
ATOM   1189 N N     . ASN A 1 157 ? -14.285 9.502   -0.935  1.00 57.85  ? 151 ASN A N     1 
ATOM   1190 C CA    . ASN A 1 157 ? -14.278 10.917  -1.297  1.00 56.47  ? 151 ASN A CA    1 
ATOM   1191 C C     . ASN A 1 157 ? -13.584 11.701  -0.236  1.00 55.33  ? 151 ASN A C     1 
ATOM   1192 O O     . ASN A 1 157 ? -12.727 12.545  -0.523  1.00 54.91  ? 151 ASN A O     1 
ATOM   1193 C CB    . ASN A 1 157 ? -15.691 11.453  -1.428  1.00 56.97  ? 151 ASN A CB    1 
ATOM   1194 C CG    . ASN A 1 157 ? -16.369 11.003  -2.699  1.00 58.28  ? 151 ASN A CG    1 
ATOM   1195 O OD1   . ASN A 1 157 ? -15.716 10.566  -3.650  1.00 59.01  ? 151 ASN A OD1   1 
ATOM   1196 N ND2   . ASN A 1 157 ? -17.687 11.120  -2.728  1.00 57.28  ? 151 ASN A ND2   1 
ATOM   1197 N N     . ASN A 1 158 ? -13.952 11.418  1.005   1.00 53.93  ? 152 ASN A N     1 
ATOM   1198 C CA    . ASN A 1 158 ? -13.329 12.132  2.106   1.00 53.46  ? 152 ASN A CA    1 
ATOM   1199 C C     . ASN A 1 158 ? -11.818 11.884  2.165   1.00 51.93  ? 152 ASN A C     1 
ATOM   1200 O O     . ASN A 1 158 ? -11.055 12.762  2.593   1.00 52.92  ? 152 ASN A O     1 
ATOM   1201 C CB    . ASN A 1 158 ? -14.060 11.851  3.427   1.00 53.50  ? 152 ASN A CB    1 
ATOM   1202 C CG    . ASN A 1 158 ? -13.441 12.595  4.603   1.00 55.61  ? 152 ASN A CG    1 
ATOM   1203 O OD1   . ASN A 1 158 ? -13.347 13.829  4.608   1.00 54.62  ? 152 ASN A OD1   1 
ATOM   1204 N ND2   . ASN A 1 158 ? -13.010 11.839  5.606   1.00 55.13  ? 152 ASN A ND2   1 
ATOM   1205 N N     . SER A 1 159 ? -11.347 10.730  1.702   1.00 50.42  ? 153 SER A N     1 
ATOM   1206 C CA    . SER A 1 159 ? -9.890  10.558  1.660   1.00 50.01  ? 153 SER A CA    1 
ATOM   1207 C C     . SER A 1 159 ? -9.344  11.230  0.420   1.00 49.02  ? 153 SER A C     1 
ATOM   1208 O O     . SER A 1 159 ? -8.291  11.847  0.457   1.00 49.38  ? 153 SER A O     1 
ATOM   1209 C CB    . SER A 1 159 ? -9.449  9.077   1.765   1.00 50.01  ? 153 SER A CB    1 
ATOM   1210 O OG    . SER A 1 159 ? -10.072 8.421   2.887   1.00 50.49  ? 153 SER A OG    1 
ATOM   1211 N N     . LEU A 1 160 ? -10.099 11.150  -0.664  1.00 48.64  ? 154 LEU A N     1 
ATOM   1212 C CA    . LEU A 1 160 ? -9.758  11.805  -1.921  1.00 48.24  ? 154 LEU A CA    1 
ATOM   1213 C C     . LEU A 1 160 ? -9.575  13.300  -1.717  1.00 48.65  ? 154 LEU A C     1 
ATOM   1214 O O     . LEU A 1 160 ? -8.513  13.869  -2.074  1.00 49.30  ? 154 LEU A O     1 
ATOM   1215 C CB    . LEU A 1 160 ? -10.854 11.543  -2.944  1.00 48.03  ? 154 LEU A CB    1 
ATOM   1216 C CG    . LEU A 1 160 ? -10.552 11.274  -4.419  1.00 47.22  ? 154 LEU A CG    1 
ATOM   1217 C CD1   . LEU A 1 160 ? -11.789 11.622  -5.245  1.00 42.24  ? 154 LEU A CD1   1 
ATOM   1218 C CD2   . LEU A 1 160 ? -9.278  11.966  -4.944  1.00 44.31  ? 154 LEU A CD2   1 
ATOM   1219 N N     . LYS A 1 161 ? -10.582 13.926  -1.109  1.00 47.91  ? 155 LYS A N     1 
ATOM   1220 C CA    . LYS A 1 161 ? -10.556 15.372  -0.794  1.00 47.82  ? 155 LYS A CA    1 
ATOM   1221 C C     . LYS A 1 161 ? -9.268  15.793  -0.094  1.00 47.52  ? 155 LYS A C     1 
ATOM   1222 O O     . LYS A 1 161 ? -8.577  16.762  -0.498  1.00 47.03  ? 155 LYS A O     1 
ATOM   1223 C CB    . LYS A 1 161 ? -11.783 15.701  0.037   1.00 48.08  ? 155 LYS A CB    1 
ATOM   1224 C CG    . LYS A 1 161 ? -11.782 16.996  0.746   1.00 49.64  ? 155 LYS A CG    1 
ATOM   1225 C CD    . LYS A 1 161 ? -13.135 17.189  1.410   1.00 54.77  ? 155 LYS A CD    1 
ATOM   1226 C CE    . LYS A 1 161 ? -13.212 18.583  2.004   1.00 58.42  ? 155 LYS A CE    1 
ATOM   1227 N NZ    . LYS A 1 161 ? -14.538 18.807  2.685   1.00 62.82  ? 155 LYS A NZ    1 
ATOM   1228 N N     . GLN A 1 162 ? -8.923  15.041  0.939   1.00 47.19  ? 156 GLN A N     1 
ATOM   1229 C CA    . GLN A 1 162 ? -7.754  15.372  1.719   1.00 47.12  ? 156 GLN A CA    1 
ATOM   1230 C C     . GLN A 1 162 ? -6.512  15.244  0.870   1.00 47.43  ? 156 GLN A C     1 
ATOM   1231 O O     . GLN A 1 162 ? -5.685  16.103  0.907   1.00 47.28  ? 156 GLN A O     1 
ATOM   1232 C CB    . GLN A 1 162 ? -7.674  14.497  2.953   1.00 47.57  ? 156 GLN A CB    1 
ATOM   1233 C CG    . GLN A 1 162 ? -8.828  14.743  3.887   1.00 45.67  ? 156 GLN A CG    1 
ATOM   1234 C CD    . GLN A 1 162 ? -8.950  13.674  4.915   1.00 44.65  ? 156 GLN A CD    1 
ATOM   1235 O OE1   . GLN A 1 162 ? -8.109  13.547  5.765   1.00 44.72  ? 156 GLN A OE1   1 
ATOM   1236 N NE2   . GLN A 1 162 ? -10.033 12.897  4.853   1.00 47.73  ? 156 GLN A NE2   1 
ATOM   1237 N N     . VAL A 1 163 ? -6.412  14.209  0.043   1.00 47.68  ? 157 VAL A N     1 
ATOM   1238 C CA    . VAL A 1 163 ? -5.233  14.069  -0.802  1.00 47.37  ? 157 VAL A CA    1 
ATOM   1239 C C     . VAL A 1 163 ? -5.047  15.222  -1.800  1.00 47.44  ? 157 VAL A C     1 
ATOM   1240 O O     . VAL A 1 163 ? -3.944  15.820  -1.897  1.00 47.31  ? 157 VAL A O     1 
ATOM   1241 C CB    . VAL A 1 163 ? -5.205  12.681  -1.516  1.00 48.10  ? 157 VAL A CB    1 
ATOM   1242 C CG1   . VAL A 1 163 ? -3.952  12.535  -2.371  1.00 48.39  ? 157 VAL A CG1   1 
ATOM   1243 C CG2   . VAL A 1 163 ? -5.265  11.569  -0.498  1.00 47.06  ? 157 VAL A CG2   1 
ATOM   1244 N N     . LEU A 1 164 ? -6.112  15.527  -2.539  1.00 47.73  ? 158 LEU A N     1 
ATOM   1245 C CA    . LEU A 1 164 ? -6.110  16.610  -3.532  1.00 48.20  ? 158 LEU A CA    1 
ATOM   1246 C C     . LEU A 1 164 ? -5.688  17.951  -2.906  1.00 50.17  ? 158 LEU A C     1 
ATOM   1247 O O     . LEU A 1 164 ? -4.829  18.672  -3.441  1.00 49.97  ? 158 LEU A O     1 
ATOM   1248 C CB    . LEU A 1 164 ? -7.477  16.715  -4.173  1.00 48.19  ? 158 LEU A CB    1 
ATOM   1249 C CG    . LEU A 1 164 ? -8.099  15.471  -4.835  1.00 45.96  ? 158 LEU A CG    1 
ATOM   1250 C CD1   . LEU A 1 164 ? -9.538  15.723  -5.113  1.00 46.07  ? 158 LEU A CD1   1 
ATOM   1251 C CD2   . LEU A 1 164 ? -7.370  15.083  -6.124  1.00 44.68  ? 158 LEU A CD2   1 
ATOM   1252 N N     . GLN A 1 165 ? -6.226  18.255  -1.727  1.00 51.40  ? 159 GLN A N     1 
ATOM   1253 C CA    . GLN A 1 165 ? -5.809  19.438  -1.007  1.00 52.38  ? 159 GLN A CA    1 
ATOM   1254 C C     . GLN A 1 165 ? -4.319  19.603  -0.916  1.00 53.28  ? 159 GLN A C     1 
ATOM   1255 O O     . GLN A 1 165 ? -3.826  20.728  -0.877  1.00 53.56  ? 159 GLN A O     1 
ATOM   1256 C CB    . GLN A 1 165 ? -6.404  19.449  0.374   1.00 52.77  ? 159 GLN A CB    1 
ATOM   1257 C CG    . GLN A 1 165 ? -7.504  20.451  0.490   1.00 56.58  ? 159 GLN A CG    1 
ATOM   1258 C CD    . GLN A 1 165 ? -8.728  19.908  1.203   1.00 62.82  ? 159 GLN A CD    1 
ATOM   1259 O OE1   . GLN A 1 165 ? -8.646  18.936  1.989   1.00 65.85  ? 159 GLN A OE1   1 
ATOM   1260 N NE2   . GLN A 1 165 ? -9.885  20.529  0.931   1.00 60.90  ? 159 GLN A NE2   1 
ATOM   1261 N N     . PHE A 1 166 ? -3.587  18.498  -0.891  1.00 54.92  ? 160 PHE A N     1 
ATOM   1262 C CA    . PHE A 1 166 ? -2.124  18.589  -0.920  1.00 55.96  ? 160 PHE A CA    1 
ATOM   1263 C C     . PHE A 1 166 ? -1.544  18.488  -2.338  1.00 56.74  ? 160 PHE A C     1 
ATOM   1264 O O     . PHE A 1 166 ? -0.418  18.080  -2.492  1.00 57.54  ? 160 PHE A O     1 
ATOM   1265 C CB    . PHE A 1 166 ? -1.484  17.543  0.000   1.00 55.74  ? 160 PHE A CB    1 
ATOM   1266 C CG    . PHE A 1 166 ? -2.027  17.537  1.418   1.00 55.64  ? 160 PHE A CG    1 
ATOM   1267 C CD1   . PHE A 1 166 ? -2.973  16.580  1.811   1.00 55.62  ? 160 PHE A CD1   1 
ATOM   1268 C CD2   . PHE A 1 166 ? -1.594  18.467  2.359   1.00 54.17  ? 160 PHE A CD2   1 
ATOM   1269 C CE1   . PHE A 1 166 ? -3.484  16.558  3.116   1.00 55.19  ? 160 PHE A CE1   1 
ATOM   1270 C CE2   . PHE A 1 166 ? -2.083  18.451  3.670   1.00 54.15  ? 160 PHE A CE2   1 
ATOM   1271 C CZ    . PHE A 1 166 ? -3.043  17.494  4.044   1.00 56.84  ? 160 PHE A CZ    1 
ATOM   1272 N N     . ILE A 1 167 ? -2.312  18.885  -3.359  1.00 58.39  ? 161 ILE A N     1 
ATOM   1273 C CA    . ILE A 1 167 ? -1.845  18.993  -4.770  1.00 59.03  ? 161 ILE A CA    1 
ATOM   1274 C C     . ILE A 1 167 ? -1.262  17.658  -5.277  1.00 59.64  ? 161 ILE A C     1 
ATOM   1275 O O     . ILE A 1 167 ? -1.972  16.626  -5.355  1.00 59.57  ? 161 ILE A O     1 
ATOM   1276 C CB    . ILE A 1 167 ? -0.905  20.260  -4.982  1.00 59.15  ? 161 ILE A CB    1 
ATOM   1277 C CG1   . ILE A 1 167 ? -1.746  21.555  -5.128  1.00 60.03  ? 161 ILE A CG1   1 
ATOM   1278 C CG2   . ILE A 1 167 ? 0.127   20.080  -6.140  1.00 59.34  ? 161 ILE A CG2   1 
ATOM   1279 C CD1   . ILE A 1 167 ? -0.907  22.893  -4.909  1.00 57.76  ? 161 ILE A CD1   1 
HETATM 1280 P PB    . ADP B 2 .   ? -5.760  -1.686  0.162   1.00 160.21 ? 202 ADP A PB    1 
HETATM 1281 O O1B   . ADP B 2 .   ? -6.131  -2.953  0.854   1.00 160.00 ? 202 ADP A O1B   1 
HETATM 1282 O O2B   . ADP B 2 .   ? -5.192  -0.586  1.201   1.00 160.19 ? 202 ADP A O2B   1 
HETATM 1283 O O3B   . ADP B 2 .   ? -4.559  -1.890  -0.919  1.00 160.58 ? 202 ADP A O3B   1 
HETATM 1284 P PA    . ADP B 2 .   ? -8.362  -1.729  -0.902  1.00 160.69 ? 202 ADP A PA    1 
HETATM 1285 O O1A   . ADP B 2 .   ? -9.218  -0.784  -1.665  1.00 160.11 ? 202 ADP A O1A   1 
HETATM 1286 O O2A   . ADP B 2 .   ? -8.108  -3.091  -1.432  1.00 160.77 ? 202 ADP A O2A   1 
HETATM 1287 O O3A   . ADP B 2 .   ? -6.961  -0.986  -0.647  1.00 160.33 ? 202 ADP A O3A   1 
HETATM 1288 O "O5'" . ADP B 2 .   ? -8.960  -1.904  0.587   1.00 161.22 ? 202 ADP A "O5'" 1 
HETATM 1289 C "C5'" . ADP B 2 .   ? -9.927  -2.928  0.857   1.00 162.46 ? 202 ADP A "C5'" 1 
HETATM 1290 C "C4'" . ADP B 2 .   ? -11.346 -2.347  1.066   1.00 163.61 ? 202 ADP A "C4'" 1 
HETATM 1291 O "O4'" . ADP B 2 .   ? -11.336 -0.949  1.428   1.00 164.40 ? 202 ADP A "O4'" 1 
HETATM 1292 C "C3'" . ADP B 2 .   ? -12.158 -2.312  -0.230  1.00 163.99 ? 202 ADP A "C3'" 1 
HETATM 1293 O "O3'" . ADP B 2 .   ? -12.665 -3.621  -0.524  1.00 163.55 ? 202 ADP A "O3'" 1 
HETATM 1294 C "C2'" . ADP B 2 .   ? -13.283 -1.318  0.122   1.00 164.59 ? 202 ADP A "C2'" 1 
HETATM 1295 O "O2'" . ADP B 2 .   ? -14.487 -2.013  0.477   1.00 164.45 ? 202 ADP A "O2'" 1 
HETATM 1296 C "C1'" . ADP B 2 .   ? -12.751 -0.590  1.379   1.00 165.12 ? 202 ADP A "C1'" 1 
HETATM 1297 N N9    . ADP B 2 .   ? -12.972 0.921   1.472   1.00 165.83 ? 202 ADP A N9    1 
HETATM 1298 C C8    . ADP B 2 .   ? -13.675 1.696   0.626   1.00 165.83 ? 202 ADP A C8    1 
HETATM 1299 N N7    . ADP B 2 .   ? -13.643 2.961   1.053   1.00 166.02 ? 202 ADP A N7    1 
HETATM 1300 C C5    . ADP B 2 .   ? -12.920 3.002   2.179   1.00 166.10 ? 202 ADP A C5    1 
HETATM 1301 C C6    . ADP B 2 .   ? -12.540 4.015   3.065   1.00 165.93 ? 202 ADP A C6    1 
HETATM 1302 N N6    . ADP B 2 .   ? -12.913 5.268   2.851   1.00 165.68 ? 202 ADP A N6    1 
HETATM 1303 N N1    . ADP B 2 .   ? -11.782 3.718   4.144   1.00 165.72 ? 202 ADP A N1    1 
HETATM 1304 C C2    . ADP B 2 .   ? -11.391 2.471   4.366   1.00 165.59 ? 202 ADP A C2    1 
HETATM 1305 N N3    . ADP B 2 .   ? -11.735 1.479   3.552   1.00 165.91 ? 202 ADP A N3    1 
HETATM 1306 C C4    . ADP B 2 .   ? -12.495 1.707   2.450   1.00 166.09 ? 202 ADP A C4    1 
HETATM 1307 C C1    . S3P C 3 .   ? 1.468   -6.950  3.311   1.00 45.85  ? 201 S3P A C1    1 
HETATM 1308 C C2    . S3P C 3 .   ? 0.246   -6.380  2.893   1.00 45.51  ? 201 S3P A C2    1 
HETATM 1309 C C3    . S3P C 3 .   ? -0.493  -6.804  1.602   1.00 46.63  ? 201 S3P A C3    1 
HETATM 1310 C C4    . S3P C 3 .   ? 0.517   -7.556  0.708   1.00 45.47  ? 201 S3P A C4    1 
HETATM 1311 C C5    . S3P C 3 .   ? 1.188   -8.717  1.463   1.00 46.36  ? 201 S3P A C5    1 
HETATM 1312 C C6    . S3P C 3 .   ? 2.117   -8.144  2.573   1.00 42.91  ? 201 S3P A C6    1 
HETATM 1313 C C7    . S3P C 3 .   ? 2.186   -6.416  4.558   1.00 47.99  ? 201 S3P A C7    1 
HETATM 1314 O O1    . S3P C 3 .   ? -0.957  -5.623  0.859   1.00 51.60  ? 201 S3P A O1    1 
HETATM 1315 O O2    . S3P C 3 .   ? 1.559   -6.627  0.297   1.00 45.69  ? 201 S3P A O2    1 
HETATM 1316 O O3    . S3P C 3 .   ? 0.197   -9.657  2.009   1.00 44.66  ? 201 S3P A O3    1 
HETATM 1317 O O4    . S3P C 3 .   ? 3.258   -6.991  4.867   1.00 47.16  ? 201 S3P A O4    1 
HETATM 1318 O O5    . S3P C 3 .   ? 1.675   -5.465  5.211   1.00 50.48  ? 201 S3P A O5    1 
HETATM 1319 P P1    . S3P C 3 .   ? -2.494  -4.932  0.927   1.00 58.16  ? 201 S3P A P1    1 
HETATM 1320 O O6    . S3P C 3 .   ? -3.087  -4.724  -0.415  1.00 58.17  ? 201 S3P A O6    1 
HETATM 1321 O O7    . S3P C 3 .   ? -3.557  -5.933  1.697   1.00 51.28  ? 201 S3P A O7    1 
HETATM 1322 O O8    . S3P C 3 .   ? -2.147  -3.554  1.823   1.00 47.21  ? 201 S3P A O8    1 
HETATM 1323 O O     . HOH D 4 .   ? 1.832   0.625   2.251   1.00 43.15  ? 163 HOH A O     1 
HETATM 1324 O O     . HOH D 4 .   ? 7.357   -4.338  9.698   1.00 55.39  ? 164 HOH A O     1 
HETATM 1325 O O     . HOH D 4 .   ? -4.781  23.229  -0.365  1.00 43.82  ? 165 HOH A O     1 
HETATM 1326 O O     . HOH D 4 .   ? -1.611  -10.115 0.364   1.00 38.65  ? 166 HOH A O     1 
HETATM 1327 O O     . HOH D 4 .   ? -0.162  -2.789  -3.616  1.00 50.43  ? 167 HOH A O     1 
HETATM 1328 O O     . HOH D 4 .   ? 4.611   -15.939 -14.893 1.00 40.92  ? 168 HOH A O     1 
HETATM 1329 O O     . HOH D 4 .   ? 12.670  -16.015 1.260   1.00 55.39  ? 169 HOH A O     1 
HETATM 1330 O O     . HOH D 4 .   ? -5.266  0.825   16.408  1.00 44.92  ? 170 HOH A O     1 
HETATM 1331 O O     . HOH D 4 .   ? 3.819   -5.209  1.269   1.00 43.83  ? 171 HOH A O     1 
HETATM 1332 O O     . HOH D 4 .   ? -0.809  -9.892  4.468   1.00 35.18  ? 172 HOH A O     1 
HETATM 1333 O O     . HOH D 4 .   ? 5.232   2.077   15.559  1.00 46.20  ? 173 HOH A O     1 
HETATM 1334 O O     . HOH D 4 .   ? 3.649   -6.804  -14.642 1.00 63.69  ? 174 HOH A O     1 
HETATM 1335 O O     . HOH D 4 .   ? -0.188  5.538   12.978  1.00 62.57  ? 175 HOH A O     1 
HETATM 1336 O O     . HOH D 4 .   ? -7.694  -0.418  17.879  1.00 56.80  ? 176 HOH A O     1 
HETATM 1337 O O     . HOH D 4 .   ? -0.484  -1.925  -11.498 1.00 41.85  ? 177 HOH A O     1 
HETATM 1338 O O     . HOH D 4 .   ? 9.341   11.477  -2.570  1.00 62.12  ? 178 HOH A O     1 
HETATM 1339 O O     . HOH D 4 .   ? 0.826   8.952   -15.994 1.00 54.49  ? 179 HOH A O     1 
HETATM 1340 O O     . HOH D 4 .   ? 9.473   8.213   -1.397  1.00 70.18  ? 180 HOH A O     1 
HETATM 1341 O O     . HOH D 4 .   ? 10.601  -6.978  -8.953  1.00 52.10  ? 181 HOH A O     1 
HETATM 1342 O O     . HOH D 4 .   ? -2.201  3.516   10.361  1.00 33.52  ? 182 HOH A O     1 
HETATM 1343 O O     . HOH D 4 .   ? 8.869   8.482   1.489   1.00 72.44  ? 183 HOH A O     1 
HETATM 1344 O O     . HOH D 4 .   ? -11.781 3.099   -7.373  1.00 48.23  ? 184 HOH A O     1 
HETATM 1345 O O     . HOH D 4 .   ? -7.493  4.379   -12.535 1.00 60.30  ? 185 HOH A O     1 
HETATM 1346 O O     . HOH D 4 .   ? -4.467  -16.609 3.977   1.00 41.40  ? 186 HOH A O     1 
HETATM 1347 O O     . HOH D 4 .   ? 9.884   11.189  -12.022 1.00 63.78  ? 187 HOH A O     1 
HETATM 1348 O O     . HOH D 4 .   ? -13.895 5.334   10.667  1.00 69.32  ? 188 HOH A O     1 
HETATM 1349 O O     . HOH D 4 .   ? -16.643 8.094   -0.389  1.00 65.03  ? 189 HOH A O     1 
HETATM 1350 O O     . HOH D 4 .   ? -16.566 10.027  2.138   1.00 60.95  ? 190 HOH A O     1 
HETATM 1351 O O     . HOH D 4 .   ? -0.588  -13.470 10.810  1.00 41.85  ? 191 HOH A O     1 
HETATM 1352 O O     . HOH D 4 .   ? 3.692   -9.294  14.164  1.00 39.53  ? 192 HOH A O     1 
HETATM 1353 O O     . HOH D 4 .   ? -12.277 -4.939  13.486  1.00 67.00  ? 193 HOH A O     1 
HETATM 1354 O O     . HOH D 4 .   ? -16.416 -13.278 2.803   1.00 63.19  ? 194 HOH A O     1 
HETATM 1355 O O     . HOH D 4 .   ? -13.544 -7.473  13.023  1.00 60.84  ? 195 HOH A O     1 
HETATM 1356 O O     . HOH D 4 .   ? 5.667   -7.513  14.464  1.00 41.41  ? 196 HOH A O     1 
HETATM 1357 O O     . HOH D 4 .   ? -8.524  6.601   12.729  1.00 62.91  ? 197 HOH A O     1 
HETATM 1358 O O     . HOH D 4 .   ? -3.299  -13.265 -2.364  1.00 48.64  ? 198 HOH A O     1 
HETATM 1359 O O     . HOH D 4 .   ? 9.576   10.547  -0.147  1.00 78.57  ? 199 HOH A O     1 
HETATM 1360 O O     . HOH D 4 .   ? -17.728 -15.020 -4.394  1.00 75.61  ? 200 HOH A O     1 
HETATM 1361 O O     . HOH D 4 .   ? 1.795   -5.378  -14.596 1.00 53.35  ? 203 HOH A O     1 
HETATM 1362 O O     . HOH D 4 .   ? 3.336   -4.525  -2.656  1.00 46.70  ? 204 HOH A O     1 
HETATM 1363 O O     . HOH D 4 .   ? -5.539  -15.048 -2.756  1.00 53.49  ? 205 HOH A O     1 
HETATM 1364 O O     . HOH D 4 .   ? -11.766 9.493   4.952   1.00 64.56  ? 206 HOH A O     1 
HETATM 1365 O O     . HOH D 4 .   ? 5.994   15.125  -10.433 1.00 70.17  ? 207 HOH A O     1 
HETATM 1366 O O     . HOH D 4 .   ? -3.173  -12.286 -8.161  1.00 46.52  ? 208 HOH A O     1 
HETATM 1367 O O     . HOH D 4 .   ? 9.017   -24.361 -2.436  1.00 54.82  ? 209 HOH A O     1 
HETATM 1368 O O     . HOH D 4 .   ? 13.556  -8.194  -8.703  1.00 44.37  ? 210 HOH A O     1 
HETATM 1369 O O     . HOH D 4 .   ? 3.213   -10.651 11.600  1.00 37.97  ? 211 HOH A O     1 
HETATM 1370 O O     . HOH D 4 .   ? -8.881  5.555   2.148   1.00 48.77  ? 212 HOH A O     1 
HETATM 1371 O O     . HOH D 4 .   ? -19.392 -17.233 -2.946  1.00 56.83  ? 213 HOH A O     1 
HETATM 1372 O O     . HOH D 4 .   ? 14.670  5.822   4.485   1.00 57.71  ? 214 HOH A O     1 
HETATM 1373 O O     . HOH D 4 .   ? 11.978  -4.792  -9.946  1.00 58.08  ? 215 HOH A O     1 
HETATM 1374 O O     . HOH D 4 .   ? -4.945  -14.231 17.535  1.00 60.18  ? 216 HOH A O     1 
HETATM 1375 O O     . HOH D 4 .   ? -9.338  -1.368  -7.134  1.00 57.64  ? 217 HOH A O     1 
HETATM 1376 O O     . HOH D 4 .   ? -4.090  -11.047 -3.773  1.00 52.65  ? 218 HOH A O     1 
HETATM 1377 O O     . HOH D 4 .   ? -3.815  -9.242  -9.011  1.00 53.20  ? 219 HOH A O     1 
HETATM 1378 O O     . HOH D 4 .   ? -0.219  -3.861  6.428   1.00 50.64  ? 220 HOH A O     1 
HETATM 1379 O O     . HOH D 4 .   ? 0.032   -17.653 2.341   1.00 51.43  ? 221 HOH A O     1 
HETATM 1380 O O     . HOH D 4 .   ? 8.982   12.206  4.214   1.00 61.83  ? 222 HOH A O     1 
HETATM 1381 O O     . HOH D 4 .   ? 0.798   -11.343 11.258  1.00 35.43  ? 223 HOH A O     1 
# 
loop_
_pdbx_poly_seq_scheme.asym_id 
_pdbx_poly_seq_scheme.entity_id 
_pdbx_poly_seq_scheme.seq_id 
_pdbx_poly_seq_scheme.mon_id 
_pdbx_poly_seq_scheme.ndb_seq_num 
_pdbx_poly_seq_scheme.pdb_seq_num 
_pdbx_poly_seq_scheme.auth_seq_num 
_pdbx_poly_seq_scheme.pdb_mon_id 
_pdbx_poly_seq_scheme.auth_mon_id 
_pdbx_poly_seq_scheme.pdb_strand_id 
_pdbx_poly_seq_scheme.pdb_ins_code 
_pdbx_poly_seq_scheme.hetero 
A 1 1   HIS 1   -5  ?   ?   ?   A . n 
A 1 2   HIS 2   -4  ?   ?   ?   A . n 
A 1 3   HIS 3   -3  ?   ?   ?   A . n 
A 1 4   HIS 4   -2  ?   ?   ?   A . n 
A 1 5   HIS 5   -1  ?   ?   ?   A . n 
A 1 6   HIS 6   0   ?   ?   ?   A . n 
A 1 7   MET 7   1   ?   ?   ?   A . n 
A 1 8   GLN 8   2   2   GLN GLN A . n 
A 1 9   HIS 9   3   3   HIS HIS A . n 
A 1 10  LEU 10  4   4   LEU LEU A . n 
A 1 11  VAL 11  5   5   VAL VAL A . n 
A 1 12  LEU 12  6   6   LEU LEU A . n 
A 1 13  ILE 13  7   7   ILE ILE A . n 
A 1 14  GLY 14  8   8   GLY GLY A . n 
A 1 15  PHE 15  9   9   PHE PHE A . n 
A 1 16  MET 16  10  10  MET MET A . n 
A 1 17  GLY 17  11  11  GLY GLY A . n 
A 1 18  SER 18  12  12  SER SER A . n 
A 1 19  GLY 19  13  13  GLY GLY A . n 
A 1 20  LYS 20  14  14  LYS LYS A . n 
A 1 21  SER 21  15  15  SER SER A . n 
A 1 22  SER 22  16  16  SER SER A . n 
A 1 23  LEU 23  17  17  LEU LEU A . n 
A 1 24  ALA 24  18  18  ALA ALA A . n 
A 1 25  GLN 25  19  19  GLN GLN A . n 
A 1 26  GLU 26  20  20  GLU GLU A . n 
A 1 27  LEU 27  21  21  LEU LEU A . n 
A 1 28  GLY 28  22  22  GLY GLY A . n 
A 1 29  LEU 29  23  23  LEU LEU A . n 
A 1 30  ALA 30  24  24  ALA ALA A . n 
A 1 31  LEU 31  25  25  LEU LEU A . n 
A 1 32  LYS 32  26  26  LYS LYS A . n 
A 1 33  LEU 33  27  27  LEU LEU A . n 
A 1 34  GLU 34  28  28  GLU GLU A . n 
A 1 35  VAL 35  29  29  VAL VAL A . n 
A 1 36  LEU 36  30  30  LEU LEU A . n 
A 1 37  ASP 37  31  31  ASP ASP A . n 
A 1 38  THR 38  32  32  THR THR A . n 
A 1 39  ASP 39  33  33  ASP ASP A . n 
A 1 40  MET 40  34  34  MET MET A . n 
A 1 41  ILE 41  35  35  ILE ILE A . n 
A 1 42  ILE 42  36  36  ILE ILE A . n 
A 1 43  SER 43  37  37  SER SER A . n 
A 1 44  GLU 44  38  38  GLU GLU A . n 
A 1 45  ARG 45  39  39  ARG ARG A . n 
A 1 46  VAL 46  40  40  VAL VAL A . n 
A 1 47  GLY 47  41  41  GLY GLY A . n 
A 1 48  LEU 48  42  42  LEU LEU A . n 
A 1 49  SER 49  43  43  SER SER A . n 
A 1 50  VAL 50  44  44  VAL VAL A . n 
A 1 51  ARG 51  45  45  ARG ARG A . n 
A 1 52  GLU 52  46  46  GLU GLU A . n 
A 1 53  ILE 53  47  47  ILE ILE A . n 
A 1 54  PHE 54  48  48  PHE PHE A . n 
A 1 55  GLU 55  49  49  GLU GLU A . n 
A 1 56  GLU 56  50  50  GLU GLU A . n 
A 1 57  LEU 57  51  51  LEU LEU A . n 
A 1 58  GLY 58  52  52  GLY GLY A . n 
A 1 59  GLU 59  53  53  GLU GLU A . n 
A 1 60  ASP 60  54  54  ASP ASP A . n 
A 1 61  ASN 61  55  55  ASN ASN A . n 
A 1 62  PHE 62  56  56  PHE PHE A . n 
A 1 63  ARG 63  57  57  ARG ARG A . n 
A 1 64  MET 64  58  58  MET MET A . n 
A 1 65  PHE 65  59  59  PHE PHE A . n 
A 1 66  GLU 66  60  60  GLU GLU A . n 
A 1 67  LYS 67  61  61  LYS LYS A . n 
A 1 68  ASN 68  62  62  ASN ASN A . n 
A 1 69  LEU 69  63  63  LEU LEU A . n 
A 1 70  ILE 70  64  64  ILE ILE A . n 
A 1 71  ASP 71  65  65  ASP ASP A . n 
A 1 72  GLU 72  66  66  GLU GLU A . n 
A 1 73  LEU 73  67  67  LEU LEU A . n 
A 1 74  LYS 74  68  68  LYS LYS A . n 
A 1 75  THR 75  69  69  THR THR A . n 
A 1 76  LEU 76  70  70  LEU LEU A . n 
A 1 77  LYS 77  71  71  LYS LYS A . n 
A 1 78  THR 78  72  72  THR THR A . n 
A 1 79  PRO 79  73  73  PRO PRO A . n 
A 1 80  HIS 80  74  74  HIS HIS A . n 
A 1 81  VAL 81  75  75  VAL VAL A . n 
A 1 82  ILE 82  76  76  ILE ILE A . n 
A 1 83  SER 83  77  77  SER SER A . n 
A 1 84  THR 84  78  78  THR THR A . n 
A 1 85  GLY 85  79  79  GLY GLY A . n 
A 1 86  GLY 86  80  80  GLY GLY A . n 
A 1 87  GLY 87  81  81  GLY GLY A . n 
A 1 88  ILE 88  82  82  ILE ILE A . n 
A 1 89  VAL 89  83  83  VAL VAL A . n 
A 1 90  MET 90  84  84  MET MET A . n 
A 1 91  HIS 91  85  85  HIS HIS A . n 
A 1 92  GLU 92  86  86  GLU GLU A . n 
A 1 93  ASN 93  87  87  ASN ASN A . n 
A 1 94  LEU 94  88  88  LEU LEU A . n 
A 1 95  LYS 95  89  89  LYS LYS A . n 
A 1 96  GLY 96  90  90  GLY GLY A . n 
A 1 97  LEU 97  91  91  LEU LEU A . n 
A 1 98  GLY 98  92  92  GLY GLY A . n 
A 1 99  THR 99  93  93  THR THR A . n 
A 1 100 THR 100 94  94  THR THR A . n 
A 1 101 PHE 101 95  95  PHE PHE A . n 
A 1 102 TYR 102 96  96  TYR TYR A . n 
A 1 103 LEU 103 97  97  LEU LEU A . n 
A 1 104 LYS 104 98  98  LYS LYS A . n 
A 1 105 MET 105 99  99  MET MET A . n 
A 1 106 ASP 106 100 100 ASP ASP A . n 
A 1 107 PHE 107 101 101 PHE PHE A . n 
A 1 108 GLU 108 102 102 GLU GLU A . n 
A 1 109 THR 109 103 103 THR THR A . n 
A 1 110 LEU 110 104 104 LEU LEU A . n 
A 1 111 ILE 111 105 105 ILE ILE A . n 
A 1 112 LYS 112 106 106 LYS LYS A . n 
A 1 113 ARG 113 107 107 ARG ARG A . n 
A 1 114 LEU 114 108 108 LEU LEU A . n 
A 1 115 ASN 115 109 109 ASN ASN A . n 
A 1 116 GLN 116 110 110 GLN GLN A . n 
A 1 117 LYS 117 111 111 LYS LYS A . n 
A 1 118 GLU 118 112 112 GLU GLU A . n 
A 1 119 ARG 119 113 113 ARG ARG A . n 
A 1 120 GLU 120 114 114 GLU GLU A . n 
A 1 121 LYS 121 115 115 LYS LYS A . n 
A 1 122 ARG 122 116 116 ARG ARG A . n 
A 1 123 PRO 123 117 117 PRO PRO A . n 
A 1 124 LEU 124 118 118 LEU LEU A . n 
A 1 125 LEU 125 119 119 LEU LEU A . n 
A 1 126 ASN 126 120 120 ASN ASN A . n 
A 1 127 ASN 127 121 121 ASN ASN A . n 
A 1 128 LEU 128 122 122 LEU LEU A . n 
A 1 129 THR 129 123 123 THR THR A . n 
A 1 130 GLN 130 124 124 GLN GLN A . n 
A 1 131 ALA 131 125 125 ALA ALA A . n 
A 1 132 LYS 132 126 126 LYS LYS A . n 
A 1 133 GLU 133 127 127 GLU GLU A . n 
A 1 134 LEU 134 128 128 LEU LEU A . n 
A 1 135 PHE 135 129 129 PHE PHE A . n 
A 1 136 GLU 136 130 130 GLU GLU A . n 
A 1 137 LYS 137 131 131 LYS LYS A . n 
A 1 138 ARG 138 132 132 ARG ARG A . n 
A 1 139 GLN 139 133 133 GLN GLN A . n 
A 1 140 ALA 140 134 134 ALA ALA A . n 
A 1 141 LEU 141 135 135 LEU LEU A . n 
A 1 142 TYR 142 136 136 TYR TYR A . n 
A 1 143 GLU 143 137 137 GLU GLU A . n 
A 1 144 LYS 144 138 138 LYS LYS A . n 
A 1 145 ASN 145 139 139 ASN ASN A . n 
A 1 146 ALA 146 140 140 ALA ALA A . n 
A 1 147 SER 147 141 141 SER SER A . n 
A 1 148 PHE 148 142 142 PHE PHE A . n 
A 1 149 ILE 149 143 143 ILE ILE A . n 
A 1 150 ILE 150 144 144 ILE ILE A . n 
A 1 151 ASP 151 145 145 ASP ASP A . n 
A 1 152 ALA 152 146 146 ALA ALA A . n 
A 1 153 ARG 153 147 147 ARG ARG A . n 
A 1 154 GLY 154 148 148 GLY GLY A . n 
A 1 155 GLY 155 149 149 GLY GLY A . n 
A 1 156 LEU 156 150 150 LEU LEU A . n 
A 1 157 ASN 157 151 151 ASN ASN A . n 
A 1 158 ASN 158 152 152 ASN ASN A . n 
A 1 159 SER 159 153 153 SER SER A . n 
A 1 160 LEU 160 154 154 LEU LEU A . n 
A 1 161 LYS 161 155 155 LYS LYS A . n 
A 1 162 GLN 162 156 156 GLN GLN A . n 
A 1 163 VAL 163 157 157 VAL VAL A . n 
A 1 164 LEU 164 158 158 LEU LEU A . n 
A 1 165 GLN 165 159 159 GLN GLN A . n 
A 1 166 PHE 166 160 160 PHE PHE A . n 
A 1 167 ILE 167 161 161 ILE ILE A . n 
A 1 168 ALA 168 162 ?   ?   ?   A . n 
# 
loop_
_pdbx_nonpoly_scheme.asym_id 
_pdbx_nonpoly_scheme.entity_id 
_pdbx_nonpoly_scheme.mon_id 
_pdbx_nonpoly_scheme.ndb_seq_num 
_pdbx_nonpoly_scheme.pdb_seq_num 
_pdbx_nonpoly_scheme.auth_seq_num 
_pdbx_nonpoly_scheme.pdb_mon_id 
_pdbx_nonpoly_scheme.auth_mon_id 
_pdbx_nonpoly_scheme.pdb_strand_id 
_pdbx_nonpoly_scheme.pdb_ins_code 
B 2 ADP 1  202 202 ADP ADP A . 
C 3 S3P 1  201 201 S3P S3P A . 
D 4 HOH 1  163 1   HOH HOH A . 
D 4 HOH 2  164 2   HOH HOH A . 
D 4 HOH 3  165 3   HOH HOH A . 
D 4 HOH 4  166 4   HOH HOH A . 
D 4 HOH 5  167 5   HOH HOH A . 
D 4 HOH 6  168 6   HOH HOH A . 
D 4 HOH 7  169 7   HOH HOH A . 
D 4 HOH 8  170 8   HOH HOH A . 
D 4 HOH 9  171 9   HOH HOH A . 
D 4 HOH 10 172 10  HOH HOH A . 
D 4 HOH 11 173 11  HOH HOH A . 
D 4 HOH 12 174 12  HOH HOH A . 
D 4 HOH 13 175 13  HOH HOH A . 
D 4 HOH 14 176 14  HOH HOH A . 
D 4 HOH 15 177 15  HOH HOH A . 
D 4 HOH 16 178 16  HOH HOH A . 
D 4 HOH 17 179 17  HOH HOH A . 
D 4 HOH 18 180 18  HOH HOH A . 
D 4 HOH 19 181 19  HOH HOH A . 
D 4 HOH 20 182 20  HOH HOH A . 
D 4 HOH 21 183 21  HOH HOH A . 
D 4 HOH 22 184 22  HOH HOH A . 
D 4 HOH 23 185 23  HOH HOH A . 
D 4 HOH 24 186 24  HOH HOH A . 
D 4 HOH 25 187 25  HOH HOH A . 
D 4 HOH 26 188 26  HOH HOH A . 
D 4 HOH 27 189 27  HOH HOH A . 
D 4 HOH 28 190 28  HOH HOH A . 
D 4 HOH 29 191 29  HOH HOH A . 
D 4 HOH 30 192 30  HOH HOH A . 
D 4 HOH 31 193 32  HOH HOH A . 
D 4 HOH 32 194 34  HOH HOH A . 
D 4 HOH 33 195 36  HOH HOH A . 
D 4 HOH 34 196 37  HOH HOH A . 
D 4 HOH 35 197 39  HOH HOH A . 
D 4 HOH 36 198 42  HOH HOH A . 
D 4 HOH 37 199 44  HOH HOH A . 
D 4 HOH 38 200 45  HOH HOH A . 
D 4 HOH 39 203 47  HOH HOH A . 
D 4 HOH 40 204 50  HOH HOH A . 
D 4 HOH 41 205 51  HOH HOH A . 
D 4 HOH 42 206 52  HOH HOH A . 
D 4 HOH 43 207 54  HOH HOH A . 
D 4 HOH 44 208 55  HOH HOH A . 
D 4 HOH 45 209 57  HOH HOH A . 
D 4 HOH 46 210 58  HOH HOH A . 
D 4 HOH 47 211 59  HOH HOH A . 
D 4 HOH 48 212 60  HOH HOH A . 
D 4 HOH 49 213 61  HOH HOH A . 
D 4 HOH 50 214 62  HOH HOH A . 
D 4 HOH 51 215 63  HOH HOH A . 
D 4 HOH 52 216 64  HOH HOH A . 
D 4 HOH 53 217 65  HOH HOH A . 
D 4 HOH 54 218 66  HOH HOH A . 
D 4 HOH 55 219 68  HOH HOH A . 
D 4 HOH 56 220 70  HOH HOH A . 
D 4 HOH 57 221 72  HOH HOH A . 
D 4 HOH 58 222 74  HOH HOH A . 
D 4 HOH 59 223 75  HOH HOH A . 
# 
_pdbx_struct_assembly.id                   1 
_pdbx_struct_assembly.details              author_and_software_defined_assembly 
_pdbx_struct_assembly.method_details       PISA 
_pdbx_struct_assembly.oligomeric_details   monomeric 
_pdbx_struct_assembly.oligomeric_count     1 
# 
_pdbx_struct_assembly_gen.assembly_id       1 
_pdbx_struct_assembly_gen.oper_expression   1 
_pdbx_struct_assembly_gen.asym_id_list      A,B,C,D 
# 
_pdbx_struct_oper_list.id                   1 
_pdbx_struct_oper_list.type                 'identity operation' 
_pdbx_struct_oper_list.name                 1_555 
_pdbx_struct_oper_list.symmetry_operation   x,y,z 
_pdbx_struct_oper_list.matrix[1][1]         1.0000000000 
_pdbx_struct_oper_list.matrix[1][2]         0.0000000000 
_pdbx_struct_oper_list.matrix[1][3]         0.0000000000 
_pdbx_struct_oper_list.vector[1]            0.0000000000 
_pdbx_struct_oper_list.matrix[2][1]         0.0000000000 
_pdbx_struct_oper_list.matrix[2][2]         1.0000000000 
_pdbx_struct_oper_list.matrix[2][3]         0.0000000000 
_pdbx_struct_oper_list.vector[2]            0.0000000000 
_pdbx_struct_oper_list.matrix[3][1]         0.0000000000 
_pdbx_struct_oper_list.matrix[3][2]         0.0000000000 
_pdbx_struct_oper_list.matrix[3][3]         1.0000000000 
_pdbx_struct_oper_list.vector[3]            0.0000000000 
# 
loop_
_pdbx_audit_revision_history.ordinal 
_pdbx_audit_revision_history.data_content_type 
_pdbx_audit_revision_history.major_revision 
_pdbx_audit_revision_history.minor_revision 
_pdbx_audit_revision_history.revision_date 
1 'Structure model' 1 0 2011-05-04 
2 'Structure model' 1 1 2011-07-13 
3 'Structure model' 1 2 2012-05-30 
4 'Structure model' 1 3 2023-11-01 
# 
_pdbx_audit_revision_details.ordinal             1 
_pdbx_audit_revision_details.revision_ordinal    1 
_pdbx_audit_revision_details.data_content_type   'Structure model' 
_pdbx_audit_revision_details.provider            repository 
_pdbx_audit_revision_details.type                'Initial release' 
_pdbx_audit_revision_details.description         ? 
_pdbx_audit_revision_details.details             ? 
# 
loop_
_pdbx_audit_revision_group.ordinal 
_pdbx_audit_revision_group.revision_ordinal 
_pdbx_audit_revision_group.data_content_type 
_pdbx_audit_revision_group.group 
1 2 'Structure model' 'Version format compliance' 
2 3 'Structure model' 'Database references'       
3 4 'Structure model' 'Data collection'           
4 4 'Structure model' 'Database references'       
5 4 'Structure model' 'Derived calculations'      
6 4 'Structure model' 'Refinement description'    
# 
loop_
_pdbx_audit_revision_category.ordinal 
_pdbx_audit_revision_category.revision_ordinal 
_pdbx_audit_revision_category.data_content_type 
_pdbx_audit_revision_category.category 
1 4 'Structure model' chem_comp_atom                
2 4 'Structure model' chem_comp_bond                
3 4 'Structure model' database_2                    
4 4 'Structure model' pdbx_initial_refinement_model 
5 4 'Structure model' struct_ref_seq_dif            
6 4 'Structure model' struct_site                   
# 
loop_
_pdbx_audit_revision_item.ordinal 
_pdbx_audit_revision_item.revision_ordinal 
_pdbx_audit_revision_item.data_content_type 
_pdbx_audit_revision_item.item 
1 4 'Structure model' '_database_2.pdbx_DOI'                
2 4 'Structure model' '_database_2.pdbx_database_accession' 
3 4 'Structure model' '_struct_ref_seq_dif.details'         
4 4 'Structure model' '_struct_site.pdbx_auth_asym_id'      
5 4 'Structure model' '_struct_site.pdbx_auth_comp_id'      
6 4 'Structure model' '_struct_site.pdbx_auth_seq_id'       
# 
loop_
_software.name 
_software.classification 
_software.version 
_software.citation_id 
_software.pdbx_ordinal 
HKL-2000 'data collection' .        ? 1 
AMoRE    phasing           .        ? 2 
REFMAC   refinement        5.5.0102 ? 3 
HKL-2000 'data reduction'  .        ? 4 
HKL-2000 'data scaling'    .        ? 5 
# 
loop_
_pdbx_unobs_or_zero_occ_residues.id 
_pdbx_unobs_or_zero_occ_residues.PDB_model_num 
_pdbx_unobs_or_zero_occ_residues.polymer_flag 
_pdbx_unobs_or_zero_occ_residues.occupancy_flag 
_pdbx_unobs_or_zero_occ_residues.auth_asym_id 
_pdbx_unobs_or_zero_occ_residues.auth_comp_id 
_pdbx_unobs_or_zero_occ_residues.auth_seq_id 
_pdbx_unobs_or_zero_occ_residues.PDB_ins_code 
_pdbx_unobs_or_zero_occ_residues.label_asym_id 
_pdbx_unobs_or_zero_occ_residues.label_comp_id 
_pdbx_unobs_or_zero_occ_residues.label_seq_id 
1 1 Y 1 A HIS -5  ? A HIS 1   
2 1 Y 1 A HIS -4  ? A HIS 2   
3 1 Y 1 A HIS -3  ? A HIS 3   
4 1 Y 1 A HIS -2  ? A HIS 4   
5 1 Y 1 A HIS -1  ? A HIS 5   
6 1 Y 1 A HIS 0   ? A HIS 6   
7 1 Y 1 A MET 1   ? A MET 7   
8 1 Y 1 A ALA 162 ? A ALA 168 
# 
loop_
_chem_comp_atom.comp_id 
_chem_comp_atom.atom_id 
_chem_comp_atom.type_symbol 
_chem_comp_atom.pdbx_aromatic_flag 
_chem_comp_atom.pdbx_stereo_config 
_chem_comp_atom.pdbx_ordinal 
ADP PB     P N N 1   
ADP O1B    O N N 2   
ADP O2B    O N N 3   
ADP O3B    O N N 4   
ADP PA     P N S 5   
ADP O1A    O N N 6   
ADP O2A    O N N 7   
ADP O3A    O N N 8   
ADP "O5'"  O N N 9   
ADP "C5'"  C N N 10  
ADP "C4'"  C N R 11  
ADP "O4'"  O N N 12  
ADP "C3'"  C N S 13  
ADP "O3'"  O N N 14  
ADP "C2'"  C N R 15  
ADP "O2'"  O N N 16  
ADP "C1'"  C N R 17  
ADP N9     N Y N 18  
ADP C8     C Y N 19  
ADP N7     N Y N 20  
ADP C5     C Y N 21  
ADP C6     C Y N 22  
ADP N6     N N N 23  
ADP N1     N Y N 24  
ADP C2     C Y N 25  
ADP N3     N Y N 26  
ADP C4     C Y N 27  
ADP HOB2   H N N 28  
ADP HOB3   H N N 29  
ADP HOA2   H N N 30  
ADP "H5'1" H N N 31  
ADP "H5'2" H N N 32  
ADP "H4'"  H N N 33  
ADP "H3'"  H N N 34  
ADP "HO3'" H N N 35  
ADP "H2'"  H N N 36  
ADP "HO2'" H N N 37  
ADP "H1'"  H N N 38  
ADP H8     H N N 39  
ADP HN61   H N N 40  
ADP HN62   H N N 41  
ADP H2     H N N 42  
ALA N      N N N 43  
ALA CA     C N S 44  
ALA C      C N N 45  
ALA O      O N N 46  
ALA CB     C N N 47  
ALA OXT    O N N 48  
ALA H      H N N 49  
ALA H2     H N N 50  
ALA HA     H N N 51  
ALA HB1    H N N 52  
ALA HB2    H N N 53  
ALA HB3    H N N 54  
ALA HXT    H N N 55  
ARG N      N N N 56  
ARG CA     C N S 57  
ARG C      C N N 58  
ARG O      O N N 59  
ARG CB     C N N 60  
ARG CG     C N N 61  
ARG CD     C N N 62  
ARG NE     N N N 63  
ARG CZ     C N N 64  
ARG NH1    N N N 65  
ARG NH2    N N N 66  
ARG OXT    O N N 67  
ARG H      H N N 68  
ARG H2     H N N 69  
ARG HA     H N N 70  
ARG HB2    H N N 71  
ARG HB3    H N N 72  
ARG HG2    H N N 73  
ARG HG3    H N N 74  
ARG HD2    H N N 75  
ARG HD3    H N N 76  
ARG HE     H N N 77  
ARG HH11   H N N 78  
ARG HH12   H N N 79  
ARG HH21   H N N 80  
ARG HH22   H N N 81  
ARG HXT    H N N 82  
ASN N      N N N 83  
ASN CA     C N S 84  
ASN C      C N N 85  
ASN O      O N N 86  
ASN CB     C N N 87  
ASN CG     C N N 88  
ASN OD1    O N N 89  
ASN ND2    N N N 90  
ASN OXT    O N N 91  
ASN H      H N N 92  
ASN H2     H N N 93  
ASN HA     H N N 94  
ASN HB2    H N N 95  
ASN HB3    H N N 96  
ASN HD21   H N N 97  
ASN HD22   H N N 98  
ASN HXT    H N N 99  
ASP N      N N N 100 
ASP CA     C N S 101 
ASP C      C N N 102 
ASP O      O N N 103 
ASP CB     C N N 104 
ASP CG     C N N 105 
ASP OD1    O N N 106 
ASP OD2    O N N 107 
ASP OXT    O N N 108 
ASP H      H N N 109 
ASP H2     H N N 110 
ASP HA     H N N 111 
ASP HB2    H N N 112 
ASP HB3    H N N 113 
ASP HD2    H N N 114 
ASP HXT    H N N 115 
GLN N      N N N 116 
GLN CA     C N S 117 
GLN C      C N N 118 
GLN O      O N N 119 
GLN CB     C N N 120 
GLN CG     C N N 121 
GLN CD     C N N 122 
GLN OE1    O N N 123 
GLN NE2    N N N 124 
GLN OXT    O N N 125 
GLN H      H N N 126 
GLN H2     H N N 127 
GLN HA     H N N 128 
GLN HB2    H N N 129 
GLN HB3    H N N 130 
GLN HG2    H N N 131 
GLN HG3    H N N 132 
GLN HE21   H N N 133 
GLN HE22   H N N 134 
GLN HXT    H N N 135 
GLU N      N N N 136 
GLU CA     C N S 137 
GLU C      C N N 138 
GLU O      O N N 139 
GLU CB     C N N 140 
GLU CG     C N N 141 
GLU CD     C N N 142 
GLU OE1    O N N 143 
GLU OE2    O N N 144 
GLU OXT    O N N 145 
GLU H      H N N 146 
GLU H2     H N N 147 
GLU HA     H N N 148 
GLU HB2    H N N 149 
GLU HB3    H N N 150 
GLU HG2    H N N 151 
GLU HG3    H N N 152 
GLU HE2    H N N 153 
GLU HXT    H N N 154 
GLY N      N N N 155 
GLY CA     C N N 156 
GLY C      C N N 157 
GLY O      O N N 158 
GLY OXT    O N N 159 
GLY H      H N N 160 
GLY H2     H N N 161 
GLY HA2    H N N 162 
GLY HA3    H N N 163 
GLY HXT    H N N 164 
HIS N      N N N 165 
HIS CA     C N S 166 
HIS C      C N N 167 
HIS O      O N N 168 
HIS CB     C N N 169 
HIS CG     C Y N 170 
HIS ND1    N Y N 171 
HIS CD2    C Y N 172 
HIS CE1    C Y N 173 
HIS NE2    N Y N 174 
HIS OXT    O N N 175 
HIS H      H N N 176 
HIS H2     H N N 177 
HIS HA     H N N 178 
HIS HB2    H N N 179 
HIS HB3    H N N 180 
HIS HD1    H N N 181 
HIS HD2    H N N 182 
HIS HE1    H N N 183 
HIS HE2    H N N 184 
HIS HXT    H N N 185 
HOH O      O N N 186 
HOH H1     H N N 187 
HOH H2     H N N 188 
ILE N      N N N 189 
ILE CA     C N S 190 
ILE C      C N N 191 
ILE O      O N N 192 
ILE CB     C N S 193 
ILE CG1    C N N 194 
ILE CG2    C N N 195 
ILE CD1    C N N 196 
ILE OXT    O N N 197 
ILE H      H N N 198 
ILE H2     H N N 199 
ILE HA     H N N 200 
ILE HB     H N N 201 
ILE HG12   H N N 202 
ILE HG13   H N N 203 
ILE HG21   H N N 204 
ILE HG22   H N N 205 
ILE HG23   H N N 206 
ILE HD11   H N N 207 
ILE HD12   H N N 208 
ILE HD13   H N N 209 
ILE HXT    H N N 210 
LEU N      N N N 211 
LEU CA     C N S 212 
LEU C      C N N 213 
LEU O      O N N 214 
LEU CB     C N N 215 
LEU CG     C N N 216 
LEU CD1    C N N 217 
LEU CD2    C N N 218 
LEU OXT    O N N 219 
LEU H      H N N 220 
LEU H2     H N N 221 
LEU HA     H N N 222 
LEU HB2    H N N 223 
LEU HB3    H N N 224 
LEU HG     H N N 225 
LEU HD11   H N N 226 
LEU HD12   H N N 227 
LEU HD13   H N N 228 
LEU HD21   H N N 229 
LEU HD22   H N N 230 
LEU HD23   H N N 231 
LEU HXT    H N N 232 
LYS N      N N N 233 
LYS CA     C N S 234 
LYS C      C N N 235 
LYS O      O N N 236 
LYS CB     C N N 237 
LYS CG     C N N 238 
LYS CD     C N N 239 
LYS CE     C N N 240 
LYS NZ     N N N 241 
LYS OXT    O N N 242 
LYS H      H N N 243 
LYS H2     H N N 244 
LYS HA     H N N 245 
LYS HB2    H N N 246 
LYS HB3    H N N 247 
LYS HG2    H N N 248 
LYS HG3    H N N 249 
LYS HD2    H N N 250 
LYS HD3    H N N 251 
LYS HE2    H N N 252 
LYS HE3    H N N 253 
LYS HZ1    H N N 254 
LYS HZ2    H N N 255 
LYS HZ3    H N N 256 
LYS HXT    H N N 257 
MET N      N N N 258 
MET CA     C N S 259 
MET C      C N N 260 
MET O      O N N 261 
MET CB     C N N 262 
MET CG     C N N 263 
MET SD     S N N 264 
MET CE     C N N 265 
MET OXT    O N N 266 
MET H      H N N 267 
MET H2     H N N 268 
MET HA     H N N 269 
MET HB2    H N N 270 
MET HB3    H N N 271 
MET HG2    H N N 272 
MET HG3    H N N 273 
MET HE1    H N N 274 
MET HE2    H N N 275 
MET HE3    H N N 276 
MET HXT    H N N 277 
PHE N      N N N 278 
PHE CA     C N S 279 
PHE C      C N N 280 
PHE O      O N N 281 
PHE CB     C N N 282 
PHE CG     C Y N 283 
PHE CD1    C Y N 284 
PHE CD2    C Y N 285 
PHE CE1    C Y N 286 
PHE CE2    C Y N 287 
PHE CZ     C Y N 288 
PHE OXT    O N N 289 
PHE H      H N N 290 
PHE H2     H N N 291 
PHE HA     H N N 292 
PHE HB2    H N N 293 
PHE HB3    H N N 294 
PHE HD1    H N N 295 
PHE HD2    H N N 296 
PHE HE1    H N N 297 
PHE HE2    H N N 298 
PHE HZ     H N N 299 
PHE HXT    H N N 300 
PRO N      N N N 301 
PRO CA     C N S 302 
PRO C      C N N 303 
PRO O      O N N 304 
PRO CB     C N N 305 
PRO CG     C N N 306 
PRO CD     C N N 307 
PRO OXT    O N N 308 
PRO H      H N N 309 
PRO HA     H N N 310 
PRO HB2    H N N 311 
PRO HB3    H N N 312 
PRO HG2    H N N 313 
PRO HG3    H N N 314 
PRO HD2    H N N 315 
PRO HD3    H N N 316 
PRO HXT    H N N 317 
S3P C1     C N N 318 
S3P C2     C N N 319 
S3P C3     C N R 320 
S3P C4     C N S 321 
S3P C5     C N R 322 
S3P C6     C N N 323 
S3P C7     C N N 324 
S3P O1     O N N 325 
S3P O2     O N N 326 
S3P O3     O N N 327 
S3P O4     O N N 328 
S3P O5     O N N 329 
S3P P1     P N N 330 
S3P O6     O N N 331 
S3P O7     O N N 332 
S3P O8     O N N 333 
S3P H2     H N N 334 
S3P H3     H N N 335 
S3P H4     H N N 336 
S3P H5     H N N 337 
S3P H61    H N N 338 
S3P H62    H N N 339 
S3P HO2    H N N 340 
S3P HO3    H N N 341 
S3P HO4    H N N 342 
S3P HO7    H N N 343 
S3P HO8    H N N 344 
SER N      N N N 345 
SER CA     C N S 346 
SER C      C N N 347 
SER O      O N N 348 
SER CB     C N N 349 
SER OG     O N N 350 
SER OXT    O N N 351 
SER H      H N N 352 
SER H2     H N N 353 
SER HA     H N N 354 
SER HB2    H N N 355 
SER HB3    H N N 356 
SER HG     H N N 357 
SER HXT    H N N 358 
THR N      N N N 359 
THR CA     C N S 360 
THR C      C N N 361 
THR O      O N N 362 
THR CB     C N R 363 
THR OG1    O N N 364 
THR CG2    C N N 365 
THR OXT    O N N 366 
THR H      H N N 367 
THR H2     H N N 368 
THR HA     H N N 369 
THR HB     H N N 370 
THR HG1    H N N 371 
THR HG21   H N N 372 
THR HG22   H N N 373 
THR HG23   H N N 374 
THR HXT    H N N 375 
TYR N      N N N 376 
TYR CA     C N S 377 
TYR C      C N N 378 
TYR O      O N N 379 
TYR CB     C N N 380 
TYR CG     C Y N 381 
TYR CD1    C Y N 382 
TYR CD2    C Y N 383 
TYR CE1    C Y N 384 
TYR CE2    C Y N 385 
TYR CZ     C Y N 386 
TYR OH     O N N 387 
TYR OXT    O N N 388 
TYR H      H N N 389 
TYR H2     H N N 390 
TYR HA     H N N 391 
TYR HB2    H N N 392 
TYR HB3    H N N 393 
TYR HD1    H N N 394 
TYR HD2    H N N 395 
TYR HE1    H N N 396 
TYR HE2    H N N 397 
TYR HH     H N N 398 
TYR HXT    H N N 399 
VAL N      N N N 400 
VAL CA     C N S 401 
VAL C      C N N 402 
VAL O      O N N 403 
VAL CB     C N N 404 
VAL CG1    C N N 405 
VAL CG2    C N N 406 
VAL OXT    O N N 407 
VAL H      H N N 408 
VAL H2     H N N 409 
VAL HA     H N N 410 
VAL HB     H N N 411 
VAL HG11   H N N 412 
VAL HG12   H N N 413 
VAL HG13   H N N 414 
VAL HG21   H N N 415 
VAL HG22   H N N 416 
VAL HG23   H N N 417 
VAL HXT    H N N 418 
# 
loop_
_chem_comp_bond.comp_id 
_chem_comp_bond.atom_id_1 
_chem_comp_bond.atom_id_2 
_chem_comp_bond.value_order 
_chem_comp_bond.pdbx_aromatic_flag 
_chem_comp_bond.pdbx_stereo_config 
_chem_comp_bond.pdbx_ordinal 
ADP PB    O1B    doub N N 1   
ADP PB    O2B    sing N N 2   
ADP PB    O3B    sing N N 3   
ADP PB    O3A    sing N N 4   
ADP O2B   HOB2   sing N N 5   
ADP O3B   HOB3   sing N N 6   
ADP PA    O1A    doub N N 7   
ADP PA    O2A    sing N N 8   
ADP PA    O3A    sing N N 9   
ADP PA    "O5'"  sing N N 10  
ADP O2A   HOA2   sing N N 11  
ADP "O5'" "C5'"  sing N N 12  
ADP "C5'" "C4'"  sing N N 13  
ADP "C5'" "H5'1" sing N N 14  
ADP "C5'" "H5'2" sing N N 15  
ADP "C4'" "O4'"  sing N N 16  
ADP "C4'" "C3'"  sing N N 17  
ADP "C4'" "H4'"  sing N N 18  
ADP "O4'" "C1'"  sing N N 19  
ADP "C3'" "O3'"  sing N N 20  
ADP "C3'" "C2'"  sing N N 21  
ADP "C3'" "H3'"  sing N N 22  
ADP "O3'" "HO3'" sing N N 23  
ADP "C2'" "O2'"  sing N N 24  
ADP "C2'" "C1'"  sing N N 25  
ADP "C2'" "H2'"  sing N N 26  
ADP "O2'" "HO2'" sing N N 27  
ADP "C1'" N9     sing N N 28  
ADP "C1'" "H1'"  sing N N 29  
ADP N9    C8     sing Y N 30  
ADP N9    C4     sing Y N 31  
ADP C8    N7     doub Y N 32  
ADP C8    H8     sing N N 33  
ADP N7    C5     sing Y N 34  
ADP C5    C6     sing Y N 35  
ADP C5    C4     doub Y N 36  
ADP C6    N6     sing N N 37  
ADP C6    N1     doub Y N 38  
ADP N6    HN61   sing N N 39  
ADP N6    HN62   sing N N 40  
ADP N1    C2     sing Y N 41  
ADP C2    N3     doub Y N 42  
ADP C2    H2     sing N N 43  
ADP N3    C4     sing Y N 44  
ALA N     CA     sing N N 45  
ALA N     H      sing N N 46  
ALA N     H2     sing N N 47  
ALA CA    C      sing N N 48  
ALA CA    CB     sing N N 49  
ALA CA    HA     sing N N 50  
ALA C     O      doub N N 51  
ALA C     OXT    sing N N 52  
ALA CB    HB1    sing N N 53  
ALA CB    HB2    sing N N 54  
ALA CB    HB3    sing N N 55  
ALA OXT   HXT    sing N N 56  
ARG N     CA     sing N N 57  
ARG N     H      sing N N 58  
ARG N     H2     sing N N 59  
ARG CA    C      sing N N 60  
ARG CA    CB     sing N N 61  
ARG CA    HA     sing N N 62  
ARG C     O      doub N N 63  
ARG C     OXT    sing N N 64  
ARG CB    CG     sing N N 65  
ARG CB    HB2    sing N N 66  
ARG CB    HB3    sing N N 67  
ARG CG    CD     sing N N 68  
ARG CG    HG2    sing N N 69  
ARG CG    HG3    sing N N 70  
ARG CD    NE     sing N N 71  
ARG CD    HD2    sing N N 72  
ARG CD    HD3    sing N N 73  
ARG NE    CZ     sing N N 74  
ARG NE    HE     sing N N 75  
ARG CZ    NH1    sing N N 76  
ARG CZ    NH2    doub N N 77  
ARG NH1   HH11   sing N N 78  
ARG NH1   HH12   sing N N 79  
ARG NH2   HH21   sing N N 80  
ARG NH2   HH22   sing N N 81  
ARG OXT   HXT    sing N N 82  
ASN N     CA     sing N N 83  
ASN N     H      sing N N 84  
ASN N     H2     sing N N 85  
ASN CA    C      sing N N 86  
ASN CA    CB     sing N N 87  
ASN CA    HA     sing N N 88  
ASN C     O      doub N N 89  
ASN C     OXT    sing N N 90  
ASN CB    CG     sing N N 91  
ASN CB    HB2    sing N N 92  
ASN CB    HB3    sing N N 93  
ASN CG    OD1    doub N N 94  
ASN CG    ND2    sing N N 95  
ASN ND2   HD21   sing N N 96  
ASN ND2   HD22   sing N N 97  
ASN OXT   HXT    sing N N 98  
ASP N     CA     sing N N 99  
ASP N     H      sing N N 100 
ASP N     H2     sing N N 101 
ASP CA    C      sing N N 102 
ASP CA    CB     sing N N 103 
ASP CA    HA     sing N N 104 
ASP C     O      doub N N 105 
ASP C     OXT    sing N N 106 
ASP CB    CG     sing N N 107 
ASP CB    HB2    sing N N 108 
ASP CB    HB3    sing N N 109 
ASP CG    OD1    doub N N 110 
ASP CG    OD2    sing N N 111 
ASP OD2   HD2    sing N N 112 
ASP OXT   HXT    sing N N 113 
GLN N     CA     sing N N 114 
GLN N     H      sing N N 115 
GLN N     H2     sing N N 116 
GLN CA    C      sing N N 117 
GLN CA    CB     sing N N 118 
GLN CA    HA     sing N N 119 
GLN C     O      doub N N 120 
GLN C     OXT    sing N N 121 
GLN CB    CG     sing N N 122 
GLN CB    HB2    sing N N 123 
GLN CB    HB3    sing N N 124 
GLN CG    CD     sing N N 125 
GLN CG    HG2    sing N N 126 
GLN CG    HG3    sing N N 127 
GLN CD    OE1    doub N N 128 
GLN CD    NE2    sing N N 129 
GLN NE2   HE21   sing N N 130 
GLN NE2   HE22   sing N N 131 
GLN OXT   HXT    sing N N 132 
GLU N     CA     sing N N 133 
GLU N     H      sing N N 134 
GLU N     H2     sing N N 135 
GLU CA    C      sing N N 136 
GLU CA    CB     sing N N 137 
GLU CA    HA     sing N N 138 
GLU C     O      doub N N 139 
GLU C     OXT    sing N N 140 
GLU CB    CG     sing N N 141 
GLU CB    HB2    sing N N 142 
GLU CB    HB3    sing N N 143 
GLU CG    CD     sing N N 144 
GLU CG    HG2    sing N N 145 
GLU CG    HG3    sing N N 146 
GLU CD    OE1    doub N N 147 
GLU CD    OE2    sing N N 148 
GLU OE2   HE2    sing N N 149 
GLU OXT   HXT    sing N N 150 
GLY N     CA     sing N N 151 
GLY N     H      sing N N 152 
GLY N     H2     sing N N 153 
GLY CA    C      sing N N 154 
GLY CA    HA2    sing N N 155 
GLY CA    HA3    sing N N 156 
GLY C     O      doub N N 157 
GLY C     OXT    sing N N 158 
GLY OXT   HXT    sing N N 159 
HIS N     CA     sing N N 160 
HIS N     H      sing N N 161 
HIS N     H2     sing N N 162 
HIS CA    C      sing N N 163 
HIS CA    CB     sing N N 164 
HIS CA    HA     sing N N 165 
HIS C     O      doub N N 166 
HIS C     OXT    sing N N 167 
HIS CB    CG     sing N N 168 
HIS CB    HB2    sing N N 169 
HIS CB    HB3    sing N N 170 
HIS CG    ND1    sing Y N 171 
HIS CG    CD2    doub Y N 172 
HIS ND1   CE1    doub Y N 173 
HIS ND1   HD1    sing N N 174 
HIS CD2   NE2    sing Y N 175 
HIS CD2   HD2    sing N N 176 
HIS CE1   NE2    sing Y N 177 
HIS CE1   HE1    sing N N 178 
HIS NE2   HE2    sing N N 179 
HIS OXT   HXT    sing N N 180 
HOH O     H1     sing N N 181 
HOH O     H2     sing N N 182 
ILE N     CA     sing N N 183 
ILE N     H      sing N N 184 
ILE N     H2     sing N N 185 
ILE CA    C      sing N N 186 
ILE CA    CB     sing N N 187 
ILE CA    HA     sing N N 188 
ILE C     O      doub N N 189 
ILE C     OXT    sing N N 190 
ILE CB    CG1    sing N N 191 
ILE CB    CG2    sing N N 192 
ILE CB    HB     sing N N 193 
ILE CG1   CD1    sing N N 194 
ILE CG1   HG12   sing N N 195 
ILE CG1   HG13   sing N N 196 
ILE CG2   HG21   sing N N 197 
ILE CG2   HG22   sing N N 198 
ILE CG2   HG23   sing N N 199 
ILE CD1   HD11   sing N N 200 
ILE CD1   HD12   sing N N 201 
ILE CD1   HD13   sing N N 202 
ILE OXT   HXT    sing N N 203 
LEU N     CA     sing N N 204 
LEU N     H      sing N N 205 
LEU N     H2     sing N N 206 
LEU CA    C      sing N N 207 
LEU CA    CB     sing N N 208 
LEU CA    HA     sing N N 209 
LEU C     O      doub N N 210 
LEU C     OXT    sing N N 211 
LEU CB    CG     sing N N 212 
LEU CB    HB2    sing N N 213 
LEU CB    HB3    sing N N 214 
LEU CG    CD1    sing N N 215 
LEU CG    CD2    sing N N 216 
LEU CG    HG     sing N N 217 
LEU CD1   HD11   sing N N 218 
LEU CD1   HD12   sing N N 219 
LEU CD1   HD13   sing N N 220 
LEU CD2   HD21   sing N N 221 
LEU CD2   HD22   sing N N 222 
LEU CD2   HD23   sing N N 223 
LEU OXT   HXT    sing N N 224 
LYS N     CA     sing N N 225 
LYS N     H      sing N N 226 
LYS N     H2     sing N N 227 
LYS CA    C      sing N N 228 
LYS CA    CB     sing N N 229 
LYS CA    HA     sing N N 230 
LYS C     O      doub N N 231 
LYS C     OXT    sing N N 232 
LYS CB    CG     sing N N 233 
LYS CB    HB2    sing N N 234 
LYS CB    HB3    sing N N 235 
LYS CG    CD     sing N N 236 
LYS CG    HG2    sing N N 237 
LYS CG    HG3    sing N N 238 
LYS CD    CE     sing N N 239 
LYS CD    HD2    sing N N 240 
LYS CD    HD3    sing N N 241 
LYS CE    NZ     sing N N 242 
LYS CE    HE2    sing N N 243 
LYS CE    HE3    sing N N 244 
LYS NZ    HZ1    sing N N 245 
LYS NZ    HZ2    sing N N 246 
LYS NZ    HZ3    sing N N 247 
LYS OXT   HXT    sing N N 248 
MET N     CA     sing N N 249 
MET N     H      sing N N 250 
MET N     H2     sing N N 251 
MET CA    C      sing N N 252 
MET CA    CB     sing N N 253 
MET CA    HA     sing N N 254 
MET C     O      doub N N 255 
MET C     OXT    sing N N 256 
MET CB    CG     sing N N 257 
MET CB    HB2    sing N N 258 
MET CB    HB3    sing N N 259 
MET CG    SD     sing N N 260 
MET CG    HG2    sing N N 261 
MET CG    HG3    sing N N 262 
MET SD    CE     sing N N 263 
MET CE    HE1    sing N N 264 
MET CE    HE2    sing N N 265 
MET CE    HE3    sing N N 266 
MET OXT   HXT    sing N N 267 
PHE N     CA     sing N N 268 
PHE N     H      sing N N 269 
PHE N     H2     sing N N 270 
PHE CA    C      sing N N 271 
PHE CA    CB     sing N N 272 
PHE CA    HA     sing N N 273 
PHE C     O      doub N N 274 
PHE C     OXT    sing N N 275 
PHE CB    CG     sing N N 276 
PHE CB    HB2    sing N N 277 
PHE CB    HB3    sing N N 278 
PHE CG    CD1    doub Y N 279 
PHE CG    CD2    sing Y N 280 
PHE CD1   CE1    sing Y N 281 
PHE CD1   HD1    sing N N 282 
PHE CD2   CE2    doub Y N 283 
PHE CD2   HD2    sing N N 284 
PHE CE1   CZ     doub Y N 285 
PHE CE1   HE1    sing N N 286 
PHE CE2   CZ     sing Y N 287 
PHE CE2   HE2    sing N N 288 
PHE CZ    HZ     sing N N 289 
PHE OXT   HXT    sing N N 290 
PRO N     CA     sing N N 291 
PRO N     CD     sing N N 292 
PRO N     H      sing N N 293 
PRO CA    C      sing N N 294 
PRO CA    CB     sing N N 295 
PRO CA    HA     sing N N 296 
PRO C     O      doub N N 297 
PRO C     OXT    sing N N 298 
PRO CB    CG     sing N N 299 
PRO CB    HB2    sing N N 300 
PRO CB    HB3    sing N N 301 
PRO CG    CD     sing N N 302 
PRO CG    HG2    sing N N 303 
PRO CG    HG3    sing N N 304 
PRO CD    HD2    sing N N 305 
PRO CD    HD3    sing N N 306 
PRO OXT   HXT    sing N N 307 
S3P C1    C2     doub N N 308 
S3P C1    C6     sing N N 309 
S3P C1    C7     sing N N 310 
S3P C2    C3     sing N N 311 
S3P C2    H2     sing N N 312 
S3P C3    C4     sing N N 313 
S3P C3    O1     sing N N 314 
S3P C3    H3     sing N N 315 
S3P C4    C5     sing N N 316 
S3P C4    O2     sing N N 317 
S3P C4    H4     sing N N 318 
S3P C5    C6     sing N N 319 
S3P C5    O3     sing N N 320 
S3P C5    H5     sing N N 321 
S3P C6    H61    sing N N 322 
S3P C6    H62    sing N N 323 
S3P C7    O4     sing N N 324 
S3P C7    O5     doub N N 325 
S3P O1    P1     sing N N 326 
S3P O2    HO2    sing N N 327 
S3P O3    HO3    sing N N 328 
S3P O4    HO4    sing N N 329 
S3P P1    O6     doub N N 330 
S3P P1    O7     sing N N 331 
S3P P1    O8     sing N N 332 
S3P O7    HO7    sing N N 333 
S3P O8    HO8    sing N N 334 
SER N     CA     sing N N 335 
SER N     H      sing N N 336 
SER N     H2     sing N N 337 
SER CA    C      sing N N 338 
SER CA    CB     sing N N 339 
SER CA    HA     sing N N 340 
SER C     O      doub N N 341 
SER C     OXT    sing N N 342 
SER CB    OG     sing N N 343 
SER CB    HB2    sing N N 344 
SER CB    HB3    sing N N 345 
SER OG    HG     sing N N 346 
SER OXT   HXT    sing N N 347 
THR N     CA     sing N N 348 
THR N     H      sing N N 349 
THR N     H2     sing N N 350 
THR CA    C      sing N N 351 
THR CA    CB     sing N N 352 
THR CA    HA     sing N N 353 
THR C     O      doub N N 354 
THR C     OXT    sing N N 355 
THR CB    OG1    sing N N 356 
THR CB    CG2    sing N N 357 
THR CB    HB     sing N N 358 
THR OG1   HG1    sing N N 359 
THR CG2   HG21   sing N N 360 
THR CG2   HG22   sing N N 361 
THR CG2   HG23   sing N N 362 
THR OXT   HXT    sing N N 363 
TYR N     CA     sing N N 364 
TYR N     H      sing N N 365 
TYR N     H2     sing N N 366 
TYR CA    C      sing N N 367 
TYR CA    CB     sing N N 368 
TYR CA    HA     sing N N 369 
TYR C     O      doub N N 370 
TYR C     OXT    sing N N 371 
TYR CB    CG     sing N N 372 
TYR CB    HB2    sing N N 373 
TYR CB    HB3    sing N N 374 
TYR CG    CD1    doub Y N 375 
TYR CG    CD2    sing Y N 376 
TYR CD1   CE1    sing Y N 377 
TYR CD1   HD1    sing N N 378 
TYR CD2   CE2    doub Y N 379 
TYR CD2   HD2    sing N N 380 
TYR CE1   CZ     doub Y N 381 
TYR CE1   HE1    sing N N 382 
TYR CE2   CZ     sing Y N 383 
TYR CE2   HE2    sing N N 384 
TYR CZ    OH     sing N N 385 
TYR OH    HH     sing N N 386 
TYR OXT   HXT    sing N N 387 
VAL N     CA     sing N N 388 
VAL N     H      sing N N 389 
VAL N     H2     sing N N 390 
VAL CA    C      sing N N 391 
VAL CA    CB     sing N N 392 
VAL CA    HA     sing N N 393 
VAL C     O      doub N N 394 
VAL C     OXT    sing N N 395 
VAL CB    CG1    sing N N 396 
VAL CB    CG2    sing N N 397 
VAL CB    HB     sing N N 398 
VAL CG1   HG11   sing N N 399 
VAL CG1   HG12   sing N N 400 
VAL CG1   HG13   sing N N 401 
VAL CG2   HG21   sing N N 402 
VAL CG2   HG22   sing N N 403 
VAL CG2   HG23   sing N N 404 
VAL OXT   HXT    sing N N 405 
# 
loop_
_pdbx_entity_nonpoly.entity_id 
_pdbx_entity_nonpoly.name 
_pdbx_entity_nonpoly.comp_id 
2 "ADENOSINE-5'-DIPHOSPHATE" ADP 
3 SHIKIMATE-3-PHOSPHATE      S3P 
4 water                      HOH 
# 
_pdbx_initial_refinement_model.id               1 
_pdbx_initial_refinement_model.entity_id_list   ? 
_pdbx_initial_refinement_model.type             'experimental model' 
_pdbx_initial_refinement_model.source_name      PDB 
_pdbx_initial_refinement_model.accession_code   1ZUI 
_pdbx_initial_refinement_model.details          'PDB ENTRY 1ZUI' 
# 
